data_1V87
#
_entry.id   1V87
#
loop_
_entity.id
_entity.type
_entity.pdbx_description
1 polymer 'Deltex protein 2'
2 non-polymer 'ZINC ION'
#
_entity_poly.entity_id   1
_entity_poly.type   'polypeptide(L)'
_entity_poly.pdbx_seq_one_letter_code
;GSSGSSGEPEQVIRKYTEELKVAPEEDCIICMEKLAVASGYSDMTDSKALGPMVVGRLTKCSHAFHLLCLLAMYCNGNKD
GSLQCPSCKTIYGEKTGTQPWGKMEVFRSGPSSG
;
_entity_poly.pdbx_strand_id   A
#
loop_
_chem_comp.id
_chem_comp.type
_chem_comp.name
_chem_comp.formula
ZN non-polymer 'ZINC ION' 'Zn 2'
#
# COMPACT_ATOMS: atom_id res chain seq x y z
N GLY A 1 -15.45 -24.07 3.38
CA GLY A 1 -15.72 -23.17 2.28
C GLY A 1 -14.97 -21.85 2.40
N SER A 2 -13.73 -21.83 1.92
CA SER A 2 -12.91 -20.63 1.98
C SER A 2 -11.78 -20.69 0.96
N SER A 3 -11.38 -19.52 0.47
CA SER A 3 -10.31 -19.44 -0.52
C SER A 3 -9.51 -18.15 -0.35
N GLY A 4 -8.35 -18.08 -1.00
CA GLY A 4 -7.51 -16.91 -0.90
C GLY A 4 -7.23 -16.51 0.53
N SER A 5 -6.43 -17.31 1.23
CA SER A 5 -6.09 -17.03 2.62
C SER A 5 -5.88 -15.54 2.84
N SER A 6 -4.97 -14.95 2.07
CA SER A 6 -4.67 -13.54 2.18
C SER A 6 -5.70 -12.70 1.43
N GLY A 7 -5.93 -13.05 0.16
CA GLY A 7 -6.89 -12.31 -0.64
C GLY A 7 -6.25 -11.63 -1.84
N GLU A 8 -6.26 -10.31 -1.84
CA GLU A 8 -5.67 -9.54 -2.93
C GLU A 8 -4.89 -8.34 -2.39
N PRO A 9 -3.88 -7.91 -3.15
CA PRO A 9 -3.03 -6.77 -2.78
C PRO A 9 -3.78 -5.44 -2.87
N GLU A 10 -4.77 -5.39 -3.76
CA GLU A 10 -5.56 -4.18 -3.93
C GLU A 10 -6.25 -3.77 -2.63
N GLN A 11 -6.71 -4.77 -1.88
CA GLN A 11 -7.39 -4.51 -0.62
C GLN A 11 -6.39 -4.11 0.46
N VAL A 12 -5.28 -4.84 0.53
CA VAL A 12 -4.25 -4.56 1.52
C VAL A 12 -3.89 -3.08 1.53
N ILE A 13 -3.75 -2.50 0.34
CA ILE A 13 -3.40 -1.09 0.21
C ILE A 13 -4.38 -0.22 0.99
N ARG A 14 -5.65 -0.30 0.63
CA ARG A 14 -6.68 0.49 1.29
C ARG A 14 -6.71 0.20 2.79
N LYS A 15 -6.62 -1.08 3.15
CA LYS A 15 -6.63 -1.49 4.55
C LYS A 15 -5.67 -0.64 5.37
N TYR A 16 -4.56 -0.24 4.76
CA TYR A 16 -3.57 0.59 5.44
C TYR A 16 -3.71 2.04 5.05
N THR A 17 -4.23 2.29 3.85
CA THR A 17 -4.43 3.64 3.36
C THR A 17 -5.90 3.97 3.21
N GLU A 18 -6.32 5.08 3.82
CA GLU A 18 -7.72 5.50 3.76
C GLU A 18 -7.92 6.58 2.69
N GLU A 19 -8.71 6.25 1.67
CA GLU A 19 -8.98 7.19 0.59
C GLU A 19 -9.54 8.50 1.13
N LEU A 20 -9.04 9.61 0.60
CA LEU A 20 -9.49 10.93 1.02
C LEU A 20 -10.46 11.53 0.01
N LYS A 21 -11.49 12.19 0.51
CA LYS A 21 -12.49 12.82 -0.36
C LYS A 21 -11.82 13.55 -1.51
N VAL A 22 -10.66 14.14 -1.24
CA VAL A 22 -9.92 14.88 -2.26
C VAL A 22 -8.43 14.91 -1.94
N ALA A 23 -7.61 14.58 -2.94
CA ALA A 23 -6.16 14.58 -2.76
C ALA A 23 -5.70 15.81 -1.98
N PRO A 24 -4.93 15.57 -0.91
CA PRO A 24 -4.41 16.65 -0.06
C PRO A 24 -3.35 17.48 -0.76
N GLU A 25 -2.62 18.29 0.01
CA GLU A 25 -1.58 19.14 -0.53
C GLU A 25 -0.21 18.49 -0.36
N GLU A 26 -0.17 17.17 -0.43
CA GLU A 26 1.08 16.43 -0.26
C GLU A 26 1.71 16.13 -1.62
N ASP A 27 2.96 15.69 -1.60
CA ASP A 27 3.68 15.36 -2.83
C ASP A 27 4.18 13.92 -2.80
N CYS A 28 3.78 13.14 -3.79
CA CYS A 28 4.18 11.74 -3.89
C CYS A 28 5.65 11.63 -4.28
N ILE A 29 6.45 11.05 -3.39
CA ILE A 29 7.88 10.88 -3.64
C ILE A 29 8.14 9.69 -4.54
N ILE A 30 7.23 8.71 -4.49
CA ILE A 30 7.36 7.50 -5.30
C ILE A 30 7.47 7.84 -6.78
N CYS A 31 6.65 8.79 -7.23
CA CYS A 31 6.66 9.21 -8.63
C CYS A 31 7.10 10.66 -8.76
N MET A 32 7.37 11.30 -7.62
CA MET A 32 7.82 12.68 -7.61
C MET A 32 6.85 13.58 -8.38
N GLU A 33 5.56 13.32 -8.20
CA GLU A 33 4.52 14.10 -8.88
C GLU A 33 3.47 14.59 -7.90
N LYS A 34 2.83 15.71 -8.24
CA LYS A 34 1.79 16.28 -7.38
C LYS A 34 0.54 15.41 -7.38
N LEU A 35 0.11 15.02 -6.18
CA LEU A 35 -1.08 14.19 -6.03
C LEU A 35 -2.20 14.66 -6.94
N ALA A 36 -2.30 15.98 -7.10
CA ALA A 36 -3.33 16.57 -7.95
C ALA A 36 -3.35 15.91 -9.32
N VAL A 37 -2.17 15.63 -9.86
CA VAL A 37 -2.05 15.00 -11.16
C VAL A 37 -2.12 13.48 -11.05
N ALA A 38 -2.28 12.81 -12.19
CA ALA A 38 -2.35 11.36 -12.22
C ALA A 38 -1.06 10.74 -11.68
N SER A 39 -1.09 9.42 -11.47
CA SER A 39 0.08 8.71 -10.96
C SER A 39 1.09 8.44 -12.08
N GLY A 40 2.37 8.40 -11.71
CA GLY A 40 3.41 8.15 -12.68
C GLY A 40 3.40 6.72 -13.19
N TYR A 41 3.11 5.78 -12.30
CA TYR A 41 3.08 4.37 -12.66
C TYR A 41 1.84 4.06 -13.50
N SER A 42 0.88 4.98 -13.50
CA SER A 42 -0.35 4.80 -14.26
C SER A 42 -0.08 4.08 -15.58
N ASP A 43 1.06 4.38 -16.18
CA ASP A 43 1.43 3.77 -17.45
C ASP A 43 1.84 2.32 -17.25
N MET A 44 2.77 2.08 -16.33
CA MET A 44 3.23 0.73 -16.04
C MET A 44 2.10 -0.14 -15.50
N THR A 45 1.44 0.34 -14.45
CA THR A 45 0.34 -0.39 -13.84
C THR A 45 -0.95 -0.21 -14.64
N ASP A 46 -1.74 -1.27 -14.72
CA ASP A 46 -3.01 -1.22 -15.46
C ASP A 46 -4.13 -1.88 -14.65
N SER A 47 -4.14 -1.63 -13.34
CA SER A 47 -5.15 -2.21 -12.47
C SER A 47 -6.51 -1.59 -12.73
N LYS A 48 -7.56 -2.37 -12.51
CA LYS A 48 -8.93 -1.89 -12.72
C LYS A 48 -9.52 -1.36 -11.42
N ALA A 49 -9.39 -2.14 -10.35
CA ALA A 49 -9.92 -1.74 -9.05
C ALA A 49 -9.33 -0.39 -8.61
N LEU A 50 -8.02 -0.28 -8.64
CA LEU A 50 -7.34 0.95 -8.24
C LEU A 50 -7.27 1.93 -9.42
N GLY A 51 -6.85 3.15 -9.12
CA GLY A 51 -6.74 4.16 -10.16
C GLY A 51 -5.59 5.12 -9.92
N PRO A 52 -5.12 5.76 -11.00
CA PRO A 52 -4.01 6.71 -10.92
C PRO A 52 -4.40 8.00 -10.21
N MET A 53 -5.63 8.45 -10.42
CA MET A 53 -6.13 9.67 -9.80
C MET A 53 -6.43 9.43 -8.32
N VAL A 54 -6.95 8.25 -8.00
CA VAL A 54 -7.28 7.91 -6.62
C VAL A 54 -6.12 8.23 -5.68
N VAL A 55 -6.45 8.84 -4.54
CA VAL A 55 -5.44 9.20 -3.56
C VAL A 55 -5.96 8.98 -2.14
N GLY A 56 -5.09 8.50 -1.26
CA GLY A 56 -5.47 8.26 0.11
C GLY A 56 -4.33 8.48 1.08
N ARG A 57 -4.66 8.60 2.36
CA ARG A 57 -3.65 8.83 3.40
C ARG A 57 -3.57 7.62 4.33
N LEU A 58 -2.34 7.23 4.67
CA LEU A 58 -2.12 6.10 5.57
C LEU A 58 -2.80 6.33 6.91
N THR A 59 -2.74 5.32 7.78
CA THR A 59 -3.36 5.41 9.10
C THR A 59 -2.29 5.44 10.20
N LYS A 60 -1.04 5.24 9.81
CA LYS A 60 0.07 5.26 10.76
C LYS A 60 0.72 6.63 10.81
N CYS A 61 1.47 6.97 9.77
CA CYS A 61 2.15 8.26 9.71
C CYS A 61 1.25 9.31 9.04
N SER A 62 0.12 8.86 8.51
CA SER A 62 -0.82 9.77 7.86
C SER A 62 -0.16 10.46 6.68
N HIS A 63 0.56 9.69 5.86
CA HIS A 63 1.23 10.25 4.69
C HIS A 63 0.48 9.92 3.41
N ALA A 64 0.10 10.95 2.67
CA ALA A 64 -0.64 10.77 1.42
C ALA A 64 0.23 10.11 0.37
N PHE A 65 -0.35 9.16 -0.35
CA PHE A 65 0.38 8.44 -1.40
C PHE A 65 -0.59 7.83 -2.41
N HIS A 66 -0.29 8.00 -3.70
CA HIS A 66 -1.13 7.47 -4.76
C HIS A 66 -1.43 5.99 -4.52
N LEU A 67 -2.62 5.70 -4.02
CA LEU A 67 -3.02 4.32 -3.74
C LEU A 67 -2.47 3.38 -4.80
N LEU A 68 -2.37 3.87 -6.03
CA LEU A 68 -1.86 3.07 -7.14
C LEU A 68 -0.35 2.87 -7.01
N CYS A 69 0.38 3.96 -6.82
CA CYS A 69 1.83 3.91 -6.68
C CYS A 69 2.24 2.88 -5.62
N LEU A 70 1.49 2.85 -4.51
CA LEU A 70 1.78 1.91 -3.43
C LEU A 70 1.65 0.48 -3.91
N LEU A 71 0.61 0.20 -4.69
CA LEU A 71 0.38 -1.13 -5.22
C LEU A 71 1.49 -1.56 -6.15
N ALA A 72 1.98 -0.61 -6.96
CA ALA A 72 3.05 -0.89 -7.90
C ALA A 72 4.32 -1.31 -7.17
N MET A 73 4.65 -0.60 -6.10
CA MET A 73 5.85 -0.89 -5.32
C MET A 73 5.69 -2.22 -4.58
N TYR A 74 4.50 -2.46 -4.05
CA TYR A 74 4.22 -3.69 -3.32
C TYR A 74 4.27 -4.90 -4.25
N CYS A 75 3.64 -4.78 -5.41
CA CYS A 75 3.61 -5.86 -6.38
C CYS A 75 4.99 -6.08 -6.99
N ASN A 76 5.71 -4.99 -7.24
CA ASN A 76 7.04 -5.06 -7.82
C ASN A 76 7.81 -6.26 -7.26
N GLY A 77 7.68 -6.48 -5.96
CA GLY A 77 8.37 -7.59 -5.32
C GLY A 77 7.90 -7.82 -3.90
N ASN A 78 7.77 -6.74 -3.13
CA ASN A 78 7.33 -6.83 -1.75
C ASN A 78 5.86 -7.24 -1.67
N LYS A 79 5.61 -8.53 -1.82
CA LYS A 79 4.24 -9.05 -1.76
C LYS A 79 4.10 -10.09 -0.65
N ASP A 80 4.16 -9.64 0.59
CA ASP A 80 4.03 -10.54 1.73
C ASP A 80 2.90 -10.09 2.65
N GLY A 81 1.77 -9.72 2.06
CA GLY A 81 0.63 -9.27 2.84
C GLY A 81 0.99 -8.14 3.79
N SER A 82 1.74 -7.18 3.30
CA SER A 82 2.16 -6.04 4.10
C SER A 82 2.41 -4.81 3.24
N LEU A 83 2.75 -3.70 3.88
CA LEU A 83 3.00 -2.45 3.16
C LEU A 83 3.86 -1.51 4.00
N GLN A 84 4.91 -0.96 3.39
CA GLN A 84 5.81 -0.05 4.08
C GLN A 84 5.86 1.30 3.36
N CYS A 85 5.86 2.37 4.14
CA CYS A 85 5.91 3.73 3.59
C CYS A 85 7.33 4.08 3.15
N PRO A 86 7.48 4.38 1.85
CA PRO A 86 8.77 4.74 1.27
C PRO A 86 9.26 6.11 1.74
N SER A 87 8.55 6.68 2.70
CA SER A 87 8.91 7.99 3.25
C SER A 87 9.50 7.86 4.63
N CYS A 88 8.65 7.49 5.60
CA CYS A 88 9.09 7.34 6.98
C CYS A 88 9.56 5.90 7.25
N LYS A 89 9.36 5.04 6.26
CA LYS A 89 9.75 3.64 6.38
C LYS A 89 8.98 2.95 7.50
N THR A 90 7.67 3.15 7.52
CA THR A 90 6.82 2.55 8.54
C THR A 90 6.10 1.32 8.00
N ILE A 91 6.33 0.18 8.63
CA ILE A 91 5.70 -1.08 8.22
C ILE A 91 4.31 -1.21 8.82
N TYR A 92 3.40 -1.80 8.05
CA TYR A 92 2.02 -1.99 8.52
C TYR A 92 1.71 -3.49 8.67
N GLY A 93 2.41 -4.31 7.90
CA GLY A 93 2.19 -5.74 7.97
C GLY A 93 3.19 -6.45 8.87
N GLU A 94 4.39 -6.70 8.33
CA GLU A 94 5.44 -7.38 9.09
C GLU A 94 5.36 -7.00 10.56
N LYS A 95 5.81 -5.80 10.89
CA LYS A 95 5.79 -5.32 12.27
C LYS A 95 5.52 -3.82 12.32
N THR A 96 4.40 -3.45 12.93
CA THR A 96 4.03 -2.04 13.05
C THR A 96 4.87 -1.34 14.11
N GLY A 97 5.96 -0.72 13.68
CA GLY A 97 6.83 -0.01 14.60
C GLY A 97 8.29 -0.18 14.25
N THR A 98 9.05 -0.83 15.14
CA THR A 98 10.47 -1.05 14.92
C THR A 98 10.75 -1.43 13.48
N GLN A 99 12.01 -1.32 13.08
CA GLN A 99 12.42 -1.65 11.72
C GLN A 99 12.30 -3.16 11.46
N PRO A 100 12.24 -3.54 10.18
CA PRO A 100 12.13 -4.94 9.78
C PRO A 100 13.41 -5.73 10.06
N TRP A 101 13.30 -6.75 10.89
CA TRP A 101 14.44 -7.58 11.25
C TRP A 101 15.60 -6.73 11.76
N GLY A 102 15.27 -5.73 12.58
CA GLY A 102 16.30 -4.86 13.12
C GLY A 102 16.82 -3.87 12.10
N LYS A 103 17.93 -4.22 11.46
CA LYS A 103 18.53 -3.35 10.45
C LYS A 103 18.54 -4.03 9.09
N MET A 104 17.56 -3.70 8.26
CA MET A 104 17.46 -4.29 6.93
C MET A 104 18.84 -4.37 6.27
N GLU A 105 19.03 -5.40 5.45
CA GLU A 105 20.31 -5.59 4.77
C GLU A 105 20.14 -5.41 3.26
N VAL A 106 20.49 -4.22 2.77
CA VAL A 106 20.39 -3.91 1.35
C VAL A 106 21.71 -4.16 0.64
N PHE A 107 21.73 -5.14 -0.25
CA PHE A 107 22.93 -5.48 -1.00
C PHE A 107 22.82 -4.98 -2.44
N ARG A 108 21.69 -5.25 -3.07
CA ARG A 108 21.46 -4.84 -4.46
C ARG A 108 20.32 -3.83 -4.54
N SER A 109 19.31 -4.01 -3.69
CA SER A 109 18.16 -3.12 -3.68
C SER A 109 18.24 -2.16 -2.50
N GLY A 110 18.62 -0.91 -2.77
CA GLY A 110 18.72 0.08 -1.73
C GLY A 110 18.05 1.40 -2.10
N PRO A 111 16.83 1.60 -1.59
CA PRO A 111 16.06 2.82 -1.86
C PRO A 111 16.66 4.05 -1.19
N SER A 112 16.83 5.12 -1.95
CA SER A 112 17.39 6.36 -1.44
C SER A 112 16.38 7.49 -1.50
N SER A 113 15.51 7.56 -0.50
CA SER A 113 14.49 8.60 -0.45
C SER A 113 14.45 9.27 0.92
N GLY A 114 14.58 10.59 0.94
CA GLY A 114 14.56 11.32 2.19
C GLY A 114 13.25 12.04 2.42
ZN ZN B . 2.63 8.70 -7.08
ZN ZN C . 5.13 7.72 5.87
N GLY A 1 -13.29 -16.81 6.76
CA GLY A 1 -13.65 -17.90 7.64
C GLY A 1 -12.86 -17.88 8.94
N SER A 2 -12.02 -18.90 9.12
CA SER A 2 -11.20 -19.00 10.33
C SER A 2 -9.96 -18.12 10.22
N SER A 3 -9.14 -18.39 9.21
CA SER A 3 -7.91 -17.63 8.99
C SER A 3 -7.80 -17.18 7.54
N GLY A 4 -7.32 -15.96 7.36
CA GLY A 4 -7.17 -15.41 6.01
C GLY A 4 -5.75 -15.55 5.49
N SER A 5 -5.50 -16.63 4.74
CA SER A 5 -4.18 -16.87 4.19
C SER A 5 -3.93 -15.99 2.97
N SER A 6 -4.88 -15.98 2.04
CA SER A 6 -4.77 -15.18 0.83
C SER A 6 -5.26 -13.76 1.07
N GLY A 7 -4.48 -12.78 0.59
CA GLY A 7 -4.85 -11.39 0.76
C GLY A 7 -4.32 -10.51 -0.35
N GLU A 8 -5.11 -10.38 -1.42
CA GLU A 8 -4.71 -9.56 -2.56
C GLU A 8 -4.08 -8.25 -2.10
N PRO A 9 -3.16 -7.72 -2.91
CA PRO A 9 -2.48 -6.45 -2.61
C PRO A 9 -3.40 -5.25 -2.71
N GLU A 10 -4.33 -5.30 -3.66
CA GLU A 10 -5.28 -4.21 -3.86
C GLU A 10 -5.91 -3.78 -2.53
N GLN A 11 -6.45 -4.75 -1.80
CA GLN A 11 -7.09 -4.49 -0.52
C GLN A 11 -6.05 -4.06 0.51
N VAL A 12 -4.92 -4.77 0.55
CA VAL A 12 -3.86 -4.46 1.49
C VAL A 12 -3.53 -2.97 1.49
N ILE A 13 -3.60 -2.36 0.32
CA ILE A 13 -3.31 -0.94 0.18
C ILE A 13 -4.36 -0.09 0.88
N ARG A 14 -5.61 -0.21 0.44
CA ARG A 14 -6.71 0.54 1.02
C ARG A 14 -6.84 0.24 2.52
N LYS A 15 -6.44 -0.97 2.91
CA LYS A 15 -6.50 -1.37 4.31
C LYS A 15 -5.61 -0.48 5.18
N TYR A 16 -4.50 -0.03 4.61
CA TYR A 16 -3.57 0.83 5.34
C TYR A 16 -3.76 2.29 4.94
N THR A 17 -4.30 2.51 3.74
CA THR A 17 -4.54 3.86 3.25
C THR A 17 -6.02 4.11 2.99
N GLU A 18 -6.51 5.24 3.45
CA GLU A 18 -7.92 5.61 3.27
C GLU A 18 -8.08 6.65 2.17
N GLU A 19 -8.90 6.34 1.18
CA GLU A 19 -9.14 7.26 0.06
C GLU A 19 -9.80 8.54 0.56
N LEU A 20 -9.32 9.67 0.06
CA LEU A 20 -9.87 10.97 0.45
C LEU A 20 -10.74 11.56 -0.67
N LYS A 21 -11.89 12.09 -0.30
CA LYS A 21 -12.81 12.69 -1.27
C LYS A 21 -12.03 13.49 -2.32
N VAL A 22 -10.99 14.18 -1.89
CA VAL A 22 -10.17 14.97 -2.79
C VAL A 22 -8.70 14.91 -2.40
N ALA A 23 -7.84 14.64 -3.39
CA ALA A 23 -6.41 14.56 -3.15
C ALA A 23 -5.92 15.74 -2.32
N PRO A 24 -5.13 15.44 -1.27
CA PRO A 24 -4.57 16.45 -0.38
C PRO A 24 -3.52 17.32 -1.07
N GLU A 25 -2.97 18.28 -0.32
CA GLU A 25 -1.96 19.17 -0.85
C GLU A 25 -0.56 18.63 -0.58
N GLU A 26 -0.43 17.31 -0.57
CA GLU A 26 0.85 16.67 -0.31
C GLU A 26 1.58 16.38 -1.63
N ASP A 27 2.80 15.87 -1.51
CA ASP A 27 3.61 15.54 -2.69
C ASP A 27 4.12 14.12 -2.62
N CYS A 28 3.84 13.33 -3.65
CA CYS A 28 4.28 11.94 -3.70
C CYS A 28 5.77 11.85 -4.02
N ILE A 29 6.54 11.33 -3.08
CA ILE A 29 7.98 11.18 -3.26
C ILE A 29 8.31 9.96 -4.10
N ILE A 30 7.41 8.98 -4.09
CA ILE A 30 7.60 7.75 -4.85
C ILE A 30 7.78 8.05 -6.33
N CYS A 31 6.88 8.87 -6.88
CA CYS A 31 6.93 9.23 -8.29
C CYS A 31 7.41 10.68 -8.46
N MET A 32 7.47 11.40 -7.35
CA MET A 32 7.91 12.80 -7.38
C MET A 32 6.95 13.64 -8.21
N GLU A 33 5.65 13.46 -7.99
CA GLU A 33 4.64 14.20 -8.72
C GLU A 33 3.54 14.69 -7.79
N LYS A 34 2.84 15.74 -8.20
CA LYS A 34 1.76 16.31 -7.39
C LYS A 34 0.53 15.41 -7.42
N LEU A 35 0.05 15.04 -6.25
CA LEU A 35 -1.12 14.17 -6.14
C LEU A 35 -2.23 14.65 -7.07
N ALA A 36 -2.29 15.95 -7.30
CA ALA A 36 -3.29 16.53 -8.18
C ALA A 36 -3.31 15.84 -9.53
N VAL A 37 -2.12 15.56 -10.06
CA VAL A 37 -1.99 14.89 -11.35
C VAL A 37 -1.99 13.38 -11.20
N ALA A 38 -2.08 12.67 -12.32
CA ALA A 38 -2.09 11.21 -12.30
C ALA A 38 -0.85 10.67 -11.61
N SER A 39 -0.80 9.34 -11.47
CA SER A 39 0.34 8.69 -10.82
C SER A 39 1.45 8.40 -11.83
N GLY A 40 2.69 8.37 -11.34
CA GLY A 40 3.82 8.12 -12.21
C GLY A 40 3.79 6.72 -12.80
N TYR A 41 3.08 5.82 -12.13
CA TYR A 41 2.98 4.44 -12.59
C TYR A 41 1.62 4.17 -13.22
N SER A 42 0.79 5.21 -13.30
CA SER A 42 -0.54 5.09 -13.88
C SER A 42 -0.53 4.17 -15.10
N ASP A 43 0.62 4.10 -15.76
CA ASP A 43 0.77 3.25 -16.93
C ASP A 43 1.35 1.88 -16.56
N MET A 44 2.43 1.91 -15.79
CA MET A 44 3.09 0.67 -15.36
C MET A 44 2.05 -0.33 -14.84
N THR A 45 1.07 0.17 -14.11
CA THR A 45 0.02 -0.68 -13.55
C THR A 45 -1.33 -0.40 -14.20
N ASP A 46 -2.19 -1.41 -14.22
CA ASP A 46 -3.52 -1.26 -14.82
C ASP A 46 -4.60 -1.68 -13.83
N SER A 47 -4.37 -1.38 -12.55
CA SER A 47 -5.32 -1.73 -11.51
C SER A 47 -6.75 -1.48 -11.97
N LYS A 48 -7.67 -2.34 -11.56
CA LYS A 48 -9.07 -2.22 -11.93
C LYS A 48 -9.84 -1.44 -10.87
N ALA A 49 -9.61 -1.78 -9.61
CA ALA A 49 -10.29 -1.11 -8.50
C ALA A 49 -9.60 0.21 -8.15
N LEU A 50 -8.28 0.15 -7.98
CA LEU A 50 -7.50 1.33 -7.65
C LEU A 50 -7.44 2.30 -8.82
N GLY A 51 -6.78 3.43 -8.62
CA GLY A 51 -6.66 4.42 -9.67
C GLY A 51 -5.42 5.29 -9.52
N PRO A 52 -4.87 5.75 -10.66
CA PRO A 52 -3.67 6.59 -10.68
C PRO A 52 -3.93 7.98 -10.12
N MET A 53 -5.13 8.50 -10.39
CA MET A 53 -5.50 9.83 -9.91
C MET A 53 -5.89 9.79 -8.43
N VAL A 54 -6.66 8.77 -8.06
CA VAL A 54 -7.09 8.62 -6.67
C VAL A 54 -5.91 8.63 -5.71
N VAL A 55 -6.11 9.23 -4.54
CA VAL A 55 -5.06 9.30 -3.54
C VAL A 55 -5.61 9.00 -2.15
N GLY A 56 -4.79 8.36 -1.32
CA GLY A 56 -5.21 8.02 0.03
C GLY A 56 -4.13 8.30 1.05
N ARG A 57 -4.53 8.46 2.31
CA ARG A 57 -3.59 8.73 3.39
C ARG A 57 -3.51 7.56 4.35
N LEU A 58 -2.29 7.11 4.62
CA LEU A 58 -2.07 5.98 5.53
C LEU A 58 -2.72 6.24 6.88
N THR A 59 -2.99 5.17 7.62
CA THR A 59 -3.62 5.27 8.93
C THR A 59 -2.57 5.16 10.04
N LYS A 60 -1.31 5.05 9.65
CA LYS A 60 -0.22 4.94 10.62
C LYS A 60 0.49 6.28 10.81
N CYS A 61 1.23 6.69 9.78
CA CYS A 61 1.96 7.96 9.84
C CYS A 61 1.12 9.09 9.24
N SER A 62 -0.01 8.73 8.65
CA SER A 62 -0.89 9.71 8.02
C SER A 62 -0.19 10.44 6.89
N HIS A 63 0.46 9.68 6.02
CA HIS A 63 1.16 10.25 4.88
C HIS A 63 0.42 9.99 3.58
N ALA A 64 0.07 11.06 2.88
CA ALA A 64 -0.65 10.94 1.61
C ALA A 64 0.23 10.32 0.54
N PHE A 65 -0.34 9.38 -0.21
CA PHE A 65 0.39 8.69 -1.27
C PHE A 65 -0.57 8.14 -2.32
N HIS A 66 -0.13 8.17 -3.58
CA HIS A 66 -0.95 7.67 -4.68
C HIS A 66 -1.35 6.21 -4.44
N LEU A 67 -2.59 6.01 -4.02
CA LEU A 67 -3.10 4.67 -3.75
C LEU A 67 -2.56 3.67 -4.77
N LEU A 68 -2.24 4.16 -5.97
CA LEU A 68 -1.71 3.31 -7.02
C LEU A 68 -0.22 3.06 -6.82
N CYS A 69 0.55 4.14 -6.73
CA CYS A 69 1.99 4.03 -6.53
C CYS A 69 2.32 2.97 -5.48
N LEU A 70 1.62 3.04 -4.35
CA LEU A 70 1.84 2.09 -3.27
C LEU A 70 1.67 0.65 -3.76
N LEU A 71 0.74 0.44 -4.69
CA LEU A 71 0.48 -0.87 -5.24
C LEU A 71 1.56 -1.26 -6.25
N ALA A 72 1.93 -0.30 -7.10
CA ALA A 72 2.96 -0.54 -8.11
C ALA A 72 4.27 -0.99 -7.47
N MET A 73 4.69 -0.28 -6.43
CA MET A 73 5.93 -0.61 -5.74
C MET A 73 5.77 -1.90 -4.94
N TYR A 74 4.66 -2.02 -4.22
CA TYR A 74 4.40 -3.20 -3.41
C TYR A 74 4.56 -4.47 -4.24
N CYS A 75 4.25 -4.38 -5.52
CA CYS A 75 4.37 -5.53 -6.42
C CYS A 75 5.83 -5.91 -6.62
N ASN A 76 6.64 -4.95 -7.06
CA ASN A 76 8.06 -5.19 -7.30
C ASN A 76 8.71 -5.84 -6.09
N GLY A 77 8.17 -5.56 -4.91
CA GLY A 77 8.70 -6.13 -3.69
C GLY A 77 8.07 -7.46 -3.33
N ASN A 78 8.16 -7.84 -2.06
CA ASN A 78 7.60 -9.10 -1.60
C ASN A 78 6.09 -8.96 -1.37
N LYS A 79 5.30 -9.46 -2.33
CA LYS A 79 3.86 -9.40 -2.23
C LYS A 79 3.33 -10.44 -1.26
N ASP A 80 3.84 -10.41 -0.03
CA ASP A 80 3.42 -11.36 1.00
C ASP A 80 2.13 -10.90 1.66
N GLY A 81 2.08 -9.63 2.03
CA GLY A 81 0.90 -9.09 2.68
C GLY A 81 1.23 -7.93 3.61
N SER A 82 2.04 -7.00 3.12
CA SER A 82 2.43 -5.84 3.92
C SER A 82 2.82 -4.67 3.02
N LEU A 83 2.64 -3.45 3.53
CA LEU A 83 2.97 -2.26 2.76
C LEU A 83 3.78 -1.28 3.62
N GLN A 84 5.02 -1.01 3.19
CA GLN A 84 5.89 -0.09 3.92
C GLN A 84 5.88 1.28 3.29
N CYS A 85 6.10 2.31 4.10
CA CYS A 85 6.12 3.69 3.62
C CYS A 85 7.53 4.10 3.19
N PRO A 86 7.66 4.46 1.90
CA PRO A 86 8.95 4.87 1.33
C PRO A 86 9.40 6.23 1.87
N SER A 87 8.62 6.80 2.79
CA SER A 87 8.95 8.09 3.37
C SER A 87 9.50 7.92 4.78
N CYS A 88 8.71 7.32 5.66
CA CYS A 88 9.12 7.10 7.04
C CYS A 88 9.54 5.64 7.25
N LYS A 89 9.74 4.92 6.16
CA LYS A 89 10.13 3.52 6.22
C LYS A 89 9.36 2.78 7.32
N THR A 90 8.05 2.97 7.33
CA THR A 90 7.19 2.32 8.33
C THR A 90 6.53 1.08 7.75
N ILE A 91 6.86 -0.08 8.32
CA ILE A 91 6.29 -1.34 7.87
C ILE A 91 4.91 -1.57 8.48
N TYR A 92 3.96 -1.97 7.64
CA TYR A 92 2.59 -2.22 8.09
C TYR A 92 2.31 -3.71 8.15
N GLY A 93 1.46 -4.12 9.09
CA GLY A 93 1.13 -5.52 9.23
C GLY A 93 2.33 -6.43 9.11
N GLU A 94 3.44 -6.02 9.71
CA GLU A 94 4.67 -6.81 9.66
C GLU A 94 5.75 -6.17 10.54
N LYS A 95 6.42 -6.99 11.34
CA LYS A 95 7.47 -6.52 12.21
C LYS A 95 6.92 -5.58 13.28
N THR A 96 5.79 -5.96 13.87
CA THR A 96 5.16 -5.15 14.90
C THR A 96 5.12 -5.89 16.24
N GLY A 97 6.14 -5.63 17.07
CA GLY A 97 6.20 -6.27 18.36
C GLY A 97 6.09 -7.78 18.27
N THR A 98 6.76 -8.37 17.29
CA THR A 98 6.72 -9.80 17.09
C THR A 98 7.67 -10.23 15.98
N GLN A 99 8.32 -11.38 16.18
CA GLN A 99 9.26 -11.89 15.19
C GLN A 99 8.52 -12.55 14.02
N PRO A 100 8.79 -12.05 12.80
CA PRO A 100 8.15 -12.56 11.59
C PRO A 100 8.64 -13.97 11.22
N TRP A 101 8.06 -14.54 10.17
CA TRP A 101 8.43 -15.88 9.74
C TRP A 101 9.41 -15.81 8.57
N GLY A 102 10.56 -16.47 8.73
CA GLY A 102 11.56 -16.47 7.69
C GLY A 102 12.27 -17.81 7.56
N LYS A 103 13.46 -17.79 6.98
CA LYS A 103 14.24 -19.01 6.81
C LYS A 103 15.14 -19.26 8.01
N MET A 104 14.61 -19.04 9.21
CA MET A 104 15.36 -19.24 10.43
C MET A 104 15.48 -20.72 10.75
N GLU A 105 16.68 -21.27 10.57
CA GLU A 105 16.92 -22.68 10.84
C GLU A 105 17.93 -22.85 11.98
N VAL A 106 17.55 -23.64 12.98
CA VAL A 106 18.41 -23.88 14.13
C VAL A 106 19.79 -24.36 13.69
N PHE A 107 20.82 -23.95 14.44
CA PHE A 107 22.18 -24.33 14.12
C PHE A 107 22.31 -25.84 13.94
N ARG A 108 21.70 -26.59 14.85
CA ARG A 108 21.74 -28.04 14.80
C ARG A 108 20.80 -28.57 13.71
N SER A 109 21.31 -28.63 12.48
CA SER A 109 20.52 -29.12 11.36
C SER A 109 20.68 -30.62 11.18
N GLY A 110 19.60 -31.36 11.39
CA GLY A 110 19.64 -32.80 11.25
C GLY A 110 19.76 -33.25 9.80
N PRO A 111 19.02 -34.30 9.44
CA PRO A 111 19.01 -34.84 8.08
C PRO A 111 18.35 -33.90 7.08
N SER A 112 18.86 -33.90 5.85
CA SER A 112 18.32 -33.04 4.80
C SER A 112 16.81 -33.18 4.73
N SER A 113 16.13 -32.04 4.54
CA SER A 113 14.66 -32.03 4.46
C SER A 113 14.16 -30.64 4.05
N GLY A 114 13.49 -30.58 2.91
CA GLY A 114 12.96 -29.31 2.43
C GLY A 114 13.45 -28.96 1.04
ZN ZN B . 2.89 8.81 -6.90
ZN ZN C . 5.06 7.53 6.06
N GLY A 1 -5.32 -15.28 -14.48
CA GLY A 1 -4.07 -15.97 -14.29
C GLY A 1 -4.12 -16.97 -13.15
N SER A 2 -4.06 -16.48 -11.92
CA SER A 2 -4.10 -17.34 -10.75
C SER A 2 -5.53 -17.72 -10.40
N SER A 3 -6.36 -16.72 -10.11
CA SER A 3 -7.76 -16.95 -9.78
C SER A 3 -7.88 -18.01 -8.67
N GLY A 4 -7.00 -17.93 -7.69
CA GLY A 4 -7.02 -18.88 -6.60
C GLY A 4 -6.28 -18.38 -5.37
N SER A 5 -6.64 -17.19 -4.92
CA SER A 5 -6.01 -16.60 -3.75
C SER A 5 -7.05 -16.09 -2.76
N SER A 6 -6.72 -16.12 -1.47
CA SER A 6 -7.63 -15.67 -0.42
C SER A 6 -7.69 -14.15 -0.38
N GLY A 7 -6.52 -13.52 -0.41
CA GLY A 7 -6.46 -12.06 -0.38
C GLY A 7 -5.74 -11.48 -1.58
N GLU A 8 -5.86 -10.16 -1.76
CA GLU A 8 -5.23 -9.49 -2.87
C GLU A 8 -4.36 -8.34 -2.40
N PRO A 9 -3.35 -7.97 -3.21
CA PRO A 9 -2.42 -6.87 -2.88
C PRO A 9 -3.10 -5.51 -2.93
N GLU A 10 -4.22 -5.44 -3.65
CA GLU A 10 -4.96 -4.18 -3.76
C GLU A 10 -5.68 -3.85 -2.46
N GLN A 11 -6.09 -4.88 -1.73
CA GLN A 11 -6.79 -4.69 -0.47
C GLN A 11 -5.83 -4.24 0.62
N VAL A 12 -4.77 -5.02 0.83
CA VAL A 12 -3.78 -4.69 1.85
C VAL A 12 -3.39 -3.21 1.79
N ILE A 13 -3.41 -2.65 0.59
CA ILE A 13 -3.06 -1.25 0.40
C ILE A 13 -4.13 -0.33 1.00
N ARG A 14 -5.36 -0.47 0.51
CA ARG A 14 -6.46 0.35 1.00
C ARG A 14 -6.66 0.16 2.51
N LYS A 15 -6.49 -1.08 2.96
CA LYS A 15 -6.64 -1.39 4.38
C LYS A 15 -5.77 -0.49 5.23
N TYR A 16 -4.67 0.00 4.65
CA TYR A 16 -3.76 0.87 5.36
C TYR A 16 -3.93 2.32 4.92
N THR A 17 -4.40 2.51 3.69
CA THR A 17 -4.62 3.85 3.15
C THR A 17 -6.10 4.18 3.09
N GLU A 18 -6.47 5.34 3.63
CA GLU A 18 -7.86 5.77 3.63
C GLU A 18 -8.10 6.84 2.56
N GLU A 19 -8.47 6.40 1.36
CA GLU A 19 -8.72 7.32 0.25
C GLU A 19 -9.43 8.57 0.75
N LEU A 20 -9.02 9.73 0.22
CA LEU A 20 -9.60 11.00 0.60
C LEU A 20 -10.52 11.53 -0.50
N LYS A 21 -11.67 12.05 -0.10
CA LYS A 21 -12.64 12.59 -1.04
C LYS A 21 -11.94 13.35 -2.16
N VAL A 22 -10.88 14.08 -1.80
CA VAL A 22 -10.13 14.86 -2.78
C VAL A 22 -8.64 14.89 -2.42
N ALA A 23 -7.80 14.67 -3.42
CA ALA A 23 -6.35 14.68 -3.21
C ALA A 23 -5.92 15.88 -2.38
N PRO A 24 -5.13 15.62 -1.33
CA PRO A 24 -4.62 16.68 -0.45
C PRO A 24 -3.61 17.58 -1.12
N GLU A 25 -2.88 18.36 -0.33
CA GLU A 25 -1.87 19.27 -0.85
C GLU A 25 -0.47 18.73 -0.61
N GLU A 26 -0.33 17.41 -0.65
CA GLU A 26 0.96 16.77 -0.44
C GLU A 26 1.61 16.38 -1.76
N ASP A 27 2.87 16.00 -1.70
CA ASP A 27 3.61 15.61 -2.90
C ASP A 27 4.12 14.17 -2.78
N CYS A 28 3.83 13.37 -3.80
CA CYS A 28 4.25 11.97 -3.81
C CYS A 28 5.71 11.84 -4.19
N ILE A 29 6.51 11.27 -3.29
CA ILE A 29 7.93 11.09 -3.54
C ILE A 29 8.20 9.90 -4.46
N ILE A 30 7.31 8.91 -4.39
CA ILE A 30 7.45 7.71 -5.22
C ILE A 30 7.52 8.08 -6.69
N CYS A 31 6.66 9.00 -7.11
CA CYS A 31 6.62 9.45 -8.50
C CYS A 31 7.02 10.92 -8.61
N MET A 32 7.44 11.50 -7.50
CA MET A 32 7.86 12.89 -7.48
C MET A 32 6.88 13.76 -8.26
N GLU A 33 5.59 13.52 -8.06
CA GLU A 33 4.55 14.29 -8.75
C GLU A 33 3.45 14.72 -7.78
N LYS A 34 2.70 15.74 -8.18
CA LYS A 34 1.62 16.25 -7.34
C LYS A 34 0.48 15.25 -7.26
N LEU A 35 -0.05 15.06 -6.05
CA LEU A 35 -1.15 14.14 -5.84
C LEU A 35 -2.36 14.51 -6.69
N ALA A 36 -2.42 15.78 -7.08
CA ALA A 36 -3.53 16.26 -7.91
C ALA A 36 -3.52 15.60 -9.28
N VAL A 37 -2.34 15.44 -9.85
CA VAL A 37 -2.20 14.81 -11.16
C VAL A 37 -2.21 13.29 -11.05
N ALA A 38 -2.29 12.62 -12.20
CA ALA A 38 -2.31 11.17 -12.23
C ALA A 38 -1.06 10.58 -11.56
N SER A 39 -1.06 9.27 -11.36
CA SER A 39 0.06 8.59 -10.73
C SER A 39 1.14 8.26 -11.76
N GLY A 40 2.40 8.27 -11.32
CA GLY A 40 3.50 7.98 -12.22
C GLY A 40 3.44 6.56 -12.76
N TYR A 41 3.02 5.62 -11.92
CA TYR A 41 2.91 4.23 -12.31
C TYR A 41 1.57 3.95 -12.98
N SER A 42 0.78 4.99 -13.17
CA SER A 42 -0.53 4.86 -13.80
C SER A 42 -0.50 3.82 -14.91
N ASP A 43 0.27 4.11 -15.95
CA ASP A 43 0.39 3.20 -17.09
C ASP A 43 0.94 1.85 -16.65
N MET A 44 2.02 1.89 -15.86
CA MET A 44 2.64 0.66 -15.37
C MET A 44 1.58 -0.32 -14.85
N THR A 45 0.64 0.20 -14.08
CA THR A 45 -0.43 -0.62 -13.51
C THR A 45 -1.79 -0.11 -13.92
N ASP A 46 -2.53 -0.91 -14.67
CA ASP A 46 -3.87 -0.54 -15.12
C ASP A 46 -4.94 -1.16 -14.24
N SER A 47 -4.69 -1.19 -12.94
CA SER A 47 -5.63 -1.77 -11.99
C SER A 47 -7.03 -1.20 -12.19
N LYS A 48 -8.03 -2.06 -12.08
CA LYS A 48 -9.42 -1.64 -12.25
C LYS A 48 -9.95 -0.99 -10.97
N ALA A 49 -9.85 -1.72 -9.86
CA ALA A 49 -10.31 -1.22 -8.58
C ALA A 49 -9.70 0.14 -8.26
N LEU A 50 -8.37 0.18 -8.19
CA LEU A 50 -7.65 1.41 -7.89
C LEU A 50 -7.52 2.28 -9.13
N GLY A 51 -6.91 3.45 -8.96
CA GLY A 51 -6.73 4.35 -10.08
C GLY A 51 -5.52 5.24 -9.92
N PRO A 52 -5.08 5.88 -11.02
CA PRO A 52 -3.93 6.78 -11.01
C PRO A 52 -4.20 8.07 -10.26
N MET A 53 -5.39 8.64 -10.47
CA MET A 53 -5.78 9.88 -9.81
C MET A 53 -6.12 9.63 -8.34
N VAL A 54 -6.62 8.44 -8.04
CA VAL A 54 -6.98 8.07 -6.68
C VAL A 54 -5.83 8.35 -5.72
N VAL A 55 -6.16 8.91 -4.56
CA VAL A 55 -5.16 9.22 -3.55
C VAL A 55 -5.69 8.94 -2.15
N GLY A 56 -4.83 8.40 -1.28
CA GLY A 56 -5.22 8.10 0.07
C GLY A 56 -4.10 8.32 1.06
N ARG A 57 -4.46 8.45 2.35
CA ARG A 57 -3.48 8.67 3.39
C ARG A 57 -3.40 7.47 4.32
N LEU A 58 -2.19 7.01 4.60
CA LEU A 58 -1.98 5.87 5.48
C LEU A 58 -2.58 6.13 6.87
N THR A 59 -2.87 5.06 7.59
CA THR A 59 -3.45 5.17 8.93
C THR A 59 -2.40 4.91 10.00
N LYS A 60 -1.14 5.18 9.67
CA LYS A 60 -0.04 4.99 10.61
C LYS A 60 0.75 6.27 10.80
N CYS A 61 1.31 6.79 9.71
CA CYS A 61 2.09 8.02 9.76
C CYS A 61 1.31 9.19 9.18
N SER A 62 0.12 8.89 8.63
CA SER A 62 -0.72 9.91 8.04
C SER A 62 -0.02 10.59 6.85
N HIS A 63 0.56 9.77 5.99
CA HIS A 63 1.27 10.29 4.82
C HIS A 63 0.49 9.98 3.54
N ALA A 64 0.12 11.02 2.81
CA ALA A 64 -0.62 10.87 1.57
C ALA A 64 0.25 10.26 0.48
N PHE A 65 -0.26 9.22 -0.18
CA PHE A 65 0.48 8.56 -1.25
C PHE A 65 -0.48 7.92 -2.26
N HIS A 66 -0.16 8.08 -3.54
CA HIS A 66 -0.99 7.52 -4.60
C HIS A 66 -1.31 6.05 -4.33
N LEU A 67 -2.53 5.78 -3.89
CA LEU A 67 -2.97 4.43 -3.58
C LEU A 67 -2.41 3.44 -4.60
N LEU A 68 -2.15 3.93 -5.82
CA LEU A 68 -1.61 3.09 -6.88
C LEU A 68 -0.11 2.91 -6.72
N CYS A 69 0.61 4.02 -6.59
CA CYS A 69 2.06 3.98 -6.43
C CYS A 69 2.46 2.97 -5.35
N LEU A 70 1.72 2.96 -4.26
CA LEU A 70 2.00 2.04 -3.15
C LEU A 70 1.86 0.59 -3.61
N LEU A 71 0.80 0.30 -4.34
CA LEU A 71 0.55 -1.05 -4.84
C LEU A 71 1.64 -1.47 -5.82
N ALA A 72 2.00 -0.57 -6.73
CA ALA A 72 3.03 -0.84 -7.72
C ALA A 72 4.33 -1.27 -7.05
N MET A 73 4.79 -0.48 -6.09
CA MET A 73 6.02 -0.77 -5.37
C MET A 73 5.90 -2.09 -4.62
N TYR A 74 4.73 -2.34 -4.04
CA TYR A 74 4.50 -3.58 -3.29
C TYR A 74 4.74 -4.80 -4.17
N CYS A 75 4.34 -4.70 -5.43
CA CYS A 75 4.50 -5.80 -6.37
C CYS A 75 5.97 -6.19 -6.51
N ASN A 76 6.83 -5.18 -6.68
CA ASN A 76 8.26 -5.42 -6.82
C ASN A 76 8.87 -5.90 -5.51
N GLY A 77 8.38 -5.35 -4.40
CA GLY A 77 8.89 -5.74 -3.09
C GLY A 77 8.51 -7.17 -2.73
N ASN A 78 8.12 -7.36 -1.48
CA ASN A 78 7.73 -8.70 -0.99
C ASN A 78 6.22 -8.83 -0.94
N LYS A 79 5.64 -9.40 -1.99
CA LYS A 79 4.20 -9.60 -2.06
C LYS A 79 3.74 -10.66 -1.06
N ASP A 80 3.84 -10.32 0.23
CA ASP A 80 3.43 -11.25 1.28
C ASP A 80 2.60 -10.53 2.34
N GLY A 81 1.65 -9.71 1.88
CA GLY A 81 0.80 -8.97 2.79
C GLY A 81 1.59 -8.02 3.68
N SER A 82 2.40 -7.18 3.07
CA SER A 82 3.22 -6.22 3.80
C SER A 82 3.52 -4.98 2.96
N LEU A 83 3.08 -3.82 3.44
CA LEU A 83 3.30 -2.57 2.73
C LEU A 83 4.06 -1.58 3.60
N GLN A 84 5.20 -1.11 3.10
CA GLN A 84 6.03 -0.16 3.83
C GLN A 84 5.94 1.23 3.20
N CYS A 85 6.16 2.25 4.01
CA CYS A 85 6.10 3.64 3.54
C CYS A 85 7.48 4.12 3.10
N PRO A 86 7.59 4.53 1.82
CA PRO A 86 8.85 5.02 1.26
C PRO A 86 9.25 6.37 1.84
N SER A 87 8.48 6.86 2.79
CA SER A 87 8.76 8.14 3.43
C SER A 87 9.37 7.95 4.82
N CYS A 88 8.65 7.21 5.67
CA CYS A 88 9.12 6.95 7.02
C CYS A 88 9.46 5.47 7.20
N LYS A 89 9.67 4.78 6.08
CA LYS A 89 10.01 3.36 6.12
C LYS A 89 9.28 2.65 7.26
N THR A 90 7.99 2.94 7.38
CA THR A 90 7.17 2.32 8.43
C THR A 90 6.39 1.13 7.89
N ILE A 91 6.69 -0.05 8.42
CA ILE A 91 6.02 -1.27 7.99
C ILE A 91 4.63 -1.39 8.63
N TYR A 92 3.65 -1.77 7.82
CA TYR A 92 2.28 -1.92 8.31
C TYR A 92 1.92 -3.39 8.49
N GLY A 93 2.35 -4.22 7.54
CA GLY A 93 2.07 -5.64 7.61
C GLY A 93 2.95 -6.36 8.61
N GLU A 94 3.60 -7.43 8.17
CA GLU A 94 4.47 -8.21 9.04
C GLU A 94 5.68 -7.39 9.47
N LYS A 95 5.98 -7.43 10.77
CA LYS A 95 7.11 -6.68 11.30
C LYS A 95 8.06 -7.61 12.06
N THR A 96 7.54 -8.25 13.10
CA THR A 96 8.34 -9.18 13.91
C THR A 96 8.97 -10.25 13.04
N GLY A 97 10.21 -10.60 13.36
CA GLY A 97 10.91 -11.62 12.60
C GLY A 97 10.00 -12.75 12.17
N THR A 98 9.13 -13.18 13.07
CA THR A 98 8.20 -14.26 12.77
C THR A 98 7.06 -13.78 11.88
N GLN A 99 6.47 -14.70 11.12
CA GLN A 99 5.37 -14.36 10.23
C GLN A 99 4.12 -13.99 11.01
N PRO A 100 3.27 -13.14 10.42
CA PRO A 100 2.03 -12.70 11.06
C PRO A 100 1.00 -13.81 11.16
N TRP A 101 0.53 -14.06 12.38
CA TRP A 101 -0.46 -15.11 12.61
C TRP A 101 -1.87 -14.53 12.62
N GLY A 102 -2.55 -14.61 11.48
CA GLY A 102 -3.91 -14.08 11.38
C GLY A 102 -4.95 -15.16 11.62
N LYS A 103 -5.99 -15.15 10.78
CA LYS A 103 -7.07 -16.12 10.89
C LYS A 103 -7.97 -16.08 9.67
N MET A 104 -8.04 -17.21 8.94
CA MET A 104 -8.86 -17.30 7.75
C MET A 104 -10.34 -17.41 8.11
N GLU A 105 -11.12 -16.40 7.72
CA GLU A 105 -12.54 -16.38 8.01
C GLU A 105 -13.30 -17.32 7.08
N VAL A 106 -14.58 -17.52 7.36
CA VAL A 106 -15.42 -18.39 6.56
C VAL A 106 -16.86 -17.89 6.51
N PHE A 107 -17.45 -17.88 5.32
CA PHE A 107 -18.82 -17.43 5.15
C PHE A 107 -19.41 -17.95 3.84
N ARG A 108 -20.69 -18.27 3.86
CA ARG A 108 -21.37 -18.78 2.67
C ARG A 108 -22.10 -17.66 1.93
N SER A 109 -21.39 -17.01 1.02
CA SER A 109 -21.95 -15.91 0.24
C SER A 109 -22.20 -16.34 -1.20
N GLY A 110 -22.72 -17.55 -1.38
CA GLY A 110 -22.99 -18.06 -2.70
C GLY A 110 -21.74 -18.50 -3.42
N PRO A 111 -21.91 -19.28 -4.50
CA PRO A 111 -20.80 -19.79 -5.31
C PRO A 111 -20.09 -18.69 -6.09
N SER A 112 -18.77 -18.77 -6.16
CA SER A 112 -17.98 -17.77 -6.87
C SER A 112 -17.24 -18.42 -8.04
N SER A 113 -17.11 -17.67 -9.14
CA SER A 113 -16.42 -18.16 -10.32
C SER A 113 -15.26 -17.25 -10.70
N GLY A 114 -15.57 -15.98 -10.95
CA GLY A 114 -14.54 -15.03 -11.32
C GLY A 114 -14.89 -13.61 -10.92
ZN ZN B . 2.75 8.77 -6.87
ZN ZN C . 5.14 7.43 6.08
N GLY A 1 -6.02 -16.46 13.72
CA GLY A 1 -4.75 -16.89 14.29
C GLY A 1 -4.20 -18.12 13.61
N SER A 2 -4.99 -19.19 13.58
CA SER A 2 -4.57 -20.44 12.97
C SER A 2 -4.25 -20.24 11.49
N SER A 3 -5.09 -19.46 10.81
CA SER A 3 -4.92 -19.19 9.39
C SER A 3 -4.72 -17.69 9.14
N GLY A 4 -3.87 -17.36 8.18
CA GLY A 4 -3.62 -15.96 7.87
C GLY A 4 -4.46 -15.47 6.71
N SER A 5 -4.70 -14.17 6.66
CA SER A 5 -5.50 -13.58 5.60
C SER A 5 -4.64 -12.72 4.68
N SER A 6 -4.19 -13.31 3.57
CA SER A 6 -3.36 -12.60 2.61
C SER A 6 -4.21 -11.87 1.58
N GLY A 7 -4.99 -12.63 0.82
CA GLY A 7 -5.83 -12.04 -0.19
C GLY A 7 -5.06 -11.17 -1.17
N GLU A 8 -5.76 -10.61 -2.14
CA GLU A 8 -5.14 -9.75 -3.15
C GLU A 8 -4.38 -8.60 -2.48
N PRO A 9 -3.38 -8.06 -3.20
CA PRO A 9 -2.56 -6.96 -2.70
C PRO A 9 -3.34 -5.65 -2.63
N GLU A 10 -4.34 -5.51 -3.49
CA GLU A 10 -5.17 -4.30 -3.51
C GLU A 10 -5.79 -4.04 -2.15
N GLN A 11 -6.19 -5.11 -1.46
CA GLN A 11 -6.79 -4.99 -0.14
C GLN A 11 -5.79 -4.47 0.88
N VAL A 12 -4.57 -5.01 0.83
CA VAL A 12 -3.51 -4.60 1.74
C VAL A 12 -3.36 -3.08 1.77
N ILE A 13 -3.51 -2.47 0.61
CA ILE A 13 -3.39 -1.02 0.48
C ILE A 13 -4.57 -0.31 1.13
N ARG A 14 -5.76 -0.52 0.56
CA ARG A 14 -6.98 0.10 1.08
C ARG A 14 -7.08 -0.10 2.59
N LYS A 15 -6.53 -1.20 3.08
CA LYS A 15 -6.56 -1.50 4.51
C LYS A 15 -5.61 -0.58 5.27
N TYR A 16 -4.53 -0.16 4.62
CA TYR A 16 -3.56 0.72 5.24
C TYR A 16 -3.55 2.09 4.56
N THR A 17 -4.65 2.43 3.89
CA THR A 17 -4.77 3.70 3.20
C THR A 17 -6.19 4.23 3.27
N GLU A 18 -6.33 5.52 3.53
CA GLU A 18 -7.65 6.15 3.62
C GLU A 18 -7.86 7.12 2.46
N GLU A 19 -8.51 6.63 1.41
CA GLU A 19 -8.78 7.45 0.22
C GLU A 19 -9.44 8.77 0.63
N LEU A 20 -8.99 9.86 0.01
CA LEU A 20 -9.54 11.18 0.30
C LEU A 20 -10.39 11.68 -0.87
N LYS A 21 -11.54 12.27 -0.55
CA LYS A 21 -12.43 12.80 -1.57
C LYS A 21 -11.64 13.43 -2.71
N VAL A 22 -10.53 14.10 -2.36
CA VAL A 22 -9.69 14.74 -3.36
C VAL A 22 -8.24 14.81 -2.89
N ALA A 23 -7.33 14.36 -3.75
CA ALA A 23 -5.90 14.37 -3.43
C ALA A 23 -5.54 15.60 -2.61
N PRO A 24 -4.82 15.39 -1.50
CA PRO A 24 -4.38 16.48 -0.62
C PRO A 24 -3.31 17.34 -1.25
N GLU A 25 -2.84 18.34 -0.51
CA GLU A 25 -1.82 19.25 -1.01
C GLU A 25 -0.42 18.71 -0.69
N GLU A 26 -0.28 17.39 -0.71
CA GLU A 26 1.00 16.74 -0.42
C GLU A 26 1.71 16.37 -1.71
N ASP A 27 2.89 15.78 -1.57
CA ASP A 27 3.69 15.37 -2.73
C ASP A 27 4.11 13.90 -2.61
N CYS A 28 4.10 13.20 -3.74
CA CYS A 28 4.48 11.79 -3.76
C CYS A 28 5.97 11.63 -4.04
N ILE A 29 6.69 11.02 -3.11
CA ILE A 29 8.11 10.80 -3.27
C ILE A 29 8.40 9.58 -4.14
N ILE A 30 7.46 8.64 -4.15
CA ILE A 30 7.60 7.43 -4.95
C ILE A 30 7.80 7.77 -6.43
N CYS A 31 6.94 8.65 -6.94
CA CYS A 31 7.02 9.06 -8.34
C CYS A 31 7.43 10.53 -8.46
N MET A 32 7.80 11.13 -7.33
CA MET A 32 8.21 12.53 -7.30
C MET A 32 7.29 13.39 -8.15
N GLU A 33 5.99 13.32 -7.86
CA GLU A 33 5.01 14.09 -8.60
C GLU A 33 3.95 14.67 -7.67
N LYS A 34 3.18 15.63 -8.17
CA LYS A 34 2.13 16.26 -7.37
C LYS A 34 0.85 15.43 -7.40
N LEU A 35 0.42 15.00 -6.22
CA LEU A 35 -0.79 14.19 -6.09
C LEU A 35 -1.90 14.72 -7.01
N ALA A 36 -1.94 16.04 -7.16
CA ALA A 36 -2.94 16.68 -8.01
C ALA A 36 -3.04 15.97 -9.36
N VAL A 37 -1.89 15.67 -9.95
CA VAL A 37 -1.85 14.98 -11.24
C VAL A 37 -1.95 13.47 -11.07
N ALA A 38 -1.99 12.76 -12.20
CA ALA A 38 -2.09 11.31 -12.17
C ALA A 38 -0.87 10.68 -11.49
N SER A 39 -0.85 9.36 -11.43
CA SER A 39 0.26 8.64 -10.80
C SER A 39 1.34 8.30 -11.84
N GLY A 40 2.59 8.28 -11.39
CA GLY A 40 3.69 7.98 -12.28
C GLY A 40 3.59 6.57 -12.85
N TYR A 41 2.99 5.66 -12.10
CA TYR A 41 2.84 4.28 -12.54
C TYR A 41 1.46 4.05 -13.16
N SER A 42 0.72 5.14 -13.33
CA SER A 42 -0.62 5.06 -13.91
C SER A 42 -0.65 4.03 -15.04
N ASP A 43 0.14 4.28 -16.08
CA ASP A 43 0.21 3.37 -17.22
C ASP A 43 0.77 2.02 -16.81
N MET A 44 1.93 2.04 -16.15
CA MET A 44 2.57 0.81 -15.71
C MET A 44 1.55 -0.18 -15.16
N THR A 45 0.73 0.29 -14.22
CA THR A 45 -0.29 -0.55 -13.61
C THR A 45 -1.68 -0.09 -14.00
N ASP A 46 -2.44 -0.97 -14.65
CA ASP A 46 -3.79 -0.65 -15.08
C ASP A 46 -4.81 -1.14 -14.05
N SER A 47 -4.43 -1.10 -12.77
CA SER A 47 -5.30 -1.54 -11.69
C SER A 47 -6.74 -1.05 -11.92
N LYS A 48 -7.70 -1.93 -11.71
CA LYS A 48 -9.11 -1.59 -11.89
C LYS A 48 -9.66 -0.90 -10.66
N ALA A 49 -9.62 -1.60 -9.52
CA ALA A 49 -10.12 -1.06 -8.27
C ALA A 49 -9.47 0.28 -7.96
N LEU A 50 -8.14 0.28 -7.85
CA LEU A 50 -7.39 1.49 -7.55
C LEU A 50 -7.38 2.44 -8.76
N GLY A 51 -6.70 3.57 -8.62
CA GLY A 51 -6.62 4.53 -9.69
C GLY A 51 -5.35 5.37 -9.64
N PRO A 52 -4.91 5.84 -10.82
CA PRO A 52 -3.69 6.66 -10.92
C PRO A 52 -3.87 8.05 -10.31
N MET A 53 -5.12 8.53 -10.30
CA MET A 53 -5.42 9.84 -9.73
C MET A 53 -5.86 9.72 -8.27
N VAL A 54 -6.70 8.73 -8.00
CA VAL A 54 -7.21 8.50 -6.65
C VAL A 54 -6.06 8.35 -5.65
N VAL A 55 -6.06 9.20 -4.63
CA VAL A 55 -5.02 9.15 -3.61
C VAL A 55 -5.62 9.02 -2.22
N GLY A 56 -4.87 8.41 -1.31
CA GLY A 56 -5.35 8.23 0.05
C GLY A 56 -4.23 8.31 1.07
N ARG A 57 -4.54 8.84 2.25
CA ARG A 57 -3.56 8.98 3.31
C ARG A 57 -3.55 7.73 4.21
N LEU A 58 -2.35 7.21 4.47
CA LEU A 58 -2.21 6.02 5.32
C LEU A 58 -2.96 6.19 6.63
N THR A 59 -3.00 5.12 7.42
CA THR A 59 -3.69 5.15 8.71
C THR A 59 -2.70 5.11 9.86
N LYS A 60 -1.45 4.77 9.55
CA LYS A 60 -0.41 4.70 10.56
C LYS A 60 0.31 6.04 10.71
N CYS A 61 0.95 6.48 9.63
CA CYS A 61 1.67 7.75 9.63
C CYS A 61 0.84 8.84 8.98
N SER A 62 -0.36 8.49 8.56
CA SER A 62 -1.26 9.45 7.91
C SER A 62 -0.54 10.22 6.81
N HIS A 63 0.24 9.49 6.01
CA HIS A 63 0.98 10.11 4.91
C HIS A 63 0.27 9.89 3.58
N ALA A 64 0.07 10.97 2.84
CA ALA A 64 -0.60 10.89 1.55
C ALA A 64 0.28 10.22 0.51
N PHE A 65 -0.33 9.37 -0.32
CA PHE A 65 0.42 8.67 -1.36
C PHE A 65 -0.54 8.09 -2.40
N HIS A 66 -0.15 8.19 -3.67
CA HIS A 66 -0.97 7.67 -4.77
C HIS A 66 -1.38 6.23 -4.50
N LEU A 67 -2.64 6.04 -4.13
CA LEU A 67 -3.16 4.71 -3.84
C LEU A 67 -2.63 3.70 -4.85
N LEU A 68 -2.29 4.17 -6.04
CA LEU A 68 -1.77 3.30 -7.09
C LEU A 68 -0.29 3.02 -6.87
N CYS A 69 0.50 4.08 -6.74
CA CYS A 69 1.93 3.94 -6.52
C CYS A 69 2.24 2.91 -5.44
N LEU A 70 1.61 3.06 -4.29
CA LEU A 70 1.81 2.14 -3.18
C LEU A 70 1.68 0.69 -3.66
N LEU A 71 0.67 0.43 -4.48
CA LEU A 71 0.43 -0.90 -5.01
C LEU A 71 1.53 -1.32 -5.98
N ALA A 72 1.89 -0.40 -6.87
CA ALA A 72 2.94 -0.66 -7.85
C ALA A 72 4.25 -1.04 -7.18
N MET A 73 4.54 -0.40 -6.05
CA MET A 73 5.76 -0.67 -5.30
C MET A 73 5.65 -1.99 -4.53
N TYR A 74 4.47 -2.23 -3.97
CA TYR A 74 4.23 -3.46 -3.20
C TYR A 74 4.42 -4.69 -4.08
N CYS A 75 3.89 -4.62 -5.30
CA CYS A 75 4.00 -5.74 -6.24
C CYS A 75 5.46 -6.10 -6.49
N ASN A 76 6.31 -5.09 -6.60
CA ASN A 76 7.74 -5.30 -6.83
C ASN A 76 8.43 -5.78 -5.56
N GLY A 77 7.91 -5.36 -4.42
CA GLY A 77 8.50 -5.76 -3.16
C GLY A 77 8.44 -7.27 -2.94
N ASN A 78 8.57 -7.69 -1.69
CA ASN A 78 8.53 -9.10 -1.35
C ASN A 78 7.17 -9.72 -1.67
N LYS A 79 6.13 -8.89 -1.61
CA LYS A 79 4.78 -9.34 -1.90
C LYS A 79 4.36 -10.46 -0.95
N ASP A 80 4.60 -10.26 0.34
CA ASP A 80 4.25 -11.26 1.35
C ASP A 80 3.19 -10.72 2.30
N GLY A 81 2.24 -9.97 1.76
CA GLY A 81 1.18 -9.41 2.58
C GLY A 81 1.69 -8.34 3.51
N SER A 82 2.48 -7.41 2.98
CA SER A 82 3.03 -6.32 3.78
C SER A 82 3.24 -5.07 2.93
N LEU A 83 3.04 -3.92 3.54
CA LEU A 83 3.21 -2.64 2.85
C LEU A 83 3.96 -1.64 3.72
N GLN A 84 5.12 -1.22 3.24
CA GLN A 84 5.94 -0.25 3.98
C GLN A 84 5.84 1.13 3.35
N CYS A 85 5.97 2.16 4.18
CA CYS A 85 5.90 3.54 3.71
C CYS A 85 7.28 4.05 3.32
N PRO A 86 7.42 4.47 2.05
CA PRO A 86 8.69 5.00 1.53
C PRO A 86 9.05 6.36 2.12
N SER A 87 8.21 6.82 3.04
CA SER A 87 8.43 8.12 3.68
C SER A 87 9.03 7.95 5.07
N CYS A 88 8.32 7.23 5.92
CA CYS A 88 8.78 6.99 7.29
C CYS A 88 9.25 5.55 7.46
N LYS A 89 9.44 4.86 6.33
CA LYS A 89 9.89 3.47 6.35
C LYS A 89 9.15 2.68 7.43
N THR A 90 7.85 2.90 7.53
CA THR A 90 7.02 2.20 8.50
C THR A 90 6.28 1.03 7.87
N ILE A 91 6.52 -0.17 8.40
CA ILE A 91 5.88 -1.37 7.88
C ILE A 91 4.50 -1.57 8.52
N TYR A 92 3.58 -2.10 7.74
CA TYR A 92 2.22 -2.35 8.23
C TYR A 92 1.96 -3.85 8.38
N GLY A 93 2.55 -4.64 7.49
CA GLY A 93 2.38 -6.08 7.54
C GLY A 93 3.34 -6.75 8.50
N GLU A 94 4.63 -6.59 8.24
CA GLU A 94 5.66 -7.20 9.08
C GLU A 94 6.05 -6.26 10.21
N LYS A 95 5.18 -6.17 11.22
CA LYS A 95 5.44 -5.31 12.37
C LYS A 95 5.35 -6.10 13.67
N THR A 96 4.34 -6.96 13.78
CA THR A 96 4.15 -7.78 14.96
C THR A 96 4.48 -9.24 14.69
N GLY A 97 5.46 -9.76 15.42
CA GLY A 97 5.87 -11.14 15.25
C GLY A 97 7.31 -11.28 14.80
N THR A 98 7.50 -11.59 13.52
CA THR A 98 8.85 -11.75 12.97
C THR A 98 9.60 -10.42 12.98
N GLN A 99 10.92 -10.50 12.80
CA GLN A 99 11.76 -9.30 12.80
C GLN A 99 11.07 -8.16 12.05
N PRO A 100 10.66 -7.13 12.80
CA PRO A 100 9.99 -5.96 12.23
C PRO A 100 10.93 -5.11 11.38
N TRP A 101 12.17 -5.56 11.22
CA TRP A 101 13.16 -4.84 10.44
C TRP A 101 13.74 -5.74 9.36
N GLY A 102 14.41 -6.80 9.77
CA GLY A 102 15.01 -7.72 8.82
C GLY A 102 16.43 -7.33 8.45
N LYS A 103 16.56 -6.63 7.33
CA LYS A 103 17.88 -6.18 6.85
C LYS A 103 17.93 -4.67 6.75
N MET A 104 19.14 -4.12 6.63
CA MET A 104 19.34 -2.69 6.52
C MET A 104 19.24 -2.22 5.08
N GLU A 105 18.73 -1.02 4.87
CA GLU A 105 18.59 -0.47 3.53
C GLU A 105 19.66 0.58 3.26
N VAL A 106 20.66 0.21 2.48
CA VAL A 106 21.75 1.13 2.14
C VAL A 106 21.23 2.37 1.44
N PHE A 107 22.08 3.39 1.34
CA PHE A 107 21.70 4.64 0.70
C PHE A 107 20.44 5.22 1.33
N ARG A 108 20.39 5.21 2.66
CA ARG A 108 19.24 5.74 3.40
C ARG A 108 19.63 6.96 4.21
N SER A 109 20.88 6.98 4.70
CA SER A 109 21.37 8.09 5.49
C SER A 109 21.95 9.19 4.59
N GLY A 110 21.11 10.13 4.20
CA GLY A 110 21.56 11.22 3.35
C GLY A 110 20.48 11.71 2.41
N PRO A 111 20.78 12.77 1.66
CA PRO A 111 19.83 13.37 0.70
C PRO A 111 19.56 12.46 -0.49
N SER A 112 18.40 11.82 -0.50
CA SER A 112 18.02 10.92 -1.58
C SER A 112 17.92 11.68 -2.90
N SER A 113 18.67 11.22 -3.90
CA SER A 113 18.66 11.85 -5.21
C SER A 113 18.15 10.88 -6.27
N GLY A 114 17.71 11.44 -7.40
CA GLY A 114 17.20 10.61 -8.48
C GLY A 114 15.98 11.22 -9.14
ZN ZN B . 2.94 8.70 -6.93
ZN ZN C . 4.83 7.32 6.21
N GLY A 1 9.17 -14.25 5.53
CA GLY A 1 8.24 -15.27 5.96
C GLY A 1 7.16 -15.53 4.93
N SER A 2 6.27 -16.47 5.23
CA SER A 2 5.18 -16.82 4.32
C SER A 2 3.92 -17.17 5.09
N SER A 3 2.78 -17.12 4.41
CA SER A 3 1.49 -17.43 5.04
C SER A 3 0.42 -17.65 3.98
N GLY A 4 -0.50 -18.56 4.27
CA GLY A 4 -1.58 -18.86 3.34
C GLY A 4 -2.70 -17.83 3.41
N SER A 5 -2.34 -16.56 3.35
CA SER A 5 -3.32 -15.48 3.41
C SER A 5 -3.97 -15.26 2.06
N SER A 6 -5.27 -14.98 2.07
CA SER A 6 -6.01 -14.76 0.84
C SER A 6 -6.58 -13.34 0.80
N GLY A 7 -5.91 -12.47 0.05
CA GLY A 7 -6.36 -11.09 -0.06
C GLY A 7 -5.59 -10.31 -1.10
N GLU A 8 -6.23 -10.02 -2.23
CA GLU A 8 -5.60 -9.28 -3.31
C GLU A 8 -4.77 -8.12 -2.75
N PRO A 9 -3.77 -7.67 -3.53
CA PRO A 9 -2.89 -6.57 -3.14
C PRO A 9 -3.61 -5.23 -3.13
N GLU A 10 -4.88 -5.24 -3.54
CA GLU A 10 -5.68 -4.02 -3.58
C GLU A 10 -6.21 -3.68 -2.19
N GLN A 11 -6.59 -4.70 -1.44
CA GLN A 11 -7.11 -4.51 -0.10
C GLN A 11 -6.01 -4.07 0.87
N VAL A 12 -4.99 -4.92 1.02
CA VAL A 12 -3.88 -4.62 1.91
C VAL A 12 -3.53 -3.14 1.89
N ILE A 13 -3.62 -2.53 0.70
CA ILE A 13 -3.32 -1.12 0.53
C ILE A 13 -4.35 -0.26 1.26
N ARG A 14 -5.58 -0.27 0.76
CA ARG A 14 -6.66 0.52 1.37
C ARG A 14 -6.70 0.31 2.88
N LYS A 15 -6.48 -0.93 3.31
CA LYS A 15 -6.50 -1.27 4.72
C LYS A 15 -5.56 -0.36 5.51
N TYR A 16 -4.46 0.05 4.86
CA TYR A 16 -3.48 0.91 5.50
C TYR A 16 -3.63 2.36 5.01
N THR A 17 -4.24 2.51 3.83
CA THR A 17 -4.42 3.83 3.24
C THR A 17 -5.91 4.15 3.09
N GLU A 18 -6.31 5.32 3.58
CA GLU A 18 -7.70 5.74 3.50
C GLU A 18 -7.90 6.78 2.40
N GLU A 19 -8.84 6.51 1.50
CA GLU A 19 -9.12 7.42 0.40
C GLU A 19 -9.75 8.71 0.89
N LEU A 20 -9.11 9.84 0.59
CA LEU A 20 -9.60 11.14 1.01
C LEU A 20 -10.49 11.76 -0.06
N LYS A 21 -11.60 12.34 0.36
CA LYS A 21 -12.54 12.98 -0.57
C LYS A 21 -11.78 13.72 -1.67
N VAL A 22 -10.64 14.30 -1.32
CA VAL A 22 -9.83 15.04 -2.28
C VAL A 22 -8.35 14.99 -1.90
N ALA A 23 -7.50 14.72 -2.89
CA ALA A 23 -6.07 14.65 -2.65
C ALA A 23 -5.57 15.88 -1.89
N PRO A 24 -4.70 15.65 -0.89
CA PRO A 24 -4.14 16.72 -0.07
C PRO A 24 -3.17 17.60 -0.85
N GLU A 25 -2.40 18.41 -0.12
CA GLU A 25 -1.43 19.30 -0.75
C GLU A 25 -0.03 18.73 -0.65
N GLU A 26 0.08 17.40 -0.68
CA GLU A 26 1.36 16.73 -0.60
C GLU A 26 1.83 16.25 -1.97
N ASP A 27 3.11 15.93 -2.09
CA ASP A 27 3.66 15.45 -3.35
C ASP A 27 4.19 14.02 -3.21
N CYS A 28 3.61 13.12 -3.99
CA CYS A 28 4.02 11.72 -3.95
C CYS A 28 5.47 11.56 -4.37
N ILE A 29 6.30 11.07 -3.45
CA ILE A 29 7.72 10.87 -3.72
C ILE A 29 7.95 9.64 -4.59
N ILE A 30 7.08 8.65 -4.43
CA ILE A 30 7.18 7.42 -5.21
C ILE A 30 7.26 7.71 -6.70
N CYS A 31 6.48 8.68 -7.15
CA CYS A 31 6.47 9.07 -8.55
C CYS A 31 6.91 10.51 -8.73
N MET A 32 6.94 11.25 -7.63
CA MET A 32 7.34 12.66 -7.66
C MET A 32 6.37 13.49 -8.51
N GLU A 33 5.08 13.33 -8.25
CA GLU A 33 4.06 14.05 -8.99
C GLU A 33 2.94 14.52 -8.05
N LYS A 34 2.65 15.81 -8.10
CA LYS A 34 1.60 16.39 -7.26
C LYS A 34 0.35 15.52 -7.29
N LEU A 35 -0.02 14.98 -6.14
CA LEU A 35 -1.21 14.14 -6.03
C LEU A 35 -2.33 14.64 -6.93
N ALA A 36 -2.40 15.96 -7.08
CA ALA A 36 -3.41 16.57 -7.93
C ALA A 36 -3.53 15.86 -9.27
N VAL A 37 -2.38 15.62 -9.90
CA VAL A 37 -2.34 14.94 -11.18
C VAL A 37 -2.48 13.43 -11.02
N ALA A 38 -2.52 12.72 -12.15
CA ALA A 38 -2.64 11.27 -12.13
C ALA A 38 -1.37 10.61 -11.62
N SER A 39 -1.44 9.30 -11.40
CA SER A 39 -0.28 8.55 -10.90
C SER A 39 0.67 8.20 -12.05
N GLY A 40 1.96 8.14 -11.74
CA GLY A 40 2.95 7.82 -12.75
C GLY A 40 2.92 6.34 -13.13
N TYR A 41 2.54 5.50 -12.17
CA TYR A 41 2.48 4.06 -12.41
C TYR A 41 1.23 3.69 -13.20
N SER A 42 0.30 4.63 -13.28
CA SER A 42 -0.95 4.41 -14.00
C SER A 42 -0.71 3.55 -15.24
N ASP A 43 0.34 3.88 -15.98
CA ASP A 43 0.68 3.15 -17.19
C ASP A 43 1.45 1.87 -16.86
N MET A 44 2.41 2.00 -15.94
CA MET A 44 3.23 0.86 -15.54
C MET A 44 2.36 -0.27 -14.97
N THR A 45 1.80 -0.03 -13.80
CA THR A 45 0.94 -1.02 -13.15
C THR A 45 -0.18 -1.47 -14.08
N ASP A 46 -0.79 -0.52 -14.77
CA ASP A 46 -1.87 -0.83 -15.70
C ASP A 46 -3.07 -1.44 -14.97
N SER A 47 -3.26 -1.02 -13.72
CA SER A 47 -4.36 -1.52 -12.91
C SER A 47 -5.70 -0.95 -13.38
N LYS A 48 -6.77 -1.71 -13.19
CA LYS A 48 -8.09 -1.28 -13.60
C LYS A 48 -9.02 -1.17 -12.39
N ALA A 49 -8.74 -1.94 -11.35
CA ALA A 49 -9.54 -1.93 -10.14
C ALA A 49 -9.37 -0.61 -9.38
N LEU A 50 -8.12 -0.17 -9.26
CA LEU A 50 -7.81 1.08 -8.57
C LEU A 50 -7.76 2.25 -9.53
N GLY A 51 -7.51 3.44 -9.01
CA GLY A 51 -7.44 4.62 -9.85
C GLY A 51 -6.11 5.35 -9.70
N PRO A 52 -5.63 5.93 -10.81
CA PRO A 52 -4.36 6.67 -10.84
C PRO A 52 -4.44 7.97 -10.06
N MET A 53 -5.54 8.70 -10.23
CA MET A 53 -5.74 9.97 -9.54
C MET A 53 -6.12 9.74 -8.08
N VAL A 54 -6.71 8.58 -7.79
CA VAL A 54 -7.12 8.24 -6.43
C VAL A 54 -5.95 8.39 -5.46
N VAL A 55 -6.17 9.15 -4.40
CA VAL A 55 -5.14 9.36 -3.38
C VAL A 55 -5.69 9.08 -1.98
N GLY A 56 -4.85 8.48 -1.14
CA GLY A 56 -5.26 8.16 0.22
C GLY A 56 -4.13 8.34 1.22
N ARG A 57 -4.47 8.81 2.41
CA ARG A 57 -3.48 9.02 3.46
C ARG A 57 -3.44 7.83 4.41
N LEU A 58 -2.23 7.29 4.62
CA LEU A 58 -2.06 6.14 5.51
C LEU A 58 -2.77 6.37 6.83
N THR A 59 -2.83 5.33 7.66
CA THR A 59 -3.48 5.41 8.96
C THR A 59 -2.47 5.36 10.09
N LYS A 60 -1.24 5.01 9.75
CA LYS A 60 -0.17 4.91 10.74
C LYS A 60 0.59 6.24 10.85
N CYS A 61 1.13 6.70 9.72
CA CYS A 61 1.87 7.95 9.69
C CYS A 61 1.04 9.06 9.05
N SER A 62 -0.16 8.71 8.61
CA SER A 62 -1.06 9.67 7.98
C SER A 62 -0.36 10.37 6.82
N HIS A 63 0.42 9.61 6.05
CA HIS A 63 1.14 10.17 4.91
C HIS A 63 0.36 9.94 3.61
N ALA A 64 0.20 11.01 2.84
CA ALA A 64 -0.52 10.94 1.58
C ALA A 64 0.32 10.23 0.51
N PHE A 65 -0.35 9.42 -0.31
CA PHE A 65 0.33 8.68 -1.38
C PHE A 65 -0.68 8.08 -2.35
N HIS A 66 -0.35 8.15 -3.63
CA HIS A 66 -1.23 7.60 -4.67
C HIS A 66 -1.58 6.16 -4.39
N LEU A 67 -2.79 5.93 -3.86
CA LEU A 67 -3.25 4.59 -3.55
C LEU A 67 -2.78 3.58 -4.60
N LEU A 68 -2.60 4.07 -5.82
CA LEU A 68 -2.14 3.21 -6.92
C LEU A 68 -0.64 2.96 -6.83
N CYS A 69 0.13 4.03 -6.72
CA CYS A 69 1.58 3.94 -6.63
C CYS A 69 1.98 2.90 -5.58
N LEU A 70 1.36 2.99 -4.41
CA LEU A 70 1.65 2.07 -3.32
C LEU A 70 1.50 0.62 -3.77
N LEU A 71 0.41 0.34 -4.48
CA LEU A 71 0.13 -1.01 -4.97
C LEU A 71 1.31 -1.52 -5.80
N ALA A 72 1.86 -0.66 -6.64
CA ALA A 72 2.99 -1.03 -7.48
C ALA A 72 4.20 -1.43 -6.64
N MET A 73 4.61 -0.54 -5.74
CA MET A 73 5.76 -0.80 -4.88
C MET A 73 5.58 -2.12 -4.13
N TYR A 74 4.34 -2.44 -3.80
CA TYR A 74 4.04 -3.68 -3.08
C TYR A 74 4.12 -4.88 -4.02
N CYS A 75 3.66 -4.70 -5.25
CA CYS A 75 3.68 -5.77 -6.24
C CYS A 75 5.09 -6.01 -6.76
N ASN A 76 5.91 -4.96 -6.72
CA ASN A 76 7.29 -5.05 -7.19
C ASN A 76 8.18 -5.71 -6.14
N GLY A 77 7.96 -5.36 -4.87
CA GLY A 77 8.73 -5.93 -3.80
C GLY A 77 8.07 -7.13 -3.16
N ASN A 78 8.69 -7.66 -2.11
CA ASN A 78 8.15 -8.83 -1.41
C ASN A 78 6.73 -8.56 -0.92
N LYS A 79 5.76 -8.83 -1.76
CA LYS A 79 4.35 -8.62 -1.42
C LYS A 79 4.07 -9.11 0.00
N ASP A 80 3.99 -10.43 0.15
CA ASP A 80 3.72 -11.03 1.47
C ASP A 80 2.69 -10.22 2.23
N GLY A 81 1.65 -9.77 1.53
CA GLY A 81 0.61 -8.99 2.17
C GLY A 81 1.16 -7.96 3.12
N SER A 82 2.18 -7.23 2.68
CA SER A 82 2.81 -6.21 3.51
C SER A 82 3.12 -4.96 2.68
N LEU A 83 2.72 -3.80 3.20
CA LEU A 83 2.96 -2.54 2.50
C LEU A 83 3.78 -1.59 3.38
N GLN A 84 4.94 -1.18 2.89
CA GLN A 84 5.81 -0.26 3.63
C GLN A 84 5.72 1.14 3.05
N CYS A 85 5.88 2.14 3.92
CA CYS A 85 5.83 3.54 3.50
C CYS A 85 7.21 4.03 3.10
N PRO A 86 7.36 4.45 1.84
CA PRO A 86 8.62 4.97 1.31
C PRO A 86 9.00 6.32 1.91
N SER A 87 8.19 6.79 2.85
CA SER A 87 8.43 8.07 3.50
C SER A 87 9.06 7.88 4.88
N CYS A 88 8.35 7.13 5.72
CA CYS A 88 8.83 6.86 7.08
C CYS A 88 9.22 5.39 7.24
N LYS A 89 9.40 4.71 6.11
CA LYS A 89 9.78 3.30 6.12
C LYS A 89 9.05 2.55 7.24
N THR A 90 7.74 2.79 7.36
CA THR A 90 6.93 2.14 8.37
C THR A 90 6.19 0.93 7.81
N ILE A 91 6.64 -0.26 8.19
CA ILE A 91 6.01 -1.50 7.73
C ILE A 91 4.65 -1.70 8.36
N TYR A 92 3.69 -2.14 7.56
CA TYR A 92 2.33 -2.38 8.05
C TYR A 92 2.03 -3.87 8.11
N GLY A 93 2.39 -4.59 7.06
CA GLY A 93 2.14 -6.02 7.02
C GLY A 93 2.64 -6.72 8.27
N GLU A 94 3.93 -7.05 8.29
CA GLU A 94 4.53 -7.73 9.43
C GLU A 94 4.80 -6.75 10.58
N LYS A 95 3.80 -5.91 10.87
CA LYS A 95 3.91 -4.93 11.94
C LYS A 95 2.68 -4.93 12.82
N THR A 96 1.51 -4.85 12.20
CA THR A 96 0.25 -4.85 12.93
C THR A 96 -0.60 -6.05 12.57
N GLY A 97 -0.83 -6.92 13.54
CA GLY A 97 -1.62 -8.11 13.29
C GLY A 97 -0.78 -9.35 13.08
N THR A 98 -0.60 -9.74 11.82
CA THR A 98 0.20 -10.91 11.48
C THR A 98 1.53 -10.91 12.24
N GLN A 99 1.88 -12.05 12.80
CA GLN A 99 3.13 -12.17 13.55
C GLN A 99 4.33 -11.90 12.65
N PRO A 100 5.23 -11.03 13.13
CA PRO A 100 6.44 -10.66 12.38
C PRO A 100 7.45 -11.80 12.29
N TRP A 101 7.17 -12.88 13.02
CA TRP A 101 8.05 -14.04 13.02
C TRP A 101 7.41 -15.22 12.29
N GLY A 102 8.06 -15.69 11.23
CA GLY A 102 7.53 -16.80 10.46
C GLY A 102 8.09 -18.13 10.92
N LYS A 103 7.49 -19.22 10.46
CA LYS A 103 7.92 -20.56 10.82
C LYS A 103 9.23 -20.92 10.11
N MET A 104 9.18 -20.96 8.78
CA MET A 104 10.36 -21.28 7.98
C MET A 104 10.40 -20.44 6.72
N GLU A 105 11.30 -19.46 6.70
CA GLU A 105 11.45 -18.58 5.54
C GLU A 105 12.47 -19.14 4.56
N VAL A 106 12.11 -19.12 3.28
CA VAL A 106 13.00 -19.63 2.23
C VAL A 106 12.94 -18.75 0.99
N PHE A 107 14.09 -18.20 0.61
CA PHE A 107 14.18 -17.33 -0.56
C PHE A 107 13.82 -18.10 -1.83
N ARG A 108 13.00 -17.48 -2.68
CA ARG A 108 12.58 -18.10 -3.93
C ARG A 108 13.79 -18.47 -4.78
N SER A 109 13.52 -19.11 -5.92
CA SER A 109 14.58 -19.53 -6.83
C SER A 109 14.42 -18.88 -8.20
N GLY A 110 15.54 -18.55 -8.83
CA GLY A 110 15.49 -17.93 -10.14
C GLY A 110 15.80 -16.44 -10.10
N PRO A 111 16.28 -15.90 -11.21
CA PRO A 111 16.63 -14.48 -11.32
C PRO A 111 15.40 -13.57 -11.30
N SER A 112 15.55 -12.41 -10.68
CA SER A 112 14.45 -11.45 -10.58
C SER A 112 14.88 -10.08 -11.07
N SER A 113 13.91 -9.20 -11.26
CA SER A 113 14.18 -7.84 -11.73
C SER A 113 14.19 -6.85 -10.56
N GLY A 114 13.18 -6.97 -9.69
CA GLY A 114 13.09 -6.08 -8.55
C GLY A 114 13.42 -4.65 -8.90
ZN ZN B . 2.50 8.69 -7.17
ZN ZN C . 4.90 7.29 6.07
N GLY A 1 -14.55 -12.36 11.58
CA GLY A 1 -14.17 -13.29 12.62
C GLY A 1 -12.67 -13.33 12.84
N SER A 2 -12.02 -14.36 12.29
CA SER A 2 -10.58 -14.51 12.44
C SER A 2 -9.83 -13.72 11.36
N SER A 3 -8.52 -13.60 11.53
CA SER A 3 -7.69 -12.87 10.58
C SER A 3 -7.24 -13.77 9.44
N GLY A 4 -7.40 -13.30 8.21
CA GLY A 4 -6.99 -14.08 7.06
C GLY A 4 -5.73 -13.56 6.41
N SER A 5 -5.80 -12.34 5.87
CA SER A 5 -4.66 -11.73 5.21
C SER A 5 -4.25 -12.53 3.98
N SER A 6 -5.24 -12.94 3.19
CA SER A 6 -4.98 -13.71 1.98
C SER A 6 -6.04 -13.43 0.92
N GLY A 7 -5.59 -12.96 -0.24
CA GLY A 7 -6.51 -12.65 -1.32
C GLY A 7 -5.86 -11.87 -2.44
N GLU A 8 -5.71 -10.56 -2.23
CA GLU A 8 -5.10 -9.69 -3.23
C GLU A 8 -4.47 -8.47 -2.57
N PRO A 9 -3.46 -7.89 -3.24
CA PRO A 9 -2.75 -6.70 -2.74
C PRO A 9 -3.62 -5.45 -2.78
N GLU A 10 -4.51 -5.38 -3.77
CA GLU A 10 -5.41 -4.23 -3.91
C GLU A 10 -6.03 -3.86 -2.57
N GLN A 11 -6.51 -4.87 -1.84
CA GLN A 11 -7.13 -4.65 -0.55
C GLN A 11 -6.09 -4.24 0.49
N VAL A 12 -4.96 -4.94 0.50
CA VAL A 12 -3.89 -4.65 1.44
C VAL A 12 -3.53 -3.16 1.44
N ILE A 13 -3.50 -2.58 0.24
CA ILE A 13 -3.16 -1.17 0.10
C ILE A 13 -4.17 -0.29 0.82
N ARG A 14 -5.43 -0.38 0.41
CA ARG A 14 -6.49 0.41 1.03
C ARG A 14 -6.56 0.16 2.53
N LYS A 15 -6.39 -1.11 2.92
CA LYS A 15 -6.43 -1.48 4.33
C LYS A 15 -5.52 -0.58 5.15
N TYR A 16 -4.42 -0.15 4.55
CA TYR A 16 -3.47 0.72 5.22
C TYR A 16 -3.64 2.17 4.79
N THR A 17 -4.12 2.36 3.56
CA THR A 17 -4.32 3.70 3.03
C THR A 17 -5.82 4.00 2.86
N GLU A 18 -6.24 5.14 3.39
CA GLU A 18 -7.64 5.54 3.31
C GLU A 18 -7.82 6.65 2.28
N GLU A 19 -8.75 6.46 1.35
CA GLU A 19 -9.03 7.44 0.31
C GLU A 19 -9.56 8.73 0.92
N LEU A 20 -8.89 9.85 0.62
CA LEU A 20 -9.31 11.15 1.13
C LEU A 20 -10.31 11.81 0.19
N LYS A 21 -11.31 12.46 0.77
CA LYS A 21 -12.33 13.14 -0.01
C LYS A 21 -11.71 13.88 -1.19
N VAL A 22 -10.52 14.43 -0.98
CA VAL A 22 -9.81 15.16 -2.02
C VAL A 22 -8.31 15.15 -1.78
N ALA A 23 -7.55 14.88 -2.84
CA ALA A 23 -6.09 14.84 -2.74
C ALA A 23 -5.56 16.06 -2.00
N PRO A 24 -4.71 15.83 -1.00
CA PRO A 24 -4.12 16.90 -0.18
C PRO A 24 -3.10 17.72 -0.97
N GLU A 25 -2.40 18.61 -0.28
CA GLU A 25 -1.41 19.47 -0.91
C GLU A 25 -0.01 18.86 -0.77
N GLU A 26 0.05 17.53 -0.77
CA GLU A 26 1.34 16.83 -0.64
C GLU A 26 1.85 16.40 -2.00
N ASP A 27 3.12 15.99 -2.04
CA ASP A 27 3.74 15.56 -3.28
C ASP A 27 4.24 14.12 -3.17
N CYS A 28 3.71 13.24 -4.00
CA CYS A 28 4.10 11.83 -3.99
C CYS A 28 5.56 11.68 -4.37
N ILE A 29 6.37 11.20 -3.42
CA ILE A 29 7.79 10.99 -3.66
C ILE A 29 8.03 9.77 -4.54
N ILE A 30 7.16 8.78 -4.41
CA ILE A 30 7.29 7.55 -5.20
C ILE A 30 7.40 7.87 -6.69
N CYS A 31 6.60 8.83 -7.15
CA CYS A 31 6.62 9.23 -8.55
C CYS A 31 6.99 10.70 -8.69
N MET A 32 7.18 11.37 -7.56
CA MET A 32 7.54 12.79 -7.56
C MET A 32 6.57 13.60 -8.41
N GLU A 33 5.27 13.33 -8.23
CA GLU A 33 4.24 14.05 -8.98
C GLU A 33 3.13 14.54 -8.05
N LYS A 34 2.71 15.78 -8.25
CA LYS A 34 1.66 16.38 -7.43
C LYS A 34 0.41 15.49 -7.43
N LEU A 35 0.04 15.01 -6.26
CA LEU A 35 -1.14 14.16 -6.12
C LEU A 35 -2.26 14.64 -7.03
N ALA A 36 -2.36 15.95 -7.21
CA ALA A 36 -3.39 16.53 -8.06
C ALA A 36 -3.48 15.80 -9.40
N VAL A 37 -2.32 15.52 -9.99
CA VAL A 37 -2.27 14.83 -11.27
C VAL A 37 -2.33 13.32 -11.08
N ALA A 38 -2.42 12.58 -12.18
CA ALA A 38 -2.50 11.13 -12.14
C ALA A 38 -1.19 10.54 -11.59
N SER A 39 -1.18 9.22 -11.41
CA SER A 39 -0.01 8.54 -10.88
C SER A 39 1.00 8.26 -12.00
N GLY A 40 2.28 8.32 -11.65
CA GLY A 40 3.32 8.08 -12.64
C GLY A 40 3.37 6.63 -13.09
N TYR A 41 2.94 5.73 -12.21
CA TYR A 41 2.92 4.31 -12.53
C TYR A 41 1.68 3.93 -13.33
N SER A 42 0.70 4.83 -13.34
CA SER A 42 -0.54 4.58 -14.07
C SER A 42 -0.28 3.81 -15.35
N ASP A 43 0.90 4.02 -15.93
CA ASP A 43 1.28 3.35 -17.17
C ASP A 43 1.77 1.93 -16.89
N MET A 44 2.75 1.82 -16.00
CA MET A 44 3.31 0.53 -15.64
C MET A 44 2.24 -0.39 -15.07
N THR A 45 1.29 0.19 -14.33
CA THR A 45 0.21 -0.58 -13.73
C THR A 45 -1.08 -0.43 -14.53
N ASP A 46 -1.89 -1.48 -14.53
CA ASP A 46 -3.16 -1.46 -15.25
C ASP A 46 -4.31 -1.92 -14.36
N SER A 47 -4.18 -1.66 -13.07
CA SER A 47 -5.20 -2.05 -12.11
C SER A 47 -6.54 -1.39 -12.43
N LYS A 48 -7.62 -2.15 -12.29
CA LYS A 48 -8.96 -1.64 -12.56
C LYS A 48 -9.57 -1.02 -11.31
N ALA A 49 -9.51 -1.76 -10.20
CA ALA A 49 -10.05 -1.29 -8.94
C ALA A 49 -9.40 0.03 -8.52
N LEU A 50 -8.08 0.07 -8.53
CA LEU A 50 -7.34 1.26 -8.15
C LEU A 50 -7.29 2.26 -9.30
N GLY A 51 -7.07 3.53 -8.97
CA GLY A 51 -7.01 4.57 -9.99
C GLY A 51 -5.80 5.47 -9.82
N PRO A 52 -5.31 6.01 -10.95
CA PRO A 52 -4.15 6.91 -10.95
C PRO A 52 -4.45 8.25 -10.31
N MET A 53 -5.63 8.78 -10.59
CA MET A 53 -6.05 10.08 -10.04
C MET A 53 -6.39 9.94 -8.55
N VAL A 54 -6.79 8.74 -8.15
CA VAL A 54 -7.14 8.49 -6.76
C VAL A 54 -5.98 8.81 -5.83
N VAL A 55 -6.31 9.08 -4.57
CA VAL A 55 -5.29 9.40 -3.58
C VAL A 55 -5.80 9.15 -2.16
N GLY A 56 -4.91 8.67 -1.30
CA GLY A 56 -5.29 8.40 0.08
C GLY A 56 -4.13 8.53 1.05
N ARG A 57 -4.44 8.58 2.34
CA ARG A 57 -3.42 8.73 3.36
C ARG A 57 -3.38 7.50 4.27
N LEU A 58 -2.17 7.04 4.58
CA LEU A 58 -2.01 5.87 5.44
C LEU A 58 -2.71 6.07 6.78
N THR A 59 -2.95 4.97 7.48
CA THR A 59 -3.61 5.02 8.79
C THR A 59 -2.60 4.96 9.92
N LYS A 60 -1.33 4.80 9.57
CA LYS A 60 -0.26 4.73 10.57
C LYS A 60 0.43 6.08 10.72
N CYS A 61 1.23 6.45 9.73
CA CYS A 61 1.95 7.71 9.76
C CYS A 61 1.10 8.84 9.17
N SER A 62 0.09 8.46 8.39
CA SER A 62 -0.79 9.43 7.75
C SER A 62 -0.08 10.14 6.60
N HIS A 63 0.63 9.37 5.78
CA HIS A 63 1.35 9.94 4.64
C HIS A 63 0.59 9.68 3.34
N ALA A 64 0.20 10.76 2.68
CA ALA A 64 -0.53 10.66 1.42
C ALA A 64 0.32 9.99 0.34
N PHE A 65 -0.29 9.08 -0.41
CA PHE A 65 0.41 8.37 -1.46
C PHE A 65 -0.57 7.76 -2.46
N HIS A 66 -0.30 7.94 -3.74
CA HIS A 66 -1.16 7.41 -4.80
C HIS A 66 -1.46 5.93 -4.57
N LEU A 67 -2.66 5.65 -4.08
CA LEU A 67 -3.07 4.27 -3.81
C LEU A 67 -2.54 3.33 -4.90
N LEU A 68 -2.32 3.86 -6.09
CA LEU A 68 -1.81 3.07 -7.19
C LEU A 68 -0.30 2.87 -7.07
N CYS A 69 0.42 3.95 -6.81
CA CYS A 69 1.88 3.89 -6.66
C CYS A 69 2.27 2.85 -5.61
N LEU A 70 1.62 2.92 -4.46
CA LEU A 70 1.90 2.01 -3.36
C LEU A 70 1.76 0.55 -3.82
N LEU A 71 0.74 0.29 -4.62
CA LEU A 71 0.50 -1.05 -5.13
C LEU A 71 1.66 -1.53 -5.99
N ALA A 72 2.05 -0.71 -6.96
CA ALA A 72 3.16 -1.05 -7.84
C ALA A 72 4.43 -1.37 -7.05
N MET A 73 4.75 -0.50 -6.09
CA MET A 73 5.92 -0.69 -5.26
C MET A 73 5.85 -2.01 -4.51
N TYR A 74 4.66 -2.36 -4.04
CA TYR A 74 4.45 -3.60 -3.30
C TYR A 74 4.62 -4.82 -4.22
N CYS A 75 4.02 -4.74 -5.40
CA CYS A 75 4.10 -5.84 -6.37
C CYS A 75 5.56 -6.17 -6.69
N ASN A 76 6.40 -5.15 -6.76
CA ASN A 76 7.81 -5.34 -7.06
C ASN A 76 8.55 -5.90 -5.85
N GLY A 77 8.21 -5.39 -4.66
CA GLY A 77 8.85 -5.87 -3.45
C GLY A 77 7.93 -5.79 -2.25
N ASN A 78 8.19 -6.64 -1.26
CA ASN A 78 7.38 -6.68 -0.04
C ASN A 78 6.02 -7.32 -0.33
N LYS A 79 6.04 -8.44 -1.05
CA LYS A 79 4.81 -9.15 -1.38
C LYS A 79 4.50 -10.22 -0.34
N ASP A 80 4.64 -9.86 0.93
CA ASP A 80 4.37 -10.78 2.02
C ASP A 80 3.20 -10.30 2.86
N GLY A 81 2.15 -9.83 2.20
CA GLY A 81 0.98 -9.36 2.90
C GLY A 81 1.28 -8.17 3.81
N SER A 82 2.02 -7.20 3.27
CA SER A 82 2.38 -6.02 4.04
C SER A 82 2.81 -4.88 3.11
N LEU A 83 2.49 -3.65 3.52
CA LEU A 83 2.85 -2.49 2.72
C LEU A 83 3.78 -1.56 3.49
N GLN A 84 4.97 -1.32 2.94
CA GLN A 84 5.95 -0.46 3.58
C GLN A 84 5.90 0.95 2.98
N CYS A 85 5.97 1.95 3.85
CA CYS A 85 5.93 3.34 3.41
C CYS A 85 7.32 3.82 3.02
N PRO A 86 7.47 4.25 1.76
CA PRO A 86 8.74 4.75 1.23
C PRO A 86 9.14 6.09 1.83
N SER A 87 8.34 6.57 2.78
CA SER A 87 8.61 7.84 3.45
C SER A 87 9.21 7.62 4.82
N CYS A 88 8.49 6.90 5.67
CA CYS A 88 8.95 6.62 7.03
C CYS A 88 9.31 5.14 7.19
N LYS A 89 9.50 4.46 6.06
CA LYS A 89 9.84 3.04 6.07
C LYS A 89 9.13 2.31 7.19
N THR A 90 7.86 2.65 7.40
CA THR A 90 7.06 2.02 8.45
C THR A 90 6.32 0.80 7.93
N ILE A 91 6.77 -0.38 8.34
CA ILE A 91 6.15 -1.63 7.91
C ILE A 91 4.77 -1.79 8.53
N TYR A 92 3.81 -2.22 7.71
CA TYR A 92 2.44 -2.43 8.18
C TYR A 92 2.13 -3.91 8.33
N GLY A 93 1.44 -4.26 9.41
CA GLY A 93 1.08 -5.65 9.65
C GLY A 93 2.22 -6.43 10.28
N GLU A 94 3.30 -6.62 9.52
CA GLU A 94 4.45 -7.36 10.01
C GLU A 94 4.95 -6.79 11.34
N LYS A 95 5.20 -5.48 11.35
CA LYS A 95 5.68 -4.81 12.56
C LYS A 95 4.80 -5.16 13.75
N THR A 96 3.49 -5.00 13.58
CA THR A 96 2.54 -5.30 14.66
C THR A 96 2.51 -6.80 14.96
N GLY A 97 3.32 -7.21 15.94
CA GLY A 97 3.37 -8.61 16.31
C GLY A 97 4.41 -8.89 17.38
N THR A 98 5.01 -10.07 17.32
CA THR A 98 6.02 -10.45 18.30
C THR A 98 7.32 -9.70 18.07
N GLN A 99 7.91 -9.89 16.89
CA GLN A 99 9.17 -9.21 16.55
C GLN A 99 9.14 -8.72 15.11
N PRO A 100 9.51 -7.44 14.91
CA PRO A 100 9.54 -6.82 13.59
C PRO A 100 10.66 -7.39 12.71
N TRP A 101 10.83 -6.79 11.53
CA TRP A 101 11.86 -7.23 10.61
C TRP A 101 13.18 -7.48 11.34
N GLY A 102 13.55 -6.57 12.22
CA GLY A 102 14.78 -6.71 12.97
C GLY A 102 14.56 -6.68 14.47
N LYS A 103 15.16 -7.63 15.18
CA LYS A 103 15.02 -7.71 16.63
C LYS A 103 15.69 -6.52 17.30
N MET A 104 15.13 -6.08 18.42
CA MET A 104 15.67 -4.96 19.17
C MET A 104 15.93 -5.34 20.62
N GLU A 105 14.86 -5.53 21.38
CA GLU A 105 14.96 -5.89 22.78
C GLU A 105 13.87 -6.88 23.17
N VAL A 106 14.04 -7.51 24.34
CA VAL A 106 13.06 -8.47 24.83
C VAL A 106 12.02 -7.80 25.73
N PHE A 107 10.86 -7.51 25.16
CA PHE A 107 9.78 -6.87 25.90
C PHE A 107 8.48 -7.66 25.77
N ARG A 108 7.61 -7.53 26.76
CA ARG A 108 6.33 -8.22 26.76
C ARG A 108 5.37 -7.59 25.76
N SER A 109 5.43 -8.03 24.51
CA SER A 109 4.57 -7.51 23.46
C SER A 109 3.10 -7.80 23.76
N GLY A 110 2.83 -9.05 24.15
CA GLY A 110 1.47 -9.45 24.47
C GLY A 110 0.75 -8.41 25.30
N PRO A 111 -0.37 -7.90 24.77
CA PRO A 111 -1.19 -6.89 25.46
C PRO A 111 -1.91 -7.46 26.68
N SER A 112 -1.67 -6.86 27.84
CA SER A 112 -2.29 -7.31 29.07
C SER A 112 -3.80 -7.08 29.04
N SER A 113 -4.48 -7.50 30.10
CA SER A 113 -5.93 -7.35 30.19
C SER A 113 -6.37 -6.02 29.59
N GLY A 114 -7.10 -6.09 28.47
CA GLY A 114 -7.56 -4.89 27.81
C GLY A 114 -8.09 -5.15 26.42
ZN ZN B . 2.58 8.68 -7.09
ZN ZN C . 5.04 7.10 6.01
N GLY A 1 -20.16 -10.28 -5.39
CA GLY A 1 -19.00 -11.14 -5.53
C GLY A 1 -18.40 -11.51 -4.19
N SER A 2 -17.17 -11.04 -3.95
CA SER A 2 -16.47 -11.32 -2.71
C SER A 2 -17.26 -10.79 -1.51
N SER A 3 -16.86 -11.21 -0.32
CA SER A 3 -17.53 -10.79 0.91
C SER A 3 -16.53 -10.24 1.92
N GLY A 4 -15.42 -10.97 2.09
CA GLY A 4 -14.40 -10.55 3.03
C GLY A 4 -13.27 -11.55 3.15
N SER A 5 -12.41 -11.60 2.14
CA SER A 5 -11.29 -12.53 2.13
C SER A 5 -9.96 -11.79 2.02
N SER A 6 -9.45 -11.32 3.16
CA SER A 6 -8.19 -10.58 3.18
C SER A 6 -7.07 -11.40 2.55
N GLY A 7 -6.75 -11.08 1.29
CA GLY A 7 -5.70 -11.80 0.60
C GLY A 7 -5.06 -10.97 -0.49
N GLU A 8 -5.87 -10.53 -1.45
CA GLU A 8 -5.38 -9.73 -2.56
C GLU A 8 -4.69 -8.46 -2.05
N PRO A 9 -3.77 -7.92 -2.86
CA PRO A 9 -3.02 -6.70 -2.51
C PRO A 9 -3.91 -5.46 -2.53
N GLU A 10 -4.65 -5.28 -3.61
CA GLU A 10 -5.54 -4.13 -3.75
C GLU A 10 -6.19 -3.79 -2.41
N GLN A 11 -6.59 -4.81 -1.67
CA GLN A 11 -7.23 -4.61 -0.37
C GLN A 11 -6.21 -4.18 0.67
N VAL A 12 -5.10 -4.91 0.74
CA VAL A 12 -4.04 -4.60 1.70
C VAL A 12 -3.68 -3.12 1.66
N ILE A 13 -3.71 -2.53 0.46
CA ILE A 13 -3.39 -1.13 0.30
C ILE A 13 -4.42 -0.24 0.99
N ARG A 14 -5.67 -0.37 0.59
CA ARG A 14 -6.75 0.42 1.16
C ARG A 14 -6.84 0.19 2.67
N LYS A 15 -6.60 -1.05 3.09
CA LYS A 15 -6.65 -1.40 4.50
C LYS A 15 -5.72 -0.51 5.32
N TYR A 16 -4.61 -0.11 4.72
CA TYR A 16 -3.64 0.75 5.39
C TYR A 16 -3.79 2.20 4.96
N THR A 17 -4.34 2.39 3.75
CA THR A 17 -4.54 3.73 3.21
C THR A 17 -6.02 4.04 3.04
N GLU A 18 -6.45 5.17 3.59
CA GLU A 18 -7.84 5.58 3.49
C GLU A 18 -8.04 6.66 2.43
N GLU A 19 -8.59 6.28 1.29
CA GLU A 19 -8.83 7.21 0.20
C GLU A 19 -9.45 8.50 0.71
N LEU A 20 -8.87 9.63 0.32
CA LEU A 20 -9.36 10.93 0.74
C LEU A 20 -10.34 11.50 -0.28
N LYS A 21 -11.36 12.20 0.21
CA LYS A 21 -12.37 12.79 -0.65
C LYS A 21 -11.72 13.51 -1.84
N VAL A 22 -10.53 14.05 -1.61
CA VAL A 22 -9.80 14.76 -2.66
C VAL A 22 -8.31 14.81 -2.35
N ALA A 23 -7.49 14.45 -3.33
CA ALA A 23 -6.04 14.45 -3.17
C ALA A 23 -5.59 15.71 -2.43
N PRO A 24 -4.79 15.51 -1.36
CA PRO A 24 -4.27 16.62 -0.56
C PRO A 24 -3.23 17.45 -1.30
N GLU A 25 -2.62 18.40 -0.60
CA GLU A 25 -1.61 19.27 -1.21
C GLU A 25 -0.22 18.72 -0.95
N GLU A 26 -0.11 17.40 -0.83
CA GLU A 26 1.17 16.75 -0.59
C GLU A 26 1.82 16.32 -1.89
N ASP A 27 3.03 15.76 -1.79
CA ASP A 27 3.77 15.31 -2.97
C ASP A 27 4.18 13.85 -2.81
N CYS A 28 4.02 13.07 -3.88
CA CYS A 28 4.38 11.66 -3.86
C CYS A 28 5.87 11.48 -4.17
N ILE A 29 6.56 10.75 -3.31
CA ILE A 29 7.99 10.49 -3.49
C ILE A 29 8.21 9.28 -4.38
N ILE A 30 7.27 8.35 -4.35
CA ILE A 30 7.37 7.13 -5.15
C ILE A 30 7.49 7.47 -6.64
N CYS A 31 6.71 8.45 -7.09
CA CYS A 31 6.74 8.86 -8.48
C CYS A 31 7.27 10.28 -8.62
N MET A 32 7.51 10.93 -7.48
CA MET A 32 8.02 12.29 -7.47
C MET A 32 7.12 13.22 -8.28
N GLU A 33 5.82 13.15 -8.01
CA GLU A 33 4.84 13.99 -8.71
C GLU A 33 3.76 14.48 -7.76
N LYS A 34 3.20 15.65 -8.06
CA LYS A 34 2.15 16.23 -7.24
C LYS A 34 0.88 15.39 -7.31
N LEU A 35 0.41 14.94 -6.14
CA LEU A 35 -0.80 14.12 -6.07
C LEU A 35 -1.89 14.69 -6.98
N ALA A 36 -1.92 16.01 -7.10
CA ALA A 36 -2.91 16.68 -7.94
C ALA A 36 -3.05 15.98 -9.29
N VAL A 37 -1.92 15.56 -9.85
CA VAL A 37 -1.92 14.87 -11.13
C VAL A 37 -2.07 13.36 -10.95
N ALA A 38 -2.09 12.64 -12.08
CA ALA A 38 -2.21 11.19 -12.04
C ALA A 38 -0.92 10.54 -11.58
N SER A 39 -0.98 9.24 -11.29
CA SER A 39 0.19 8.49 -10.84
C SER A 39 1.12 8.18 -12.01
N GLY A 40 2.42 8.24 -11.76
CA GLY A 40 3.40 7.96 -12.79
C GLY A 40 3.33 6.52 -13.27
N TYR A 41 3.09 5.60 -12.34
CA TYR A 41 3.00 4.18 -12.67
C TYR A 41 1.72 3.86 -13.41
N SER A 42 0.82 4.85 -13.47
CA SER A 42 -0.46 4.67 -14.15
C SER A 42 -0.30 3.80 -15.39
N ASP A 43 0.72 4.09 -16.19
CA ASP A 43 1.00 3.34 -17.40
C ASP A 43 1.46 1.92 -17.08
N MET A 44 2.44 1.82 -16.20
CA MET A 44 2.98 0.52 -15.80
C MET A 44 1.86 -0.39 -15.28
N THR A 45 1.15 0.09 -14.27
CA THR A 45 0.06 -0.69 -13.68
C THR A 45 -1.29 -0.20 -14.19
N ASP A 46 -1.97 -1.06 -14.94
CA ASP A 46 -3.28 -0.73 -15.50
C ASP A 46 -4.40 -1.27 -14.62
N SER A 47 -4.17 -1.24 -13.31
CA SER A 47 -5.16 -1.75 -12.36
C SER A 47 -6.53 -1.10 -12.60
N LYS A 48 -7.58 -1.90 -12.53
CA LYS A 48 -8.94 -1.41 -12.73
C LYS A 48 -9.53 -0.88 -11.43
N ALA A 49 -9.63 -1.75 -10.43
CA ALA A 49 -10.18 -1.36 -9.13
C ALA A 49 -9.59 -0.03 -8.67
N LEU A 50 -8.27 0.01 -8.52
CA LEU A 50 -7.58 1.21 -8.07
C LEU A 50 -7.33 2.15 -9.25
N GLY A 51 -7.17 3.44 -8.95
CA GLY A 51 -6.93 4.41 -9.98
C GLY A 51 -5.62 5.16 -9.78
N PRO A 52 -5.05 5.69 -10.88
CA PRO A 52 -3.79 6.44 -10.83
C PRO A 52 -3.94 7.79 -10.14
N MET A 53 -5.08 8.44 -10.35
CA MET A 53 -5.35 9.74 -9.76
C MET A 53 -5.78 9.59 -8.30
N VAL A 54 -6.41 8.46 -7.99
CA VAL A 54 -6.89 8.18 -6.64
C VAL A 54 -5.74 8.26 -5.64
N VAL A 55 -5.95 9.00 -4.56
CA VAL A 55 -4.93 9.15 -3.52
C VAL A 55 -5.53 8.94 -2.13
N GLY A 56 -4.72 8.41 -1.22
CA GLY A 56 -5.18 8.17 0.14
C GLY A 56 -4.09 8.37 1.17
N ARG A 57 -4.49 8.58 2.42
CA ARG A 57 -3.54 8.79 3.50
C ARG A 57 -3.50 7.59 4.43
N LEU A 58 -2.30 7.06 4.66
CA LEU A 58 -2.13 5.90 5.52
C LEU A 58 -2.85 6.11 6.86
N THR A 59 -2.97 5.03 7.63
CA THR A 59 -3.63 5.10 8.93
C THR A 59 -2.62 5.07 10.07
N LYS A 60 -1.36 4.87 9.71
CA LYS A 60 -0.28 4.82 10.71
C LYS A 60 0.39 6.19 10.85
N CYS A 61 1.11 6.60 9.82
CA CYS A 61 1.80 7.87 9.82
C CYS A 61 0.95 8.96 9.18
N SER A 62 -0.17 8.56 8.59
CA SER A 62 -1.08 9.49 7.94
C SER A 62 -0.36 10.24 6.82
N HIS A 63 0.32 9.49 5.95
CA HIS A 63 1.05 10.08 4.83
C HIS A 63 0.34 9.81 3.51
N ALA A 64 -0.06 10.87 2.82
CA ALA A 64 -0.74 10.73 1.54
C ALA A 64 0.16 10.07 0.50
N PHE A 65 -0.43 9.19 -0.30
CA PHE A 65 0.31 8.49 -1.34
C PHE A 65 -0.62 7.90 -2.38
N HIS A 66 -0.21 7.95 -3.64
CA HIS A 66 -1.01 7.42 -4.74
C HIS A 66 -1.39 5.96 -4.48
N LEU A 67 -2.64 5.74 -4.11
CA LEU A 67 -3.13 4.39 -3.83
C LEU A 67 -2.56 3.39 -4.84
N LEU A 68 -2.31 3.87 -6.06
CA LEU A 68 -1.78 3.02 -7.11
C LEU A 68 -0.28 2.78 -6.91
N CYS A 69 0.47 3.86 -6.74
CA CYS A 69 1.91 3.76 -6.53
C CYS A 69 2.23 2.73 -5.45
N LEU A 70 1.55 2.84 -4.32
CA LEU A 70 1.77 1.91 -3.21
C LEU A 70 1.55 0.46 -3.66
N LEU A 71 0.57 0.25 -4.51
CA LEU A 71 0.27 -1.07 -5.02
C LEU A 71 1.32 -1.54 -6.03
N ALA A 72 1.75 -0.61 -6.88
CA ALA A 72 2.76 -0.92 -7.88
C ALA A 72 4.08 -1.36 -7.23
N MET A 73 4.47 -0.64 -6.19
CA MET A 73 5.71 -0.95 -5.47
C MET A 73 5.60 -2.30 -4.76
N TYR A 74 4.44 -2.55 -4.16
CA TYR A 74 4.21 -3.79 -3.43
C TYR A 74 4.21 -4.98 -4.39
N CYS A 75 3.57 -4.81 -5.54
CA CYS A 75 3.49 -5.87 -6.54
C CYS A 75 4.89 -6.25 -7.03
N ASN A 76 5.80 -5.28 -7.05
CA ASN A 76 7.16 -5.51 -7.50
C ASN A 76 7.98 -6.21 -6.43
N GLY A 77 7.77 -5.80 -5.17
CA GLY A 77 8.49 -6.40 -4.07
C GLY A 77 7.72 -6.33 -2.76
N ASN A 78 8.15 -7.11 -1.78
CA ASN A 78 7.50 -7.12 -0.48
C ASN A 78 6.04 -7.57 -0.60
N LYS A 79 5.85 -8.72 -1.26
CA LYS A 79 4.51 -9.27 -1.45
C LYS A 79 4.18 -10.28 -0.36
N ASP A 80 4.50 -9.93 0.89
CA ASP A 80 4.24 -10.81 2.02
C ASP A 80 3.17 -10.22 2.93
N GLY A 81 2.08 -9.75 2.33
CA GLY A 81 1.00 -9.15 3.11
C GLY A 81 1.49 -8.06 4.04
N SER A 82 2.17 -7.06 3.47
CA SER A 82 2.69 -5.95 4.25
C SER A 82 3.03 -4.77 3.36
N LEU A 83 2.67 -3.57 3.81
CA LEU A 83 2.94 -2.36 3.06
C LEU A 83 3.82 -1.40 3.86
N GLN A 84 4.95 -1.02 3.28
CA GLN A 84 5.87 -0.09 3.94
C GLN A 84 5.81 1.29 3.31
N CYS A 85 6.11 2.31 4.11
CA CYS A 85 6.09 3.69 3.62
C CYS A 85 7.48 4.14 3.21
N PRO A 86 7.63 4.52 1.93
CA PRO A 86 8.90 4.98 1.37
C PRO A 86 9.32 6.34 1.92
N SER A 87 8.51 6.88 2.84
CA SER A 87 8.78 8.18 3.44
C SER A 87 9.35 8.01 4.85
N CYS A 88 8.54 7.43 5.73
CA CYS A 88 8.96 7.22 7.12
C CYS A 88 9.49 5.81 7.31
N LYS A 89 9.68 5.09 6.20
CA LYS A 89 10.19 3.72 6.24
C LYS A 89 9.48 2.92 7.34
N THR A 90 8.16 3.06 7.40
CA THR A 90 7.38 2.35 8.40
C THR A 90 6.64 1.17 7.77
N ILE A 91 6.95 -0.04 8.23
CA ILE A 91 6.32 -1.24 7.71
C ILE A 91 5.01 -1.53 8.43
N TYR A 92 3.98 -1.88 7.67
CA TYR A 92 2.67 -2.18 8.23
C TYR A 92 2.48 -3.68 8.40
N GLY A 93 1.89 -4.08 9.52
CA GLY A 93 1.65 -5.49 9.78
C GLY A 93 2.90 -6.21 10.23
N GLU A 94 3.90 -6.25 9.36
CA GLU A 94 5.17 -6.92 9.68
C GLU A 94 6.18 -5.93 10.26
N LYS A 95 7.18 -6.46 10.95
CA LYS A 95 8.21 -5.63 11.55
C LYS A 95 9.38 -6.47 12.04
N THR A 96 10.52 -6.33 11.38
CA THR A 96 11.72 -7.08 11.74
C THR A 96 11.38 -8.54 12.04
N GLY A 97 10.52 -9.12 11.21
CA GLY A 97 10.14 -10.51 11.40
C GLY A 97 10.05 -10.90 12.86
N THR A 98 9.43 -10.05 13.67
CA THR A 98 9.29 -10.30 15.09
C THR A 98 8.05 -11.13 15.38
N GLN A 99 6.89 -10.59 15.02
CA GLN A 99 5.62 -11.28 15.25
C GLN A 99 4.47 -10.57 14.53
N PRO A 100 4.01 -11.19 13.42
CA PRO A 100 2.92 -10.63 12.63
C PRO A 100 1.57 -10.70 13.35
N TRP A 101 0.50 -10.36 12.63
CA TRP A 101 -0.83 -10.37 13.21
C TRP A 101 -1.55 -11.67 12.87
N GLY A 102 -2.20 -12.27 13.88
CA GLY A 102 -2.92 -13.52 13.67
C GLY A 102 -2.53 -14.58 14.67
N LYS A 103 -3.49 -15.01 15.48
CA LYS A 103 -3.25 -16.03 16.48
C LYS A 103 -3.99 -17.33 16.13
N MET A 104 -3.32 -18.19 15.38
CA MET A 104 -3.91 -19.46 14.97
C MET A 104 -2.86 -20.37 14.34
N GLU A 105 -2.69 -21.57 14.90
CA GLU A 105 -1.72 -22.52 14.38
C GLU A 105 -2.27 -23.25 13.16
N VAL A 106 -2.71 -22.47 12.17
CA VAL A 106 -3.25 -23.05 10.94
C VAL A 106 -2.54 -22.49 9.71
N PHE A 107 -2.25 -23.37 8.76
CA PHE A 107 -1.57 -22.98 7.53
C PHE A 107 -2.29 -23.53 6.31
N ARG A 108 -3.41 -22.91 5.95
CA ARG A 108 -4.19 -23.35 4.81
C ARG A 108 -5.36 -22.40 4.54
N SER A 109 -6.07 -22.63 3.44
CA SER A 109 -7.21 -21.80 3.09
C SER A 109 -8.50 -22.61 3.08
N GLY A 110 -9.07 -22.81 4.27
CA GLY A 110 -10.30 -23.57 4.37
C GLY A 110 -10.22 -24.91 3.67
N PRO A 111 -10.05 -25.99 4.44
CA PRO A 111 -9.96 -27.34 3.90
C PRO A 111 -11.28 -27.84 3.34
N SER A 112 -12.35 -27.65 4.10
CA SER A 112 -13.68 -28.08 3.67
C SER A 112 -14.34 -27.02 2.80
N SER A 113 -14.35 -25.79 3.29
CA SER A 113 -14.95 -24.67 2.56
C SER A 113 -13.98 -23.52 2.42
N GLY A 114 -13.26 -23.47 1.30
CA GLY A 114 -12.30 -22.42 1.07
C GLY A 114 -12.95 -21.14 0.56
ZN ZN B . 2.84 8.53 -6.97
ZN ZN C . 4.89 7.50 6.06
N GLY A 1 -18.80 -17.10 6.87
CA GLY A 1 -18.41 -17.37 5.50
C GLY A 1 -16.91 -17.35 5.30
N SER A 2 -16.48 -17.39 4.05
CA SER A 2 -15.06 -17.38 3.72
C SER A 2 -14.36 -16.20 4.39
N SER A 3 -13.39 -16.50 5.25
CA SER A 3 -12.65 -15.46 5.95
C SER A 3 -11.24 -15.32 5.37
N GLY A 4 -10.96 -14.16 4.78
CA GLY A 4 -9.65 -13.92 4.20
C GLY A 4 -9.28 -14.97 3.17
N SER A 5 -9.90 -14.89 2.00
CA SER A 5 -9.63 -15.84 0.92
C SER A 5 -9.12 -15.11 -0.32
N SER A 6 -8.20 -15.77 -1.03
CA SER A 6 -7.62 -15.19 -2.24
C SER A 6 -7.20 -13.74 -2.00
N GLY A 7 -6.62 -13.49 -0.83
CA GLY A 7 -6.18 -12.14 -0.49
C GLY A 7 -5.41 -11.50 -1.62
N GLU A 8 -5.86 -10.32 -2.06
CA GLU A 8 -5.20 -9.60 -3.14
C GLU A 8 -4.46 -8.38 -2.60
N PRO A 9 -3.50 -7.88 -3.40
CA PRO A 9 -2.70 -6.71 -3.02
C PRO A 9 -3.51 -5.43 -3.01
N GLU A 10 -4.48 -5.33 -3.91
CA GLU A 10 -5.33 -4.15 -4.00
C GLU A 10 -5.84 -3.74 -2.63
N GLN A 11 -6.40 -4.70 -1.90
CA GLN A 11 -6.94 -4.44 -0.57
C GLN A 11 -5.82 -4.07 0.39
N VAL A 12 -4.81 -4.93 0.50
CA VAL A 12 -3.68 -4.69 1.38
C VAL A 12 -3.32 -3.22 1.44
N ILE A 13 -3.44 -2.54 0.30
CA ILE A 13 -3.14 -1.12 0.21
C ILE A 13 -4.15 -0.30 1.01
N ARG A 14 -5.40 -0.34 0.61
CA ARG A 14 -6.45 0.41 1.29
C ARG A 14 -6.45 0.11 2.78
N LYS A 15 -6.36 -1.17 3.12
CA LYS A 15 -6.35 -1.59 4.52
C LYS A 15 -5.36 -0.75 5.34
N TYR A 16 -4.39 -0.16 4.65
CA TYR A 16 -3.38 0.67 5.31
C TYR A 16 -3.52 2.13 4.86
N THR A 17 -4.14 2.33 3.72
CA THR A 17 -4.33 3.69 3.18
C THR A 17 -5.81 4.00 3.01
N GLU A 18 -6.23 5.17 3.48
CA GLU A 18 -7.62 5.59 3.37
C GLU A 18 -7.77 6.73 2.36
N GLU A 19 -8.39 6.42 1.23
CA GLU A 19 -8.59 7.42 0.18
C GLU A 19 -9.28 8.66 0.74
N LEU A 20 -8.94 9.82 0.19
CA LEU A 20 -9.53 11.08 0.63
C LEU A 20 -10.47 11.65 -0.43
N LYS A 21 -11.58 12.20 0.02
CA LYS A 21 -12.57 12.78 -0.89
C LYS A 21 -11.89 13.52 -2.03
N VAL A 22 -10.73 14.12 -1.74
CA VAL A 22 -9.98 14.86 -2.73
C VAL A 22 -8.48 14.89 -2.38
N ALA A 23 -7.65 14.70 -3.39
CA ALA A 23 -6.21 14.69 -3.20
C ALA A 23 -5.78 15.81 -2.24
N PRO A 24 -5.01 15.45 -1.21
CA PRO A 24 -4.52 16.40 -0.22
C PRO A 24 -3.48 17.36 -0.79
N GLU A 25 -2.88 18.16 0.09
CA GLU A 25 -1.87 19.12 -0.33
C GLU A 25 -0.47 18.55 -0.17
N GLU A 26 -0.36 17.23 -0.34
CA GLU A 26 0.93 16.55 -0.23
C GLU A 26 1.48 16.18 -1.60
N ASP A 27 2.75 15.80 -1.63
CA ASP A 27 3.40 15.42 -2.89
C ASP A 27 3.89 13.98 -2.82
N CYS A 28 3.74 13.26 -3.93
CA CYS A 28 4.16 11.87 -4.01
C CYS A 28 5.63 11.77 -4.42
N ILE A 29 6.44 11.17 -3.55
CA ILE A 29 7.86 11.01 -3.82
C ILE A 29 8.13 9.75 -4.64
N ILE A 30 7.18 8.83 -4.63
CA ILE A 30 7.30 7.59 -5.38
C ILE A 30 7.44 7.86 -6.87
N CYS A 31 6.67 8.82 -7.36
CA CYS A 31 6.71 9.18 -8.78
C CYS A 31 7.13 10.63 -8.96
N MET A 32 7.28 11.34 -7.84
CA MET A 32 7.67 12.75 -7.88
C MET A 32 6.67 13.57 -8.67
N GLU A 33 5.38 13.37 -8.40
CA GLU A 33 4.32 14.09 -9.09
C GLU A 33 3.26 14.57 -8.11
N LYS A 34 2.74 15.76 -8.34
CA LYS A 34 1.71 16.33 -7.48
C LYS A 34 0.45 15.46 -7.49
N LEU A 35 -0.06 15.14 -6.32
CA LEU A 35 -1.26 14.32 -6.19
C LEU A 35 -2.37 14.86 -7.08
N ALA A 36 -2.38 16.17 -7.30
CA ALA A 36 -3.38 16.81 -8.14
C ALA A 36 -3.47 16.13 -9.50
N VAL A 37 -2.33 15.69 -10.02
CA VAL A 37 -2.28 15.03 -11.32
C VAL A 37 -2.32 13.51 -11.16
N ALA A 38 -2.39 12.80 -12.29
CA ALA A 38 -2.44 11.35 -12.27
C ALA A 38 -1.13 10.77 -11.77
N SER A 39 -1.13 9.46 -11.52
CA SER A 39 0.06 8.78 -11.02
C SER A 39 1.04 8.49 -12.16
N GLY A 40 2.33 8.39 -11.82
CA GLY A 40 3.34 8.12 -12.83
C GLY A 40 3.33 6.67 -13.28
N TYR A 41 2.86 5.79 -12.41
CA TYR A 41 2.81 4.36 -12.73
C TYR A 41 1.54 4.03 -13.51
N SER A 42 0.66 5.02 -13.66
CA SER A 42 -0.59 4.82 -14.38
C SER A 42 -0.41 3.88 -15.57
N ASP A 43 0.80 3.91 -16.14
CA ASP A 43 1.11 3.06 -17.28
C ASP A 43 1.62 1.70 -16.82
N MET A 44 2.63 1.71 -15.95
CA MET A 44 3.21 0.48 -15.43
C MET A 44 2.13 -0.43 -14.83
N THR A 45 1.25 0.16 -14.03
CA THR A 45 0.18 -0.59 -13.40
C THR A 45 -1.06 -0.66 -14.31
N ASP A 46 -1.81 -1.75 -14.20
CA ASP A 46 -3.00 -1.92 -15.02
C ASP A 46 -4.17 -2.42 -14.16
N SER A 47 -4.18 -2.02 -12.89
CA SER A 47 -5.23 -2.43 -11.97
C SER A 47 -6.39 -1.44 -12.01
N LYS A 48 -7.54 -1.91 -12.48
CA LYS A 48 -8.74 -1.08 -12.56
C LYS A 48 -9.20 -0.64 -11.18
N ALA A 49 -9.31 -1.61 -10.26
CA ALA A 49 -9.74 -1.32 -8.90
C ALA A 49 -9.19 0.02 -8.43
N LEU A 50 -7.87 0.17 -8.49
CA LEU A 50 -7.23 1.41 -8.06
C LEU A 50 -7.30 2.47 -9.16
N GLY A 51 -6.78 3.66 -8.87
CA GLY A 51 -6.80 4.73 -9.84
C GLY A 51 -5.56 5.60 -9.77
N PRO A 52 -5.08 6.06 -10.93
CA PRO A 52 -3.89 6.91 -11.02
C PRO A 52 -4.12 8.30 -10.44
N MET A 53 -5.39 8.66 -10.29
CA MET A 53 -5.75 9.98 -9.76
C MET A 53 -6.10 9.88 -8.27
N VAL A 54 -6.78 8.79 -7.91
CA VAL A 54 -7.18 8.58 -6.52
C VAL A 54 -5.98 8.68 -5.58
N VAL A 55 -6.21 9.25 -4.41
CA VAL A 55 -5.14 9.40 -3.41
C VAL A 55 -5.68 9.23 -1.99
N GLY A 56 -4.89 8.57 -1.15
CA GLY A 56 -5.31 8.36 0.22
C GLY A 56 -4.20 8.62 1.22
N ARG A 57 -4.55 8.70 2.50
CA ARG A 57 -3.58 8.97 3.55
C ARG A 57 -3.47 7.77 4.50
N LEU A 58 -2.26 7.24 4.65
CA LEU A 58 -2.03 6.11 5.53
C LEU A 58 -2.76 6.29 6.86
N THR A 59 -2.83 5.21 7.65
CA THR A 59 -3.50 5.25 8.94
C THR A 59 -2.49 5.20 10.08
N LYS A 60 -1.22 5.38 9.75
CA LYS A 60 -0.15 5.36 10.75
C LYS A 60 0.55 6.70 10.81
N CYS A 61 1.35 7.00 9.79
CA CYS A 61 2.09 8.25 9.71
C CYS A 61 1.26 9.33 9.02
N SER A 62 0.08 8.95 8.54
CA SER A 62 -0.80 9.89 7.85
C SER A 62 -0.08 10.57 6.70
N HIS A 63 0.54 9.77 5.83
CA HIS A 63 1.27 10.29 4.68
C HIS A 63 0.53 9.99 3.38
N ALA A 64 0.01 11.02 2.74
CA ALA A 64 -0.70 10.86 1.48
C ALA A 64 0.17 10.19 0.43
N PHE A 65 -0.43 9.31 -0.36
CA PHE A 65 0.30 8.60 -1.42
C PHE A 65 -0.65 8.04 -2.47
N HIS A 66 -0.20 8.01 -3.71
CA HIS A 66 -1.01 7.49 -4.81
C HIS A 66 -1.33 6.01 -4.61
N LEU A 67 -2.54 5.74 -4.12
CA LEU A 67 -2.97 4.37 -3.87
C LEU A 67 -2.47 3.44 -4.98
N LEU A 68 -2.24 4.00 -6.16
CA LEU A 68 -1.77 3.23 -7.30
C LEU A 68 -0.26 3.01 -7.21
N CYS A 69 0.47 4.08 -6.95
CA CYS A 69 1.93 4.01 -6.84
C CYS A 69 2.34 2.98 -5.81
N LEU A 70 1.71 3.03 -4.64
CA LEU A 70 2.02 2.09 -3.57
C LEU A 70 1.89 0.65 -4.04
N LEU A 71 0.78 0.35 -4.70
CA LEU A 71 0.54 -1.00 -5.22
C LEU A 71 1.72 -1.49 -6.04
N ALA A 72 2.17 -0.66 -6.98
CA ALA A 72 3.30 -1.00 -7.83
C ALA A 72 4.52 -1.35 -7.01
N MET A 73 4.87 -0.47 -6.07
CA MET A 73 6.02 -0.69 -5.21
C MET A 73 5.91 -2.02 -4.47
N TYR A 74 4.74 -2.27 -3.89
CA TYR A 74 4.50 -3.50 -3.15
C TYR A 74 4.64 -4.72 -4.06
N CYS A 75 4.03 -4.65 -5.23
CA CYS A 75 4.08 -5.74 -6.19
C CYS A 75 5.52 -6.15 -6.48
N ASN A 76 6.32 -5.17 -6.91
CA ASN A 76 7.73 -5.43 -7.23
C ASN A 76 8.49 -5.85 -5.98
N GLY A 77 7.87 -5.69 -4.82
CA GLY A 77 8.50 -6.07 -3.57
C GLY A 77 8.22 -7.51 -3.18
N ASN A 78 7.77 -7.71 -1.94
CA ASN A 78 7.47 -9.04 -1.45
C ASN A 78 5.96 -9.21 -1.24
N LYS A 79 5.27 -9.67 -2.28
CA LYS A 79 3.83 -9.88 -2.20
C LYS A 79 3.48 -10.97 -1.19
N ASP A 80 3.63 -10.65 0.09
CA ASP A 80 3.34 -11.61 1.15
C ASP A 80 2.20 -11.09 2.04
N GLY A 81 2.27 -9.82 2.40
CA GLY A 81 1.26 -9.22 3.25
C GLY A 81 1.81 -8.15 4.16
N SER A 82 2.22 -7.03 3.57
CA SER A 82 2.79 -5.92 4.34
C SER A 82 3.07 -4.73 3.43
N LEU A 83 2.84 -3.53 3.96
CA LEU A 83 3.07 -2.30 3.20
C LEU A 83 3.92 -1.32 4.00
N GLN A 84 5.08 -0.96 3.48
CA GLN A 84 5.98 -0.04 4.13
C GLN A 84 6.01 1.31 3.41
N CYS A 85 5.93 2.40 4.16
CA CYS A 85 5.96 3.73 3.58
C CYS A 85 7.27 4.00 2.86
N PRO A 86 7.19 4.40 1.59
CA PRO A 86 8.37 4.69 0.77
C PRO A 86 9.09 5.95 1.21
N SER A 87 8.60 6.55 2.30
CA SER A 87 9.20 7.77 2.83
C SER A 87 9.71 7.55 4.25
N CYS A 88 8.79 7.51 5.20
CA CYS A 88 9.14 7.31 6.61
C CYS A 88 9.62 5.88 6.85
N LYS A 89 9.41 5.02 5.85
CA LYS A 89 9.82 3.62 5.95
C LYS A 89 9.19 2.95 7.18
N THR A 90 7.87 3.03 7.26
CA THR A 90 7.15 2.44 8.38
C THR A 90 6.36 1.20 7.93
N ILE A 91 6.65 0.06 8.56
CA ILE A 91 5.97 -1.19 8.23
C ILE A 91 4.58 -1.24 8.86
N TYR A 92 3.63 -1.78 8.12
CA TYR A 92 2.25 -1.89 8.60
C TYR A 92 1.86 -3.35 8.79
N GLY A 93 2.32 -4.20 7.87
CA GLY A 93 2.00 -5.62 7.94
C GLY A 93 2.20 -6.18 9.33
N GLU A 94 3.46 -6.45 9.68
CA GLU A 94 3.79 -6.99 11.00
C GLU A 94 4.72 -6.05 11.76
N LYS A 95 4.17 -4.93 12.21
CA LYS A 95 4.94 -3.95 12.96
C LYS A 95 4.67 -4.05 14.46
N THR A 96 3.43 -3.81 14.84
CA THR A 96 3.03 -3.89 16.25
C THR A 96 3.00 -5.32 16.72
N GLY A 97 3.79 -5.61 17.75
CA GLY A 97 3.84 -6.97 18.30
C GLY A 97 4.88 -7.83 17.61
N THR A 98 4.88 -9.11 17.93
CA THR A 98 5.83 -10.06 17.35
C THR A 98 5.20 -10.80 16.18
N GLN A 99 3.90 -10.60 15.98
CA GLN A 99 3.19 -11.27 14.90
C GLN A 99 2.03 -10.41 14.41
N PRO A 100 1.86 -10.34 13.08
CA PRO A 100 0.78 -9.55 12.46
C PRO A 100 -0.60 -10.17 12.70
N TRP A 101 -1.62 -9.55 12.13
CA TRP A 101 -2.99 -10.03 12.27
C TRP A 101 -3.20 -11.31 11.47
N GLY A 102 -3.35 -12.43 12.18
CA GLY A 102 -3.57 -13.70 11.53
C GLY A 102 -2.62 -14.78 12.02
N LYS A 103 -2.75 -15.15 13.29
CA LYS A 103 -1.90 -16.18 13.88
C LYS A 103 -1.88 -17.43 13.01
N MET A 104 -0.72 -17.70 12.40
CA MET A 104 -0.57 -18.87 11.54
C MET A 104 -0.27 -20.11 12.37
N GLU A 105 -1.04 -20.31 13.44
CA GLU A 105 -0.85 -21.46 14.31
C GLU A 105 -1.33 -22.74 13.63
N VAL A 106 -2.59 -22.75 13.19
CA VAL A 106 -3.16 -23.91 12.54
C VAL A 106 -2.98 -23.83 11.03
N PHE A 107 -2.32 -24.84 10.46
CA PHE A 107 -2.08 -24.88 9.02
C PHE A 107 -3.38 -25.11 8.26
N ARG A 108 -4.20 -26.03 8.76
CA ARG A 108 -5.47 -26.35 8.13
C ARG A 108 -6.55 -25.38 8.57
N SER A 109 -7.70 -25.43 7.89
CA SER A 109 -8.81 -24.55 8.20
C SER A 109 -10.12 -25.34 8.32
N GLY A 110 -10.51 -25.99 7.22
CA GLY A 110 -11.73 -26.77 7.22
C GLY A 110 -12.94 -25.94 6.88
N PRO A 111 -13.03 -25.51 5.61
CA PRO A 111 -14.15 -24.69 5.12
C PRO A 111 -15.45 -25.49 5.04
N SER A 112 -15.38 -26.68 4.45
CA SER A 112 -16.55 -27.53 4.31
C SER A 112 -16.79 -28.36 5.57
N SER A 113 -15.80 -29.20 5.92
CA SER A 113 -15.89 -30.04 7.10
C SER A 113 -16.01 -29.19 8.36
N GLY A 114 -16.52 -29.80 9.43
CA GLY A 114 -16.68 -29.09 10.69
C GLY A 114 -16.62 -30.02 11.88
ZN ZN B . 2.71 8.82 -7.23
ZN ZN C . 4.83 7.76 5.89
N GLY A 1 -9.15 -11.00 9.78
CA GLY A 1 -10.43 -10.74 10.41
C GLY A 1 -11.39 -11.90 10.27
N SER A 2 -12.69 -11.61 10.30
CA SER A 2 -13.71 -12.64 10.19
C SER A 2 -14.44 -12.53 8.86
N SER A 3 -14.80 -11.31 8.48
CA SER A 3 -15.51 -11.08 7.22
C SER A 3 -14.54 -11.05 6.05
N GLY A 4 -13.50 -10.23 6.16
CA GLY A 4 -12.52 -10.12 5.10
C GLY A 4 -11.19 -10.75 5.48
N SER A 5 -10.77 -11.75 4.71
CA SER A 5 -9.52 -12.44 4.97
C SER A 5 -8.37 -11.82 4.17
N SER A 6 -7.42 -11.21 4.88
CA SER A 6 -6.29 -10.56 4.23
C SER A 6 -5.74 -11.44 3.10
N GLY A 7 -5.55 -10.83 1.93
CA GLY A 7 -5.03 -11.57 0.79
C GLY A 7 -4.53 -10.65 -0.31
N GLU A 8 -5.38 -10.39 -1.30
CA GLU A 8 -5.01 -9.53 -2.42
C GLU A 8 -4.34 -8.26 -1.92
N PRO A 9 -3.44 -7.71 -2.74
CA PRO A 9 -2.71 -6.47 -2.41
C PRO A 9 -3.62 -5.25 -2.41
N GLU A 10 -4.45 -5.14 -3.43
CA GLU A 10 -5.38 -4.01 -3.56
C GLU A 10 -6.02 -3.69 -2.21
N GLN A 11 -6.48 -4.72 -1.51
CA GLN A 11 -7.11 -4.55 -0.21
C GLN A 11 -6.10 -4.10 0.83
N VAL A 12 -4.93 -4.74 0.84
CA VAL A 12 -3.88 -4.40 1.78
C VAL A 12 -3.55 -2.92 1.74
N ILE A 13 -3.43 -2.37 0.54
CA ILE A 13 -3.12 -0.97 0.37
C ILE A 13 -4.13 -0.09 1.10
N ARG A 14 -5.40 -0.21 0.72
CA ARG A 14 -6.45 0.57 1.34
C ARG A 14 -6.51 0.31 2.85
N LYS A 15 -6.24 -0.93 3.23
CA LYS A 15 -6.27 -1.31 4.64
C LYS A 15 -5.37 -0.40 5.46
N TYR A 16 -4.27 0.04 4.87
CA TYR A 16 -3.33 0.93 5.55
C TYR A 16 -3.51 2.37 5.08
N THR A 17 -4.03 2.54 3.87
CA THR A 17 -4.24 3.87 3.31
C THR A 17 -5.73 4.15 3.14
N GLU A 18 -6.18 5.28 3.67
CA GLU A 18 -7.58 5.67 3.57
C GLU A 18 -7.78 6.72 2.48
N GLU A 19 -8.46 6.34 1.41
CA GLU A 19 -8.72 7.25 0.30
C GLU A 19 -9.30 8.56 0.80
N LEU A 20 -8.85 9.66 0.22
CA LEU A 20 -9.34 10.99 0.60
C LEU A 20 -10.29 11.55 -0.45
N LYS A 21 -11.33 12.24 0.02
CA LYS A 21 -12.32 12.83 -0.87
C LYS A 21 -11.64 13.58 -2.01
N VAL A 22 -10.50 14.20 -1.72
CA VAL A 22 -9.75 14.95 -2.71
C VAL A 22 -8.29 15.06 -2.34
N ALA A 23 -7.41 14.71 -3.27
CA ALA A 23 -5.97 14.78 -3.03
C ALA A 23 -5.60 16.02 -2.24
N PRO A 24 -4.88 15.82 -1.12
CA PRO A 24 -4.44 16.93 -0.26
C PRO A 24 -3.38 17.80 -0.92
N GLU A 25 -2.74 18.65 -0.12
CA GLU A 25 -1.70 19.54 -0.62
C GLU A 25 -0.31 18.89 -0.49
N GLU A 26 -0.27 17.57 -0.57
CA GLU A 26 0.98 16.83 -0.46
C GLU A 26 1.54 16.48 -1.84
N ASP A 27 2.68 15.82 -1.86
CA ASP A 27 3.32 15.42 -3.10
C ASP A 27 3.89 14.01 -3.00
N CYS A 28 3.53 13.16 -3.96
CA CYS A 28 4.00 11.78 -3.98
C CYS A 28 5.45 11.70 -4.41
N ILE A 29 6.27 11.01 -3.62
CA ILE A 29 7.69 10.87 -3.92
C ILE A 29 7.95 9.62 -4.75
N ILE A 30 7.11 8.60 -4.57
CA ILE A 30 7.25 7.35 -5.31
C ILE A 30 7.37 7.61 -6.81
N CYS A 31 6.62 8.60 -7.30
CA CYS A 31 6.66 8.95 -8.71
C CYS A 31 7.04 10.41 -8.91
N MET A 32 7.17 11.14 -7.79
CA MET A 32 7.52 12.55 -7.84
C MET A 32 6.50 13.34 -8.64
N GLU A 33 5.22 13.15 -8.30
CA GLU A 33 4.14 13.85 -8.99
C GLU A 33 3.11 14.38 -7.99
N LYS A 34 2.37 15.41 -8.40
CA LYS A 34 1.36 16.00 -7.55
C LYS A 34 0.19 15.04 -7.33
N LEU A 35 -0.30 14.99 -6.10
CA LEU A 35 -1.41 14.11 -5.76
C LEU A 35 -2.67 14.50 -6.53
N ALA A 36 -2.75 15.76 -6.94
CA ALA A 36 -3.89 16.25 -7.70
C ALA A 36 -3.90 15.67 -9.11
N VAL A 37 -2.72 15.42 -9.65
CA VAL A 37 -2.60 14.86 -10.99
C VAL A 37 -2.56 13.34 -10.96
N ALA A 38 -2.64 12.73 -12.13
CA ALA A 38 -2.62 11.27 -12.24
C ALA A 38 -1.31 10.70 -11.70
N SER A 39 -1.31 9.40 -11.43
CA SER A 39 -0.12 8.73 -10.92
C SER A 39 0.88 8.46 -12.03
N GLY A 40 2.15 8.33 -11.66
CA GLY A 40 3.19 8.06 -12.64
C GLY A 40 3.22 6.62 -13.07
N TYR A 41 2.86 5.72 -12.16
CA TYR A 41 2.86 4.29 -12.45
C TYR A 41 1.62 3.91 -13.26
N SER A 42 0.64 4.80 -13.30
CA SER A 42 -0.59 4.56 -14.04
C SER A 42 -0.31 3.78 -15.32
N ASP A 43 0.81 4.09 -15.97
CA ASP A 43 1.20 3.42 -17.20
C ASP A 43 1.63 1.98 -16.93
N MET A 44 2.58 1.81 -16.00
CA MET A 44 3.07 0.49 -15.64
C MET A 44 1.97 -0.36 -15.04
N THR A 45 1.38 0.12 -13.94
CA THR A 45 0.32 -0.60 -13.27
C THR A 45 -1.00 -0.48 -14.03
N ASP A 46 -1.26 -1.44 -14.91
CA ASP A 46 -2.48 -1.44 -15.70
C ASP A 46 -3.64 -2.06 -14.92
N SER A 47 -3.71 -1.73 -13.63
CA SER A 47 -4.77 -2.25 -12.78
C SER A 47 -6.01 -1.37 -12.83
N LYS A 48 -7.17 -2.00 -12.92
CA LYS A 48 -8.44 -1.28 -12.99
C LYS A 48 -8.95 -0.96 -11.59
N ALA A 49 -8.96 -1.96 -10.73
CA ALA A 49 -9.43 -1.79 -9.35
C ALA A 49 -9.05 -0.41 -8.82
N LEU A 50 -7.76 -0.08 -8.88
CA LEU A 50 -7.27 1.20 -8.40
C LEU A 50 -7.12 2.19 -9.55
N GLY A 51 -7.15 3.48 -9.22
CA GLY A 51 -7.03 4.51 -10.24
C GLY A 51 -5.80 5.37 -10.04
N PRO A 52 -5.33 6.00 -11.13
CA PRO A 52 -4.14 6.87 -11.09
C PRO A 52 -4.40 8.16 -10.33
N MET A 53 -5.60 8.71 -10.49
CA MET A 53 -5.97 9.95 -9.81
C MET A 53 -6.28 9.70 -8.34
N VAL A 54 -6.78 8.50 -8.05
CA VAL A 54 -7.13 8.12 -6.68
C VAL A 54 -5.97 8.39 -5.73
N VAL A 55 -6.27 8.94 -4.56
CA VAL A 55 -5.24 9.24 -3.56
C VAL A 55 -5.75 8.95 -2.15
N GLY A 56 -4.85 8.49 -1.29
CA GLY A 56 -5.22 8.17 0.08
C GLY A 56 -4.07 8.36 1.04
N ARG A 57 -4.39 8.65 2.30
CA ARG A 57 -3.38 8.87 3.33
C ARG A 57 -3.31 7.67 4.27
N LEU A 58 -2.10 7.29 4.64
CA LEU A 58 -1.89 6.15 5.54
C LEU A 58 -2.63 6.37 6.86
N THR A 59 -2.74 5.30 7.65
CA THR A 59 -3.42 5.38 8.94
C THR A 59 -2.42 5.41 10.09
N LYS A 60 -1.15 5.20 9.77
CA LYS A 60 -0.10 5.21 10.77
C LYS A 60 0.61 6.57 10.80
N CYS A 61 1.33 6.88 9.74
CA CYS A 61 2.06 8.14 9.63
C CYS A 61 1.20 9.22 8.97
N SER A 62 0.06 8.80 8.44
CA SER A 62 -0.86 9.72 7.77
C SER A 62 -0.16 10.45 6.64
N HIS A 63 0.59 9.70 5.84
CA HIS A 63 1.33 10.26 4.71
C HIS A 63 0.57 10.02 3.40
N ALA A 64 0.25 11.10 2.69
CA ALA A 64 -0.47 10.99 1.43
C ALA A 64 0.38 10.28 0.38
N PHE A 65 -0.22 9.34 -0.34
CA PHE A 65 0.48 8.60 -1.37
C PHE A 65 -0.51 7.98 -2.36
N HIS A 66 -0.18 8.05 -3.64
CA HIS A 66 -1.03 7.51 -4.69
C HIS A 66 -1.38 6.04 -4.41
N LEU A 67 -2.59 5.81 -3.92
CA LEU A 67 -3.04 4.47 -3.60
C LEU A 67 -2.57 3.47 -4.65
N LEU A 68 -2.34 3.97 -5.87
CA LEU A 68 -1.89 3.13 -6.96
C LEU A 68 -0.38 2.89 -6.89
N CYS A 69 0.38 3.97 -6.73
CA CYS A 69 1.83 3.89 -6.64
C CYS A 69 2.25 2.87 -5.59
N LEU A 70 1.64 2.96 -4.41
CA LEU A 70 1.95 2.04 -3.32
C LEU A 70 1.84 0.59 -3.77
N LEU A 71 0.83 0.31 -4.60
CA LEU A 71 0.62 -1.04 -5.11
C LEU A 71 1.76 -1.47 -6.02
N ALA A 72 2.15 -0.58 -6.93
CA ALA A 72 3.24 -0.87 -7.86
C ALA A 72 4.50 -1.30 -7.11
N MET A 73 4.93 -0.47 -6.17
CA MET A 73 6.13 -0.76 -5.39
C MET A 73 5.94 -2.03 -4.57
N TYR A 74 4.74 -2.21 -4.04
CA TYR A 74 4.43 -3.39 -3.23
C TYR A 74 4.72 -4.68 -4.01
N CYS A 75 4.43 -4.65 -5.30
CA CYS A 75 4.66 -5.81 -6.15
C CYS A 75 6.12 -6.27 -6.08
N ASN A 76 7.03 -5.39 -6.45
CA ASN A 76 8.46 -5.70 -6.42
C ASN A 76 8.88 -6.17 -5.03
N GLY A 77 8.24 -5.62 -4.00
CA GLY A 77 8.57 -5.99 -2.63
C GLY A 77 8.16 -7.41 -2.32
N ASN A 78 7.45 -7.59 -1.21
CA ASN A 78 7.00 -8.91 -0.78
C ASN A 78 5.49 -9.05 -0.95
N LYS A 79 5.07 -9.57 -2.10
CA LYS A 79 3.66 -9.75 -2.39
C LYS A 79 3.06 -10.85 -1.51
N ASP A 80 2.94 -10.55 -0.22
CA ASP A 80 2.38 -11.51 0.73
C ASP A 80 1.26 -10.86 1.56
N GLY A 81 1.48 -9.60 1.96
CA GLY A 81 0.49 -8.90 2.74
C GLY A 81 1.12 -7.87 3.67
N SER A 82 1.98 -7.03 3.10
CA SER A 82 2.66 -5.99 3.88
C SER A 82 2.95 -4.76 3.02
N LEU A 83 2.82 -3.58 3.61
CA LEU A 83 3.08 -2.33 2.89
C LEU A 83 4.10 -1.47 3.64
N GLN A 84 5.02 -0.88 2.91
CA GLN A 84 6.04 -0.02 3.50
C GLN A 84 5.98 1.38 2.92
N CYS A 85 6.19 2.38 3.77
CA CYS A 85 6.17 3.78 3.35
C CYS A 85 7.56 4.26 2.97
N PRO A 86 7.73 4.62 1.69
CA PRO A 86 9.02 5.11 1.17
C PRO A 86 9.38 6.48 1.72
N SER A 87 8.56 6.98 2.65
CA SER A 87 8.79 8.29 3.24
C SER A 87 9.35 8.15 4.66
N CYS A 88 8.61 7.48 5.53
CA CYS A 88 9.02 7.28 6.91
C CYS A 88 9.55 5.87 7.11
N LYS A 89 9.47 5.06 6.06
CA LYS A 89 9.94 3.67 6.12
C LYS A 89 9.17 2.88 7.18
N THR A 90 7.92 3.28 7.41
CA THR A 90 7.08 2.60 8.39
C THR A 90 6.31 1.44 7.75
N ILE A 91 6.80 0.23 7.99
CA ILE A 91 6.16 -0.97 7.45
C ILE A 91 4.92 -1.35 8.26
N TYR A 92 3.87 -1.76 7.57
CA TYR A 92 2.63 -2.16 8.21
C TYR A 92 2.50 -3.68 8.28
N GLY A 93 1.80 -4.16 9.30
CA GLY A 93 1.62 -5.60 9.45
C GLY A 93 2.84 -6.28 10.02
N GLU A 94 3.84 -6.52 9.18
CA GLU A 94 5.06 -7.17 9.60
C GLU A 94 6.28 -6.28 9.33
N LYS A 95 7.41 -6.64 9.93
CA LYS A 95 8.64 -5.88 9.74
C LYS A 95 9.80 -6.80 9.40
N THR A 96 9.83 -7.97 10.03
CA THR A 96 10.89 -8.95 9.80
C THR A 96 10.36 -10.37 9.88
N GLY A 97 10.93 -11.27 9.08
CA GLY A 97 10.50 -12.65 9.08
C GLY A 97 9.65 -12.99 7.87
N THR A 98 9.41 -14.28 7.66
CA THR A 98 8.61 -14.74 6.53
C THR A 98 7.19 -15.07 6.97
N GLN A 99 6.98 -15.17 8.28
CA GLN A 99 5.67 -15.48 8.82
C GLN A 99 5.32 -14.55 9.98
N PRO A 100 4.33 -13.67 9.75
CA PRO A 100 3.89 -12.71 10.76
C PRO A 100 3.16 -13.38 11.92
N TRP A 101 2.98 -14.68 11.81
CA TRP A 101 2.29 -15.44 12.86
C TRP A 101 2.85 -15.11 14.24
N GLY A 102 2.08 -15.41 15.28
CA GLY A 102 2.52 -15.14 16.63
C GLY A 102 1.88 -16.06 17.65
N LYS A 103 1.57 -15.51 18.83
CA LYS A 103 0.96 -16.29 19.89
C LYS A 103 -0.38 -15.69 20.30
N MET A 104 -1.14 -15.23 19.32
CA MET A 104 -2.44 -14.63 19.57
C MET A 104 -3.52 -15.26 18.71
N GLU A 105 -4.55 -15.79 19.36
CA GLU A 105 -5.65 -16.43 18.64
C GLU A 105 -5.20 -17.77 18.04
N VAL A 106 -4.48 -18.55 18.83
CA VAL A 106 -3.99 -19.85 18.38
C VAL A 106 -4.66 -20.99 19.15
N PHE A 107 -5.03 -20.71 20.39
CA PHE A 107 -5.67 -21.72 21.24
C PHE A 107 -4.80 -22.95 21.37
N ARG A 108 -3.52 -22.74 21.66
CA ARG A 108 -2.57 -23.85 21.82
C ARG A 108 -1.83 -23.74 23.14
N SER A 109 -2.56 -23.40 24.20
CA SER A 109 -1.96 -23.26 25.52
C SER A 109 -2.55 -24.26 26.50
N GLY A 110 -1.98 -25.46 26.54
CA GLY A 110 -2.47 -26.49 27.43
C GLY A 110 -2.04 -27.88 27.00
N PRO A 111 -2.31 -28.87 27.86
CA PRO A 111 -1.96 -30.28 27.58
C PRO A 111 -2.82 -30.88 26.48
N SER A 112 -2.33 -31.95 25.86
CA SER A 112 -3.05 -32.62 24.79
C SER A 112 -4.33 -33.27 25.31
N SER A 113 -5.34 -33.35 24.46
CA SER A 113 -6.62 -33.93 24.83
C SER A 113 -6.42 -35.33 25.42
N GLY A 114 -7.23 -35.67 26.42
CA GLY A 114 -7.13 -36.97 27.05
C GLY A 114 -8.39 -37.79 26.89
ZN ZN B . 2.67 8.66 -7.18
ZN ZN C . 4.97 7.52 5.91
N GLY A 1 -17.21 -17.92 2.91
CA GLY A 1 -16.28 -16.84 3.17
C GLY A 1 -16.98 -15.58 3.64
N SER A 2 -16.21 -14.51 3.84
CA SER A 2 -16.76 -13.24 4.29
C SER A 2 -16.49 -12.14 3.27
N SER A 3 -15.25 -12.06 2.81
CA SER A 3 -14.85 -11.04 1.84
C SER A 3 -14.63 -11.66 0.47
N GLY A 4 -15.13 -10.98 -0.57
CA GLY A 4 -14.98 -11.49 -1.92
C GLY A 4 -13.60 -11.22 -2.49
N SER A 5 -12.57 -11.57 -1.72
CA SER A 5 -11.20 -11.36 -2.15
C SER A 5 -10.36 -12.61 -1.91
N SER A 6 -9.27 -12.74 -2.65
CA SER A 6 -8.38 -13.89 -2.51
C SER A 6 -6.95 -13.44 -2.25
N GLY A 7 -6.67 -13.07 -1.00
CA GLY A 7 -5.34 -12.63 -0.64
C GLY A 7 -4.69 -11.81 -1.73
N GLU A 8 -5.33 -10.71 -2.10
CA GLU A 8 -4.79 -9.83 -3.14
C GLU A 8 -4.18 -8.58 -2.53
N PRO A 9 -3.11 -8.08 -3.17
CA PRO A 9 -2.40 -6.88 -2.71
C PRO A 9 -3.23 -5.61 -2.91
N GLU A 10 -4.46 -5.78 -3.39
CA GLU A 10 -5.35 -4.65 -3.62
C GLU A 10 -6.03 -4.21 -2.32
N GLN A 11 -6.18 -5.16 -1.40
CA GLN A 11 -6.82 -4.88 -0.11
C GLN A 11 -5.78 -4.41 0.91
N VAL A 12 -4.68 -5.12 0.98
CA VAL A 12 -3.61 -4.77 1.92
C VAL A 12 -3.26 -3.29 1.83
N ILE A 13 -3.29 -2.74 0.61
CA ILE A 13 -2.99 -1.34 0.39
C ILE A 13 -4.02 -0.44 1.06
N ARG A 14 -5.26 -0.51 0.59
CA ARG A 14 -6.34 0.29 1.14
C ARG A 14 -6.43 0.11 2.65
N LYS A 15 -6.41 -1.14 3.10
CA LYS A 15 -6.49 -1.44 4.53
C LYS A 15 -5.53 -0.55 5.32
N TYR A 16 -4.42 -0.18 4.71
CA TYR A 16 -3.43 0.66 5.36
C TYR A 16 -3.56 2.11 4.91
N THR A 17 -4.09 2.30 3.70
CA THR A 17 -4.27 3.64 3.15
C THR A 17 -5.73 3.91 2.83
N GLU A 18 -6.25 5.03 3.35
CA GLU A 18 -7.64 5.39 3.13
C GLU A 18 -7.75 6.47 2.05
N GLU A 19 -8.58 6.20 1.05
CA GLU A 19 -8.77 7.14 -0.05
C GLU A 19 -9.49 8.41 0.43
N LEU A 20 -8.92 9.56 0.11
CA LEU A 20 -9.49 10.83 0.52
C LEU A 20 -10.38 11.40 -0.59
N LYS A 21 -11.57 11.86 -0.21
CA LYS A 21 -12.52 12.43 -1.16
C LYS A 21 -11.80 13.32 -2.17
N VAL A 22 -10.76 14.02 -1.70
CA VAL A 22 -9.99 14.90 -2.56
C VAL A 22 -8.51 14.89 -2.18
N ALA A 23 -7.65 14.70 -3.17
CA ALA A 23 -6.21 14.65 -2.94
C ALA A 23 -5.76 15.85 -2.11
N PRO A 24 -4.99 15.57 -1.05
CA PRO A 24 -4.47 16.61 -0.15
C PRO A 24 -3.41 17.49 -0.82
N GLU A 25 -2.86 18.42 -0.06
CA GLU A 25 -1.84 19.32 -0.58
C GLU A 25 -0.44 18.75 -0.34
N GLU A 26 -0.33 17.43 -0.44
CA GLU A 26 0.95 16.76 -0.24
C GLU A 26 1.57 16.35 -1.58
N ASP A 27 2.75 15.73 -1.51
CA ASP A 27 3.44 15.30 -2.72
C ASP A 27 3.94 13.86 -2.57
N CYS A 28 3.87 13.10 -3.66
CA CYS A 28 4.32 11.72 -3.65
C CYS A 28 5.80 11.61 -4.03
N ILE A 29 6.54 10.82 -3.28
CA ILE A 29 7.97 10.63 -3.54
C ILE A 29 8.21 9.40 -4.39
N ILE A 30 7.30 8.43 -4.30
CA ILE A 30 7.41 7.19 -5.06
C ILE A 30 7.59 7.49 -6.55
N CYS A 31 6.85 8.47 -7.04
CA CYS A 31 6.92 8.85 -8.45
C CYS A 31 7.37 10.31 -8.59
N MET A 32 7.40 11.03 -7.49
CA MET A 32 7.81 12.43 -7.48
C MET A 32 6.85 13.27 -8.32
N GLU A 33 5.55 13.08 -8.09
CA GLU A 33 4.54 13.84 -8.82
C GLU A 33 3.44 14.34 -7.88
N LYS A 34 3.04 15.59 -8.07
CA LYS A 34 2.01 16.19 -7.23
C LYS A 34 0.74 15.35 -7.25
N LEU A 35 0.31 14.90 -6.08
CA LEU A 35 -0.90 14.08 -5.96
C LEU A 35 -2.00 14.63 -6.85
N ALA A 36 -1.97 15.93 -7.10
CA ALA A 36 -2.98 16.59 -7.94
C ALA A 36 -3.06 15.90 -9.31
N VAL A 37 -1.91 15.60 -9.89
CA VAL A 37 -1.86 14.94 -11.20
C VAL A 37 -1.88 13.43 -11.05
N ALA A 38 -1.95 12.74 -12.18
CA ALA A 38 -1.98 11.27 -12.18
C ALA A 38 -0.68 10.70 -11.64
N SER A 39 -0.65 9.39 -11.44
CA SER A 39 0.53 8.71 -10.91
C SER A 39 1.49 8.34 -12.04
N GLY A 40 2.75 8.15 -11.69
CA GLY A 40 3.76 7.79 -12.68
C GLY A 40 3.58 6.37 -13.19
N TYR A 41 3.28 5.45 -12.29
CA TYR A 41 3.09 4.05 -12.65
C TYR A 41 1.71 3.83 -13.27
N SER A 42 0.98 4.92 -13.48
CA SER A 42 -0.35 4.86 -14.05
C SER A 42 -0.37 3.92 -15.27
N ASP A 43 0.60 4.10 -16.15
CA ASP A 43 0.70 3.28 -17.35
C ASP A 43 1.10 1.85 -17.00
N MET A 44 2.15 1.73 -16.19
CA MET A 44 2.64 0.42 -15.77
C MET A 44 1.49 -0.48 -15.33
N THR A 45 0.80 -0.06 -14.27
CA THR A 45 -0.33 -0.83 -13.74
C THR A 45 -1.65 -0.32 -14.29
N ASP A 46 -2.62 -1.22 -14.42
CA ASP A 46 -3.94 -0.85 -14.94
C ASP A 46 -5.04 -1.41 -14.05
N SER A 47 -4.77 -1.45 -12.74
CA SER A 47 -5.74 -1.96 -11.78
C SER A 47 -7.08 -1.23 -11.91
N LYS A 48 -8.17 -1.96 -11.67
CA LYS A 48 -9.50 -1.37 -11.76
C LYS A 48 -9.87 -0.66 -10.46
N ALA A 49 -9.91 -1.40 -9.36
CA ALA A 49 -10.24 -0.82 -8.07
C ALA A 49 -9.43 0.44 -7.81
N LEU A 50 -8.12 0.34 -7.94
CA LEU A 50 -7.24 1.49 -7.71
C LEU A 50 -7.03 2.27 -9.01
N GLY A 51 -6.65 3.54 -8.87
CA GLY A 51 -6.43 4.38 -10.02
C GLY A 51 -5.22 5.29 -9.86
N PRO A 52 -4.74 5.85 -10.97
CA PRO A 52 -3.59 6.75 -10.98
C PRO A 52 -3.90 8.09 -10.32
N MET A 53 -5.05 8.65 -10.64
CA MET A 53 -5.47 9.93 -10.08
C MET A 53 -5.89 9.78 -8.62
N VAL A 54 -6.33 8.58 -8.26
CA VAL A 54 -6.75 8.29 -6.89
C VAL A 54 -5.64 8.58 -5.89
N VAL A 55 -6.02 9.01 -4.70
CA VAL A 55 -5.06 9.31 -3.66
C VAL A 55 -5.61 8.99 -2.27
N GLY A 56 -4.74 8.55 -1.38
CA GLY A 56 -5.15 8.21 -0.03
C GLY A 56 -4.09 8.50 1.01
N ARG A 57 -4.51 8.66 2.26
CA ARG A 57 -3.57 8.94 3.34
C ARG A 57 -3.53 7.80 4.34
N LEU A 58 -2.33 7.29 4.61
CA LEU A 58 -2.16 6.19 5.55
C LEU A 58 -2.90 6.46 6.86
N THR A 59 -3.06 5.42 7.66
CA THR A 59 -3.75 5.55 8.94
C THR A 59 -2.76 5.50 10.11
N LYS A 60 -1.48 5.64 9.80
CA LYS A 60 -0.44 5.63 10.82
C LYS A 60 0.32 6.95 10.85
N CYS A 61 1.13 7.20 9.83
CA CYS A 61 1.90 8.43 9.74
C CYS A 61 1.11 9.51 9.04
N SER A 62 -0.06 9.15 8.51
CA SER A 62 -0.91 10.10 7.81
C SER A 62 -0.17 10.75 6.65
N HIS A 63 0.55 9.94 5.88
CA HIS A 63 1.32 10.44 4.74
C HIS A 63 0.61 10.10 3.43
N ALA A 64 0.18 11.13 2.72
CA ALA A 64 -0.51 10.95 1.45
C ALA A 64 0.40 10.27 0.43
N PHE A 65 -0.18 9.37 -0.36
CA PHE A 65 0.58 8.65 -1.37
C PHE A 65 -0.35 8.05 -2.43
N HIS A 66 0.08 8.08 -3.68
CA HIS A 66 -0.72 7.54 -4.78
C HIS A 66 -1.07 6.08 -4.52
N LEU A 67 -2.30 5.84 -4.07
CA LEU A 67 -2.77 4.49 -3.78
C LEU A 67 -2.24 3.50 -4.81
N LEU A 68 -1.98 4.00 -6.02
CA LEU A 68 -1.47 3.16 -7.10
C LEU A 68 0.03 2.91 -6.93
N CYS A 69 0.79 4.00 -6.78
CA CYS A 69 2.23 3.89 -6.61
C CYS A 69 2.59 2.84 -5.56
N LEU A 70 1.83 2.83 -4.47
CA LEU A 70 2.06 1.88 -3.38
C LEU A 70 1.88 0.44 -3.88
N LEU A 71 0.81 0.20 -4.63
CA LEU A 71 0.53 -1.12 -5.17
C LEU A 71 1.57 -1.51 -6.22
N ALA A 72 1.95 -0.55 -7.05
CA ALA A 72 2.94 -0.81 -8.09
C ALA A 72 4.25 -1.30 -7.51
N MET A 73 4.75 -0.59 -6.49
CA MET A 73 6.00 -0.95 -5.84
C MET A 73 5.85 -2.27 -5.09
N TYR A 74 4.77 -2.39 -4.32
CA TYR A 74 4.51 -3.61 -3.55
C TYR A 74 4.50 -4.83 -4.46
N CYS A 75 3.78 -4.73 -5.57
CA CYS A 75 3.68 -5.83 -6.52
C CYS A 75 5.04 -6.15 -7.13
N ASN A 76 5.84 -5.12 -7.35
CA ASN A 76 7.17 -5.29 -7.93
C ASN A 76 8.02 -6.23 -7.07
N GLY A 77 7.94 -6.04 -5.75
CA GLY A 77 8.71 -6.87 -4.85
C GLY A 77 7.88 -7.40 -3.70
N ASN A 78 7.94 -6.72 -2.57
CA ASN A 78 7.18 -7.12 -1.39
C ASN A 78 5.78 -7.58 -1.77
N LYS A 79 5.63 -8.88 -2.00
CA LYS A 79 4.34 -9.44 -2.38
C LYS A 79 3.91 -10.52 -1.39
N ASP A 80 4.06 -10.24 -0.10
CA ASP A 80 3.68 -11.17 0.95
C ASP A 80 2.36 -10.77 1.60
N GLY A 81 2.20 -9.48 1.86
CA GLY A 81 0.99 -8.99 2.48
C GLY A 81 1.25 -7.85 3.43
N SER A 82 2.26 -7.05 3.15
CA SER A 82 2.62 -5.91 3.99
C SER A 82 2.95 -4.69 3.16
N LEU A 83 2.72 -3.51 3.73
CA LEU A 83 2.99 -2.26 3.03
C LEU A 83 3.78 -1.31 3.92
N GLN A 84 4.96 -0.90 3.44
CA GLN A 84 5.82 0.00 4.19
C GLN A 84 5.87 1.38 3.53
N CYS A 85 5.86 2.43 4.34
CA CYS A 85 5.90 3.79 3.84
C CYS A 85 7.32 4.18 3.43
N PRO A 86 7.50 4.52 2.15
CA PRO A 86 8.80 4.92 1.62
C PRO A 86 9.26 6.28 2.14
N SER A 87 8.46 6.86 3.03
CA SER A 87 8.78 8.16 3.61
C SER A 87 9.33 8.00 5.02
N CYS A 88 8.56 7.36 5.89
CA CYS A 88 8.97 7.14 7.27
C CYS A 88 9.31 5.67 7.51
N LYS A 89 9.51 4.93 6.43
CA LYS A 89 9.85 3.52 6.51
C LYS A 89 9.09 2.84 7.65
N THR A 90 7.78 3.00 7.66
CA THR A 90 6.93 2.41 8.70
C THR A 90 6.18 1.20 8.16
N ILE A 91 6.44 0.04 8.77
CA ILE A 91 5.78 -1.20 8.35
C ILE A 91 4.37 -1.29 8.93
N TYR A 92 3.42 -1.66 8.09
CA TYR A 92 2.02 -1.79 8.53
C TYR A 92 1.61 -3.26 8.59
N GLY A 93 2.08 -4.04 7.62
CA GLY A 93 1.75 -5.45 7.59
C GLY A 93 2.54 -6.26 8.60
N GLU A 94 3.73 -6.71 8.19
CA GLU A 94 4.59 -7.50 9.07
C GLU A 94 5.03 -6.68 10.28
N LYS A 95 5.91 -7.26 11.09
CA LYS A 95 6.41 -6.59 12.28
C LYS A 95 7.58 -7.35 12.88
N THR A 96 8.64 -6.62 13.24
CA THR A 96 9.83 -7.22 13.82
C THR A 96 10.16 -8.55 13.14
N GLY A 97 9.96 -8.60 11.83
CA GLY A 97 10.25 -9.81 11.08
C GLY A 97 9.62 -11.04 11.70
N THR A 98 8.30 -11.19 11.53
CA THR A 98 7.58 -12.33 12.09
C THR A 98 6.69 -12.98 11.04
N GLN A 99 6.32 -14.23 11.28
CA GLN A 99 5.47 -14.96 10.35
C GLN A 99 4.30 -14.10 9.88
N PRO A 100 4.39 -13.60 8.64
CA PRO A 100 3.35 -12.75 8.06
C PRO A 100 2.07 -13.53 7.76
N TRP A 101 1.03 -13.26 8.53
CA TRP A 101 -0.26 -13.93 8.35
C TRP A 101 -0.55 -14.15 6.87
N GLY A 102 -0.52 -15.41 6.45
CA GLY A 102 -0.78 -15.73 5.06
C GLY A 102 0.45 -16.23 4.33
N LYS A 103 0.63 -17.55 4.33
CA LYS A 103 1.79 -18.16 3.67
C LYS A 103 1.55 -18.28 2.17
N MET A 104 0.55 -19.06 1.79
CA MET A 104 0.21 -19.24 0.38
C MET A 104 -1.13 -18.61 0.04
N GLU A 105 -1.08 -17.46 -0.62
CA GLU A 105 -2.30 -16.75 -0.99
C GLU A 105 -2.67 -17.04 -2.44
N VAL A 106 -1.79 -16.67 -3.37
CA VAL A 106 -2.02 -16.89 -4.78
C VAL A 106 -2.13 -18.38 -5.09
N PHE A 107 -2.76 -18.70 -6.22
CA PHE A 107 -2.93 -20.09 -6.63
C PHE A 107 -1.81 -20.51 -7.59
N ARG A 108 -1.54 -19.66 -8.58
CA ARG A 108 -0.51 -19.95 -9.56
C ARG A 108 0.67 -18.97 -9.42
N SER A 109 1.87 -19.52 -9.25
CA SER A 109 3.06 -18.70 -9.10
C SER A 109 3.84 -18.62 -10.40
N GLY A 110 3.43 -17.69 -11.28
CA GLY A 110 4.10 -17.54 -12.56
C GLY A 110 4.93 -16.27 -12.61
N PRO A 111 6.17 -16.36 -12.09
CA PRO A 111 7.09 -15.22 -12.07
C PRO A 111 7.61 -14.87 -13.46
N SER A 112 8.40 -13.81 -13.54
CA SER A 112 8.96 -13.37 -14.82
C SER A 112 10.24 -14.14 -15.15
N SER A 113 10.75 -13.92 -16.35
CA SER A 113 11.97 -14.59 -16.79
C SER A 113 12.86 -13.63 -17.59
N GLY A 114 14.06 -13.39 -17.07
CA GLY A 114 14.99 -12.50 -17.76
C GLY A 114 16.35 -12.47 -17.10
ZN ZN B . 3.12 8.67 -6.97
ZN ZN C . 5.00 7.74 6.18
N GLY A 1 -11.13 -27.18 4.53
CA GLY A 1 -11.10 -25.88 3.89
C GLY A 1 -9.75 -25.21 4.00
N SER A 2 -9.76 -23.92 4.36
CA SER A 2 -8.52 -23.17 4.50
C SER A 2 -7.55 -23.47 3.37
N SER A 3 -8.09 -23.57 2.15
CA SER A 3 -7.27 -23.86 0.98
C SER A 3 -7.21 -22.66 0.03
N GLY A 4 -6.00 -22.32 -0.41
CA GLY A 4 -5.84 -21.20 -1.30
C GLY A 4 -6.04 -19.86 -0.61
N SER A 5 -5.11 -19.50 0.25
CA SER A 5 -5.20 -18.24 0.99
C SER A 5 -5.72 -17.12 0.09
N SER A 6 -6.83 -16.52 0.51
CA SER A 6 -7.44 -15.43 -0.26
C SER A 6 -6.88 -14.08 0.17
N GLY A 7 -6.91 -13.11 -0.74
CA GLY A 7 -6.42 -11.78 -0.42
C GLY A 7 -5.61 -11.19 -1.56
N GLU A 8 -6.11 -10.10 -2.14
CA GLU A 8 -5.43 -9.43 -3.24
C GLU A 8 -4.59 -8.26 -2.74
N PRO A 9 -3.57 -7.88 -3.53
CA PRO A 9 -2.69 -6.77 -3.18
C PRO A 9 -3.39 -5.41 -3.27
N GLU A 10 -4.63 -5.43 -3.75
CA GLU A 10 -5.41 -4.20 -3.88
C GLU A 10 -6.04 -3.82 -2.56
N GLN A 11 -6.45 -4.81 -1.78
CA GLN A 11 -7.07 -4.58 -0.49
C GLN A 11 -6.05 -4.16 0.55
N VAL A 12 -4.99 -4.96 0.68
CA VAL A 12 -3.93 -4.66 1.63
C VAL A 12 -3.56 -3.19 1.62
N ILE A 13 -3.76 -2.54 0.48
CA ILE A 13 -3.46 -1.12 0.33
C ILE A 13 -4.46 -0.27 1.11
N ARG A 14 -5.73 -0.33 0.71
CA ARG A 14 -6.78 0.43 1.37
C ARG A 14 -6.73 0.23 2.89
N LYS A 15 -6.36 -0.98 3.30
CA LYS A 15 -6.29 -1.31 4.72
C LYS A 15 -5.32 -0.37 5.44
N TYR A 16 -4.28 0.07 4.72
CA TYR A 16 -3.29 0.97 5.29
C TYR A 16 -3.45 2.39 4.75
N THR A 17 -4.21 2.51 3.65
CA THR A 17 -4.45 3.81 3.04
C THR A 17 -5.93 4.14 3.02
N GLU A 18 -6.26 5.36 3.43
CA GLU A 18 -7.65 5.81 3.47
C GLU A 18 -7.91 6.85 2.38
N GLU A 19 -8.46 6.39 1.26
CA GLU A 19 -8.76 7.29 0.15
C GLU A 19 -9.46 8.55 0.63
N LEU A 20 -8.94 9.70 0.23
CA LEU A 20 -9.51 10.98 0.62
C LEU A 20 -10.41 11.54 -0.48
N LYS A 21 -11.52 12.15 -0.08
CA LYS A 21 -12.46 12.73 -1.03
C LYS A 21 -11.72 13.47 -2.13
N VAL A 22 -10.59 14.07 -1.79
CA VAL A 22 -9.78 14.81 -2.77
C VAL A 22 -8.32 14.88 -2.34
N ALA A 23 -7.42 14.66 -3.29
CA ALA A 23 -5.99 14.70 -3.01
C ALA A 23 -5.62 15.97 -2.26
N PRO A 24 -4.86 15.81 -1.15
CA PRO A 24 -4.42 16.93 -0.33
C PRO A 24 -3.38 17.79 -1.03
N GLU A 25 -2.76 18.69 -0.28
CA GLU A 25 -1.74 19.58 -0.83
C GLU A 25 -0.34 19.00 -0.64
N GLU A 26 -0.27 17.67 -0.52
CA GLU A 26 1.00 17.00 -0.34
C GLU A 26 1.60 16.58 -1.68
N ASP A 27 2.78 15.97 -1.63
CA ASP A 27 3.46 15.52 -2.84
C ASP A 27 3.95 14.08 -2.70
N CYS A 28 3.85 13.31 -3.77
CA CYS A 28 4.28 11.92 -3.76
C CYS A 28 5.76 11.81 -4.12
N ILE A 29 6.52 11.13 -3.28
CA ILE A 29 7.94 10.94 -3.51
C ILE A 29 8.21 9.73 -4.39
N ILE A 30 7.31 8.74 -4.32
CA ILE A 30 7.44 7.53 -5.11
C ILE A 30 7.53 7.86 -6.60
N CYS A 31 6.69 8.78 -7.05
CA CYS A 31 6.67 9.17 -8.46
C CYS A 31 7.18 10.61 -8.61
N MET A 32 7.28 11.32 -7.50
CA MET A 32 7.77 12.69 -7.51
C MET A 32 6.81 13.59 -8.30
N GLU A 33 5.52 13.37 -8.12
CA GLU A 33 4.50 14.16 -8.82
C GLU A 33 3.42 14.62 -7.86
N LYS A 34 2.78 15.74 -8.18
CA LYS A 34 1.72 16.30 -7.34
C LYS A 34 0.50 15.39 -7.34
N LEU A 35 0.08 14.98 -6.15
CA LEU A 35 -1.08 14.11 -6.00
C LEU A 35 -2.23 14.59 -6.88
N ALA A 36 -2.20 15.86 -7.26
CA ALA A 36 -3.24 16.44 -8.10
C ALA A 36 -3.26 15.77 -9.47
N VAL A 37 -2.08 15.52 -10.02
CA VAL A 37 -1.97 14.89 -11.34
C VAL A 37 -2.02 13.37 -11.21
N ALA A 38 -2.07 12.70 -12.36
CA ALA A 38 -2.12 11.24 -12.39
C ALA A 38 -0.88 10.63 -11.72
N SER A 39 -0.91 9.33 -11.49
CA SER A 39 0.20 8.63 -10.85
C SER A 39 1.21 8.18 -11.90
N GLY A 40 2.48 8.18 -11.52
CA GLY A 40 3.53 7.77 -12.43
C GLY A 40 3.37 6.33 -12.88
N TYR A 41 2.92 5.47 -11.97
CA TYR A 41 2.72 4.06 -12.29
C TYR A 41 1.36 3.83 -12.93
N SER A 42 0.67 4.92 -13.26
CA SER A 42 -0.64 4.83 -13.88
C SER A 42 -0.72 3.65 -14.83
N ASP A 43 0.22 3.58 -15.76
CA ASP A 43 0.27 2.49 -16.73
C ASP A 43 1.07 1.32 -16.20
N MET A 44 2.20 1.62 -15.56
CA MET A 44 3.06 0.59 -15.00
C MET A 44 2.24 -0.58 -14.48
N THR A 45 1.26 -0.28 -13.64
CA THR A 45 0.40 -1.31 -13.06
C THR A 45 -0.91 -1.44 -13.85
N ASP A 46 -1.55 -0.32 -14.10
CA ASP A 46 -2.81 -0.30 -14.84
C ASP A 46 -3.87 -1.13 -14.12
N SER A 47 -3.92 -1.00 -12.80
CA SER A 47 -4.89 -1.74 -12.00
C SER A 47 -6.28 -1.65 -12.61
N LYS A 48 -7.22 -2.39 -12.02
CA LYS A 48 -8.60 -2.40 -12.52
C LYS A 48 -9.50 -1.57 -11.60
N ALA A 49 -9.41 -1.82 -10.30
CA ALA A 49 -10.22 -1.09 -9.33
C ALA A 49 -9.58 0.24 -8.98
N LEU A 50 -8.32 0.20 -8.56
CA LEU A 50 -7.59 1.41 -8.18
C LEU A 50 -7.40 2.32 -9.39
N GLY A 51 -7.05 3.58 -9.14
CA GLY A 51 -6.85 4.53 -10.20
C GLY A 51 -5.62 5.39 -9.99
N PRO A 52 -5.13 6.01 -11.08
CA PRO A 52 -3.95 6.87 -11.03
C PRO A 52 -4.19 8.17 -10.28
N MET A 53 -5.38 8.73 -10.46
CA MET A 53 -5.76 9.98 -9.80
C MET A 53 -6.14 9.72 -8.34
N VAL A 54 -6.66 8.53 -8.06
CA VAL A 54 -7.06 8.17 -6.72
C VAL A 54 -5.93 8.39 -5.72
N VAL A 55 -6.21 9.14 -4.66
CA VAL A 55 -5.21 9.41 -3.63
C VAL A 55 -5.78 9.19 -2.24
N GLY A 56 -4.93 8.71 -1.33
CA GLY A 56 -5.37 8.45 0.02
C GLY A 56 -4.24 8.55 1.02
N ARG A 57 -4.55 8.97 2.25
CA ARG A 57 -3.55 9.11 3.29
C ARG A 57 -3.48 7.84 4.15
N LEU A 58 -2.26 7.47 4.53
CA LEU A 58 -2.05 6.28 5.35
C LEU A 58 -2.82 6.39 6.67
N THR A 59 -2.83 5.29 7.42
CA THR A 59 -3.52 5.27 8.70
C THR A 59 -2.53 5.26 9.86
N LYS A 60 -1.26 5.07 9.54
CA LYS A 60 -0.20 5.04 10.55
C LYS A 60 0.45 6.41 10.69
N CYS A 61 1.16 6.83 9.66
CA CYS A 61 1.84 8.13 9.67
C CYS A 61 0.96 9.20 9.05
N SER A 62 -0.11 8.77 8.39
CA SER A 62 -1.03 9.70 7.74
C SER A 62 -0.34 10.45 6.61
N HIS A 63 0.49 9.75 5.85
CA HIS A 63 1.22 10.35 4.74
C HIS A 63 0.51 10.07 3.42
N ALA A 64 0.11 11.14 2.73
CA ALA A 64 -0.58 11.01 1.45
C ALA A 64 0.31 10.29 0.43
N PHE A 65 -0.30 9.39 -0.34
CA PHE A 65 0.44 8.65 -1.35
C PHE A 65 -0.53 8.05 -2.39
N HIS A 66 -0.15 8.14 -3.66
CA HIS A 66 -0.97 7.62 -4.74
C HIS A 66 -1.36 6.17 -4.47
N LEU A 67 -2.61 5.97 -4.06
CA LEU A 67 -3.10 4.62 -3.76
C LEU A 67 -2.56 3.61 -4.75
N LEU A 68 -2.23 4.08 -5.95
CA LEU A 68 -1.68 3.21 -7.00
C LEU A 68 -0.20 2.96 -6.77
N CYS A 69 0.56 4.04 -6.65
CA CYS A 69 2.00 3.94 -6.44
C CYS A 69 2.32 2.90 -5.37
N LEU A 70 1.58 2.95 -4.27
CA LEU A 70 1.77 2.00 -3.17
C LEU A 70 1.60 0.56 -3.64
N LEU A 71 0.56 0.33 -4.43
CA LEU A 71 0.29 -1.00 -4.96
C LEU A 71 1.37 -1.43 -5.94
N ALA A 72 1.72 -0.55 -6.87
CA ALA A 72 2.74 -0.84 -7.87
C ALA A 72 4.02 -1.31 -7.21
N MET A 73 4.51 -0.55 -6.24
CA MET A 73 5.74 -0.90 -5.53
C MET A 73 5.56 -2.20 -4.75
N TYR A 74 4.41 -2.34 -4.11
CA TYR A 74 4.11 -3.54 -3.31
C TYR A 74 4.22 -4.79 -4.18
N CYS A 75 3.87 -4.68 -5.45
CA CYS A 75 3.93 -5.80 -6.38
C CYS A 75 5.37 -6.06 -6.82
N ASN A 76 6.04 -5.00 -7.26
CA ASN A 76 7.42 -5.12 -7.72
C ASN A 76 8.29 -5.83 -6.67
N GLY A 77 7.82 -5.81 -5.43
CA GLY A 77 8.56 -6.46 -4.35
C GLY A 77 8.03 -7.84 -4.04
N ASN A 78 7.55 -8.02 -2.81
CA ASN A 78 7.02 -9.30 -2.38
C ASN A 78 5.52 -9.20 -2.09
N LYS A 79 4.71 -9.76 -2.98
CA LYS A 79 3.26 -9.74 -2.82
C LYS A 79 2.81 -10.71 -1.73
N ASP A 80 3.13 -10.37 -0.48
CA ASP A 80 2.77 -11.21 0.66
C ASP A 80 1.60 -10.61 1.42
N GLY A 81 1.70 -9.32 1.74
CA GLY A 81 0.64 -8.65 2.47
C GLY A 81 1.18 -7.61 3.43
N SER A 82 2.17 -6.84 2.99
CA SER A 82 2.78 -5.81 3.82
C SER A 82 3.05 -4.54 3.01
N LEU A 83 2.81 -3.39 3.63
CA LEU A 83 3.04 -2.11 2.96
C LEU A 83 3.96 -1.22 3.79
N GLN A 84 5.04 -0.75 3.17
CA GLN A 84 5.99 0.12 3.84
C GLN A 84 6.03 1.50 3.20
N CYS A 85 6.08 2.53 4.03
CA CYS A 85 6.12 3.91 3.55
C CYS A 85 7.54 4.29 3.12
N PRO A 86 7.70 4.64 1.84
CA PRO A 86 8.99 5.04 1.28
C PRO A 86 9.46 6.39 1.81
N SER A 87 8.69 6.96 2.73
CA SER A 87 9.04 8.25 3.31
C SER A 87 9.56 8.08 4.74
N CYS A 88 8.68 7.66 5.64
CA CYS A 88 9.06 7.46 7.04
C CYS A 88 9.57 6.04 7.27
N LYS A 89 9.66 5.27 6.18
CA LYS A 89 10.13 3.89 6.26
C LYS A 89 9.43 3.14 7.38
N THR A 90 8.11 3.27 7.43
CA THR A 90 7.32 2.58 8.45
C THR A 90 6.65 1.33 7.89
N ILE A 91 7.10 0.17 8.37
CA ILE A 91 6.54 -1.09 7.92
C ILE A 91 5.21 -1.38 8.59
N TYR A 92 4.19 -1.64 7.77
CA TYR A 92 2.86 -1.93 8.28
C TYR A 92 2.66 -3.43 8.48
N GLY A 93 3.19 -4.21 7.54
CA GLY A 93 3.06 -5.66 7.63
C GLY A 93 4.37 -6.33 8.01
N GLU A 94 4.67 -6.34 9.30
CA GLU A 94 5.90 -6.96 9.78
C GLU A 94 6.26 -8.18 8.95
N LYS A 95 7.30 -8.05 8.13
CA LYS A 95 7.74 -9.15 7.29
C LYS A 95 8.66 -10.09 8.05
N THR A 96 8.09 -11.20 8.54
CA THR A 96 8.86 -12.19 9.28
C THR A 96 10.17 -12.51 8.59
N GLY A 97 11.15 -12.98 9.36
CA GLY A 97 12.44 -13.33 8.80
C GLY A 97 13.49 -12.27 9.07
N THR A 98 13.49 -11.21 8.26
CA THR A 98 14.45 -10.13 8.41
C THR A 98 14.26 -9.42 9.75
N GLN A 99 15.37 -9.22 10.46
CA GLN A 99 15.33 -8.55 11.76
C GLN A 99 14.36 -7.37 11.73
N PRO A 100 13.22 -7.53 12.42
CA PRO A 100 12.20 -6.48 12.48
C PRO A 100 12.65 -5.28 13.32
N TRP A 101 13.80 -5.42 13.96
CA TRP A 101 14.34 -4.34 14.79
C TRP A 101 13.24 -3.68 15.61
N GLY A 102 12.33 -4.49 16.16
CA GLY A 102 11.25 -3.95 16.94
C GLY A 102 10.39 -5.04 17.57
N LYS A 103 9.26 -4.66 18.15
CA LYS A 103 8.36 -5.60 18.78
C LYS A 103 7.78 -6.58 17.76
N MET A 104 7.59 -7.83 18.18
CA MET A 104 7.04 -8.84 17.29
C MET A 104 5.53 -8.98 17.49
N GLU A 105 4.82 -9.31 16.41
CA GLU A 105 3.38 -9.47 16.48
C GLU A 105 2.92 -10.58 15.53
N VAL A 106 1.63 -10.91 15.61
CA VAL A 106 1.06 -11.95 14.77
C VAL A 106 -0.09 -11.41 13.91
N PHE A 107 0.16 -11.29 12.61
CA PHE A 107 -0.86 -10.79 11.70
C PHE A 107 -1.59 -11.93 11.01
N ARG A 108 -1.92 -12.95 11.78
CA ARG A 108 -2.64 -14.12 11.25
C ARG A 108 -3.87 -14.42 12.09
N SER A 109 -5.01 -13.87 11.68
CA SER A 109 -6.26 -14.08 12.39
C SER A 109 -7.22 -14.93 11.57
N GLY A 110 -7.03 -16.25 11.63
CA GLY A 110 -7.89 -17.15 10.88
C GLY A 110 -9.33 -16.70 10.87
N PRO A 111 -9.84 -16.36 9.67
CA PRO A 111 -11.22 -15.91 9.49
C PRO A 111 -12.24 -17.03 9.71
N SER A 112 -12.01 -18.16 9.06
CA SER A 112 -12.89 -19.30 9.18
C SER A 112 -14.35 -18.85 9.27
N SER A 113 -14.70 -17.87 8.45
CA SER A 113 -16.07 -17.34 8.43
C SER A 113 -16.81 -17.77 7.17
N GLY A 114 -16.16 -17.57 6.02
CA GLY A 114 -16.78 -17.94 4.76
C GLY A 114 -16.37 -17.01 3.63
ZN ZN B . 2.86 8.71 -6.85
ZN ZN C . 4.93 7.72 6.02
N GLY A 1 -8.90 -14.79 17.41
CA GLY A 1 -8.98 -13.86 16.30
C GLY A 1 -8.79 -14.55 14.95
N SER A 2 -9.44 -14.02 13.93
CA SER A 2 -9.35 -14.59 12.59
C SER A 2 -8.74 -13.58 11.62
N SER A 3 -7.70 -12.89 12.06
CA SER A 3 -7.02 -11.90 11.23
C SER A 3 -5.74 -12.47 10.64
N GLY A 4 -5.21 -11.80 9.62
CA GLY A 4 -3.99 -12.26 8.98
C GLY A 4 -4.26 -13.18 7.81
N SER A 5 -5.24 -12.81 6.98
CA SER A 5 -5.60 -13.62 5.82
C SER A 5 -4.78 -13.21 4.61
N SER A 6 -4.28 -14.21 3.87
CA SER A 6 -3.48 -13.95 2.68
C SER A 6 -4.36 -13.74 1.46
N GLY A 7 -4.74 -12.48 1.22
CA GLY A 7 -5.58 -12.15 0.09
C GLY A 7 -4.83 -11.43 -1.02
N GLU A 8 -5.41 -10.37 -1.53
CA GLU A 8 -4.79 -9.59 -2.60
C GLU A 8 -4.18 -8.30 -2.05
N PRO A 9 -3.19 -7.76 -2.78
CA PRO A 9 -2.51 -6.52 -2.38
C PRO A 9 -3.40 -5.30 -2.50
N GLU A 10 -4.26 -5.29 -3.52
CA GLU A 10 -5.19 -4.19 -3.74
C GLU A 10 -5.83 -3.74 -2.43
N GLN A 11 -6.36 -4.70 -1.68
CA GLN A 11 -7.00 -4.40 -0.41
C GLN A 11 -5.98 -4.01 0.64
N VAL A 12 -4.88 -4.76 0.71
CA VAL A 12 -3.82 -4.49 1.68
C VAL A 12 -3.43 -3.01 1.67
N ILE A 13 -3.40 -2.42 0.48
CA ILE A 13 -3.05 -1.01 0.33
C ILE A 13 -4.05 -0.13 1.04
N ARG A 14 -5.31 -0.19 0.60
CA ARG A 14 -6.37 0.62 1.20
C ARG A 14 -6.47 0.36 2.70
N LYS A 15 -6.51 -0.91 3.08
CA LYS A 15 -6.61 -1.29 4.48
C LYS A 15 -5.73 -0.39 5.35
N TYR A 16 -4.64 0.11 4.77
CA TYR A 16 -3.73 0.98 5.50
C TYR A 16 -3.89 2.43 5.05
N THR A 17 -4.30 2.60 3.79
CA THR A 17 -4.50 3.94 3.24
C THR A 17 -5.98 4.27 3.12
N GLU A 18 -6.36 5.45 3.62
CA GLU A 18 -7.74 5.89 3.57
C GLU A 18 -7.95 6.91 2.45
N GLU A 19 -8.73 6.52 1.45
CA GLU A 19 -9.01 7.40 0.32
C GLU A 19 -9.62 8.72 0.79
N LEU A 20 -9.27 9.81 0.11
CA LEU A 20 -9.78 11.12 0.45
C LEU A 20 -10.65 11.68 -0.67
N LYS A 21 -11.77 12.31 -0.30
CA LYS A 21 -12.68 12.89 -1.28
C LYS A 21 -11.90 13.57 -2.40
N VAL A 22 -10.81 14.24 -2.04
CA VAL A 22 -9.98 14.94 -3.01
C VAL A 22 -8.51 14.88 -2.63
N ALA A 23 -7.65 14.64 -3.61
CA ALA A 23 -6.21 14.56 -3.38
C ALA A 23 -5.72 15.75 -2.56
N PRO A 24 -4.92 15.47 -1.52
CA PRO A 24 -4.37 16.51 -0.65
C PRO A 24 -3.33 17.38 -1.35
N GLU A 25 -2.81 18.37 -0.64
CA GLU A 25 -1.82 19.27 -1.20
C GLU A 25 -0.40 18.75 -0.94
N GLU A 26 -0.28 17.43 -0.87
CA GLU A 26 1.02 16.80 -0.62
C GLU A 26 1.71 16.43 -1.93
N ASP A 27 2.85 15.76 -1.83
CA ASP A 27 3.60 15.35 -3.01
C ASP A 27 4.08 13.90 -2.87
N CYS A 28 3.84 13.11 -3.90
CA CYS A 28 4.24 11.71 -3.89
C CYS A 28 5.72 11.56 -4.27
N ILE A 29 6.48 10.89 -3.42
CA ILE A 29 7.91 10.68 -3.66
C ILE A 29 8.14 9.46 -4.55
N ILE A 30 7.29 8.45 -4.39
CA ILE A 30 7.40 7.23 -5.18
C ILE A 30 7.52 7.55 -6.67
N CYS A 31 6.79 8.55 -7.12
CA CYS A 31 6.81 8.97 -8.51
C CYS A 31 7.30 10.40 -8.65
N MET A 32 7.37 11.11 -7.53
CA MET A 32 7.84 12.48 -7.53
C MET A 32 6.91 13.37 -8.36
N GLU A 33 5.61 13.22 -8.15
CA GLU A 33 4.61 13.99 -8.88
C GLU A 33 3.50 14.47 -7.95
N LYS A 34 3.14 15.74 -8.07
CA LYS A 34 2.09 16.32 -7.24
C LYS A 34 0.81 15.48 -7.31
N LEU A 35 0.38 14.98 -6.16
CA LEU A 35 -0.82 14.15 -6.09
C LEU A 35 -1.92 14.73 -6.97
N ALA A 36 -1.87 16.04 -7.20
CA ALA A 36 -2.87 16.71 -8.03
C ALA A 36 -2.95 16.05 -9.41
N VAL A 37 -1.80 15.75 -9.99
CA VAL A 37 -1.76 15.12 -11.31
C VAL A 37 -1.90 13.60 -11.20
N ALA A 38 -1.96 12.94 -12.35
CA ALA A 38 -2.09 11.48 -12.38
C ALA A 38 -0.90 10.81 -11.71
N SER A 39 -1.00 9.50 -11.52
CA SER A 39 0.08 8.74 -10.89
C SER A 39 1.19 8.45 -11.89
N GLY A 40 2.41 8.23 -11.38
CA GLY A 40 3.53 7.94 -12.24
C GLY A 40 3.44 6.57 -12.87
N TYR A 41 3.01 5.58 -12.10
CA TYR A 41 2.88 4.22 -12.59
C TYR A 41 1.52 4.00 -13.24
N SER A 42 0.79 5.09 -13.45
CA SER A 42 -0.53 5.02 -14.07
C SER A 42 -0.55 4.00 -15.19
N ASP A 43 0.49 4.02 -16.03
CA ASP A 43 0.60 3.08 -17.14
C ASP A 43 1.10 1.73 -16.68
N MET A 44 2.23 1.73 -15.99
CA MET A 44 2.81 0.49 -15.48
C MET A 44 1.76 -0.37 -14.79
N THR A 45 0.77 0.29 -14.20
CA THR A 45 -0.30 -0.42 -13.50
C THR A 45 -1.65 -0.16 -14.16
N ASP A 46 -2.45 -1.22 -14.26
CA ASP A 46 -3.78 -1.11 -14.88
C ASP A 46 -4.84 -1.75 -13.99
N SER A 47 -4.78 -1.47 -12.70
CA SER A 47 -5.73 -2.02 -11.74
C SER A 47 -7.14 -1.51 -12.02
N LYS A 48 -8.13 -2.23 -11.50
CA LYS A 48 -9.53 -1.84 -11.69
C LYS A 48 -10.05 -1.07 -10.48
N ALA A 49 -9.79 -1.61 -9.29
CA ALA A 49 -10.23 -0.97 -8.06
C ALA A 49 -9.44 0.29 -7.77
N LEU A 50 -8.12 0.19 -7.89
CA LEU A 50 -7.24 1.34 -7.65
C LEU A 50 -7.19 2.26 -8.86
N GLY A 51 -6.81 3.52 -8.64
CA GLY A 51 -6.73 4.47 -9.73
C GLY A 51 -5.56 5.41 -9.59
N PRO A 52 -5.05 5.92 -10.72
CA PRO A 52 -3.92 6.85 -10.74
C PRO A 52 -4.28 8.22 -10.18
N MET A 53 -5.52 8.62 -10.37
CA MET A 53 -6.00 9.91 -9.88
C MET A 53 -6.36 9.83 -8.40
N VAL A 54 -6.97 8.73 -8.00
CA VAL A 54 -7.37 8.53 -6.61
C VAL A 54 -6.16 8.59 -5.69
N VAL A 55 -6.35 9.18 -4.51
CA VAL A 55 -5.28 9.30 -3.54
C VAL A 55 -5.80 9.13 -2.12
N GLY A 56 -5.01 8.49 -1.26
CA GLY A 56 -5.41 8.26 0.11
C GLY A 56 -4.25 8.41 1.08
N ARG A 57 -4.56 8.86 2.29
CA ARG A 57 -3.53 9.04 3.32
C ARG A 57 -3.49 7.84 4.26
N LEU A 58 -2.28 7.40 4.60
CA LEU A 58 -2.09 6.26 5.49
C LEU A 58 -2.75 6.53 6.85
N THR A 59 -2.96 5.46 7.61
CA THR A 59 -3.58 5.57 8.92
C THR A 59 -2.54 5.42 10.03
N LYS A 60 -1.30 5.16 9.64
CA LYS A 60 -0.21 5.00 10.60
C LYS A 60 0.60 6.28 10.72
N CYS A 61 1.28 6.66 9.63
CA CYS A 61 2.09 7.87 9.61
C CYS A 61 1.32 9.04 9.02
N SER A 62 0.16 8.74 8.43
CA SER A 62 -0.68 9.76 7.81
C SER A 62 0.06 10.44 6.66
N HIS A 63 0.70 9.63 5.82
CA HIS A 63 1.43 10.15 4.67
C HIS A 63 0.69 9.87 3.37
N ALA A 64 0.25 10.93 2.70
CA ALA A 64 -0.48 10.80 1.45
C ALA A 64 0.38 10.11 0.39
N PHE A 65 -0.24 9.25 -0.40
CA PHE A 65 0.47 8.52 -1.45
C PHE A 65 -0.50 7.96 -2.48
N HIS A 66 -0.15 8.09 -3.75
CA HIS A 66 -1.00 7.60 -4.84
C HIS A 66 -1.38 6.14 -4.59
N LEU A 67 -2.60 5.92 -4.11
CA LEU A 67 -3.10 4.58 -3.84
C LEU A 67 -2.60 3.60 -4.89
N LEU A 68 -2.38 4.08 -6.10
CA LEU A 68 -1.89 3.25 -7.19
C LEU A 68 -0.39 2.98 -7.04
N CYS A 69 0.39 4.05 -6.93
CA CYS A 69 1.83 3.94 -6.79
C CYS A 69 2.19 2.88 -5.75
N LEU A 70 1.65 3.03 -4.54
CA LEU A 70 1.91 2.09 -3.46
C LEU A 70 1.84 0.65 -3.97
N LEU A 71 0.84 0.37 -4.79
CA LEU A 71 0.66 -0.98 -5.34
C LEU A 71 1.84 -1.36 -6.24
N ALA A 72 2.32 -0.40 -7.03
CA ALA A 72 3.45 -0.64 -7.92
C ALA A 72 4.68 -1.03 -7.14
N MET A 73 5.00 -0.26 -6.11
CA MET A 73 6.18 -0.52 -5.28
C MET A 73 5.99 -1.80 -4.48
N TYR A 74 4.78 -1.99 -3.94
CA TYR A 74 4.48 -3.17 -3.15
C TYR A 74 4.57 -4.44 -4.00
N CYS A 75 4.07 -4.36 -5.23
CA CYS A 75 4.10 -5.51 -6.14
C CYS A 75 5.52 -5.99 -6.36
N ASN A 76 6.37 -5.10 -6.88
CA ASN A 76 7.76 -5.43 -7.14
C ASN A 76 8.49 -5.80 -5.85
N GLY A 77 7.99 -5.28 -4.73
CA GLY A 77 8.61 -5.57 -3.44
C GLY A 77 8.27 -6.96 -2.94
N ASN A 78 7.46 -7.02 -1.88
CA ASN A 78 7.05 -8.30 -1.30
C ASN A 78 5.57 -8.53 -1.47
N LYS A 79 5.21 -9.31 -2.49
CA LYS A 79 3.81 -9.61 -2.77
C LYS A 79 3.29 -10.69 -1.81
N ASP A 80 3.61 -10.54 -0.53
CA ASP A 80 3.17 -11.49 0.48
C ASP A 80 1.97 -10.94 1.26
N GLY A 81 2.00 -9.65 1.56
CA GLY A 81 0.93 -9.03 2.31
C GLY A 81 1.43 -8.01 3.31
N SER A 82 2.33 -7.13 2.87
CA SER A 82 2.88 -6.10 3.74
C SER A 82 3.09 -4.80 2.99
N LEU A 83 2.86 -3.69 3.66
CA LEU A 83 3.02 -2.37 3.05
C LEU A 83 3.94 -1.49 3.89
N GLN A 84 5.07 -1.12 3.31
CA GLN A 84 6.05 -0.28 3.99
C GLN A 84 6.12 1.11 3.37
N CYS A 85 5.91 2.13 4.19
CA CYS A 85 5.94 3.51 3.71
C CYS A 85 7.36 3.92 3.32
N PRO A 86 7.55 4.26 2.04
CA PRO A 86 8.85 4.67 1.50
C PRO A 86 9.29 6.03 2.03
N SER A 87 8.48 6.60 2.92
CA SER A 87 8.78 7.90 3.50
C SER A 87 9.36 7.76 4.90
N CYS A 88 8.62 7.10 5.79
CA CYS A 88 9.06 6.90 7.16
C CYS A 88 9.39 5.43 7.40
N LYS A 89 9.52 4.66 6.32
CA LYS A 89 9.83 3.24 6.42
C LYS A 89 9.09 2.60 7.58
N THR A 90 7.79 2.89 7.68
CA THR A 90 6.96 2.33 8.74
C THR A 90 6.19 1.12 8.26
N ILE A 91 6.50 -0.04 8.84
CA ILE A 91 5.83 -1.29 8.47
C ILE A 91 4.36 -1.26 8.89
N TYR A 92 3.55 -2.08 8.22
CA TYR A 92 2.12 -2.15 8.52
C TYR A 92 1.69 -3.59 8.73
N GLY A 93 2.25 -4.49 7.92
CA GLY A 93 1.89 -5.90 8.03
C GLY A 93 3.07 -6.81 7.71
N GLU A 94 4.22 -6.52 8.31
CA GLU A 94 5.42 -7.31 8.10
C GLU A 94 6.11 -7.64 9.42
N LYS A 95 5.92 -6.77 10.41
CA LYS A 95 6.52 -6.96 11.73
C LYS A 95 5.45 -7.35 12.75
N THR A 96 4.31 -6.70 12.69
CA THR A 96 3.21 -6.97 13.61
C THR A 96 2.35 -8.12 13.11
N GLY A 97 2.71 -9.34 13.49
CA GLY A 97 1.96 -10.50 13.06
C GLY A 97 2.84 -11.62 12.56
N THR A 98 3.80 -11.28 11.70
CA THR A 98 4.72 -12.26 11.14
C THR A 98 6.16 -11.85 11.37
N GLN A 99 7.09 -12.79 11.14
CA GLN A 99 8.51 -12.52 11.34
C GLN A 99 9.05 -11.63 10.23
N PRO A 100 9.78 -10.58 10.62
CA PRO A 100 10.37 -9.62 9.67
C PRO A 100 11.50 -10.23 8.86
N TRP A 101 11.97 -9.51 7.86
CA TRP A 101 13.05 -9.97 7.01
C TRP A 101 14.41 -9.63 7.60
N GLY A 102 15.44 -10.37 7.21
CA GLY A 102 16.77 -10.14 7.72
C GLY A 102 16.86 -10.29 9.22
N LYS A 103 17.25 -9.23 9.90
CA LYS A 103 17.37 -9.25 11.36
C LYS A 103 17.17 -7.85 11.94
N MET A 104 16.77 -7.80 13.21
CA MET A 104 16.54 -6.53 13.88
C MET A 104 17.38 -6.43 15.15
N GLU A 105 18.36 -5.54 15.13
CA GLU A 105 19.24 -5.35 16.28
C GLU A 105 20.16 -4.15 16.07
N VAL A 106 20.75 -3.66 17.16
CA VAL A 106 21.65 -2.51 17.09
C VAL A 106 23.08 -2.96 16.80
N PHE A 107 23.22 -3.97 15.95
CA PHE A 107 24.54 -4.49 15.58
C PHE A 107 24.64 -4.69 14.07
N ARG A 108 25.87 -4.84 13.58
CA ARG A 108 26.10 -5.03 12.15
C ARG A 108 26.57 -6.45 11.87
N SER A 109 25.63 -7.29 11.42
CA SER A 109 25.94 -8.68 11.12
C SER A 109 25.96 -8.91 9.61
N GLY A 110 27.15 -9.04 9.04
CA GLY A 110 27.28 -9.26 7.62
C GLY A 110 27.38 -7.96 6.83
N PRO A 111 27.51 -8.08 5.51
CA PRO A 111 27.61 -6.92 4.62
C PRO A 111 26.30 -6.14 4.52
N SER A 112 26.14 -5.16 5.38
CA SER A 112 24.94 -4.34 5.39
C SER A 112 24.72 -3.67 4.04
N SER A 113 23.68 -4.11 3.33
CA SER A 113 23.37 -3.55 2.02
C SER A 113 22.42 -2.37 2.14
N GLY A 114 21.37 -2.54 2.93
CA GLY A 114 20.41 -1.47 3.12
C GLY A 114 19.42 -1.37 1.98
ZN ZN B . 2.80 8.70 -7.17
ZN ZN C . 5.15 7.45 6.07
N GLY A 1 4.79 -15.70 11.71
CA GLY A 1 3.49 -15.21 11.32
C GLY A 1 2.48 -16.33 11.14
N SER A 2 1.24 -15.98 10.82
CA SER A 2 0.19 -16.96 10.61
C SER A 2 0.15 -17.42 9.16
N SER A 3 -0.28 -18.66 8.95
CA SER A 3 -0.36 -19.22 7.61
C SER A 3 -1.78 -19.70 7.30
N GLY A 4 -2.07 -19.90 6.02
CA GLY A 4 -3.39 -20.35 5.62
C GLY A 4 -4.31 -19.21 5.25
N SER A 5 -3.84 -18.35 4.35
CA SER A 5 -4.62 -17.19 3.91
C SER A 5 -4.04 -16.58 2.65
N SER A 6 -4.89 -15.96 1.84
CA SER A 6 -4.45 -15.33 0.59
C SER A 6 -5.57 -14.46 0.01
N GLY A 7 -5.17 -13.50 -0.82
CA GLY A 7 -6.15 -12.62 -1.44
C GLY A 7 -5.53 -11.73 -2.50
N GLU A 8 -6.02 -10.50 -2.60
CA GLU A 8 -5.51 -9.56 -3.59
C GLU A 8 -4.78 -8.40 -2.91
N PRO A 9 -3.83 -7.78 -3.62
CA PRO A 9 -3.04 -6.66 -3.11
C PRO A 9 -3.87 -5.39 -2.96
N GLU A 10 -4.72 -5.13 -3.95
CA GLU A 10 -5.57 -3.94 -3.92
C GLU A 10 -6.15 -3.72 -2.53
N GLN A 11 -6.58 -4.81 -1.89
CA GLN A 11 -7.15 -4.73 -0.56
C GLN A 11 -6.12 -4.28 0.46
N VAL A 12 -4.98 -4.94 0.47
CA VAL A 12 -3.90 -4.60 1.40
C VAL A 12 -3.59 -3.11 1.36
N ILE A 13 -3.63 -2.54 0.15
CA ILE A 13 -3.35 -1.12 -0.02
C ILE A 13 -4.37 -0.27 0.74
N ARG A 14 -5.64 -0.40 0.37
CA ARG A 14 -6.70 0.36 1.02
C ARG A 14 -6.73 0.08 2.53
N LYS A 15 -6.47 -1.17 2.90
CA LYS A 15 -6.47 -1.57 4.30
C LYS A 15 -5.57 -0.65 5.12
N TYR A 16 -4.53 -0.13 4.50
CA TYR A 16 -3.59 0.76 5.17
C TYR A 16 -3.80 2.21 4.72
N THR A 17 -4.32 2.38 3.51
CA THR A 17 -4.56 3.70 2.96
C THR A 17 -6.06 3.99 2.87
N GLU A 18 -6.47 5.11 3.44
CA GLU A 18 -7.88 5.50 3.43
C GLU A 18 -8.13 6.57 2.37
N GLU A 19 -8.87 6.21 1.33
CA GLU A 19 -9.18 7.14 0.24
C GLU A 19 -9.76 8.43 0.80
N LEU A 20 -9.25 9.56 0.31
CA LEU A 20 -9.73 10.87 0.76
C LEU A 20 -10.67 11.49 -0.27
N LYS A 21 -11.72 12.13 0.22
CA LYS A 21 -12.69 12.77 -0.66
C LYS A 21 -12.01 13.53 -1.79
N VAL A 22 -10.85 14.11 -1.49
CA VAL A 22 -10.09 14.85 -2.48
C VAL A 22 -8.60 14.82 -2.17
N ALA A 23 -7.78 14.58 -3.19
CA ALA A 23 -6.34 14.53 -3.02
C ALA A 23 -5.85 15.68 -2.14
N PRO A 24 -5.12 15.33 -1.07
CA PRO A 24 -4.57 16.31 -0.13
C PRO A 24 -3.45 17.15 -0.75
N GLU A 25 -2.97 18.13 0.01
CA GLU A 25 -1.91 19.00 -0.47
C GLU A 25 -0.54 18.37 -0.23
N GLU A 26 -0.47 17.04 -0.36
CA GLU A 26 0.78 16.33 -0.16
C GLU A 26 1.45 16.03 -1.51
N ASP A 27 2.63 15.41 -1.45
CA ASP A 27 3.37 15.08 -2.66
C ASP A 27 3.85 13.63 -2.62
N CYS A 28 3.72 12.94 -3.75
CA CYS A 28 4.14 11.55 -3.84
C CYS A 28 5.61 11.45 -4.21
N ILE A 29 6.42 10.95 -3.28
CA ILE A 29 7.85 10.79 -3.51
C ILE A 29 8.14 9.61 -4.41
N ILE A 30 7.29 8.58 -4.35
CA ILE A 30 7.45 7.39 -5.17
C ILE A 30 7.58 7.76 -6.64
N CYS A 31 6.73 8.67 -7.10
CA CYS A 31 6.75 9.11 -8.49
C CYS A 31 7.19 10.56 -8.59
N MET A 32 7.42 11.19 -7.44
CA MET A 32 7.84 12.59 -7.41
C MET A 32 6.87 13.47 -8.18
N GLU A 33 5.58 13.20 -8.03
CA GLU A 33 4.56 13.98 -8.72
C GLU A 33 3.46 14.41 -7.75
N LYS A 34 3.04 15.66 -7.86
CA LYS A 34 2.00 16.21 -7.00
C LYS A 34 0.72 15.40 -7.11
N LEU A 35 0.27 14.86 -5.98
CA LEU A 35 -0.96 14.06 -5.95
C LEU A 35 -2.02 14.65 -6.88
N ALA A 36 -2.04 15.97 -6.98
CA ALA A 36 -3.00 16.65 -7.84
C ALA A 36 -3.04 16.03 -9.22
N VAL A 37 -1.87 15.75 -9.79
CA VAL A 37 -1.77 15.15 -11.11
C VAL A 37 -1.95 13.64 -11.04
N ALA A 38 -1.94 12.99 -12.20
CA ALA A 38 -2.10 11.55 -12.26
C ALA A 38 -0.94 10.83 -11.58
N SER A 39 -1.02 9.51 -11.51
CA SER A 39 0.02 8.71 -10.88
C SER A 39 1.17 8.45 -11.85
N GLY A 40 2.38 8.28 -11.31
CA GLY A 40 3.54 8.04 -12.13
C GLY A 40 3.51 6.66 -12.77
N TYR A 41 2.98 5.68 -12.05
CA TYR A 41 2.90 4.32 -12.55
C TYR A 41 1.55 4.05 -13.19
N SER A 42 0.84 5.13 -13.56
CA SER A 42 -0.46 5.00 -14.18
C SER A 42 -0.45 3.94 -15.28
N ASP A 43 0.52 4.03 -16.17
CA ASP A 43 0.65 3.07 -17.26
C ASP A 43 1.24 1.75 -16.77
N MET A 44 2.38 1.85 -16.09
CA MET A 44 3.05 0.66 -15.55
C MET A 44 2.04 -0.31 -14.94
N THR A 45 1.14 0.22 -14.12
CA THR A 45 0.13 -0.59 -13.46
C THR A 45 -1.12 -0.71 -14.33
N ASP A 46 -1.72 0.43 -14.66
CA ASP A 46 -2.92 0.46 -15.49
C ASP A 46 -3.96 -0.51 -14.96
N SER A 47 -4.12 -0.55 -13.63
CA SER A 47 -5.08 -1.45 -13.01
C SER A 47 -6.51 -1.04 -13.35
N LYS A 48 -7.44 -1.98 -13.23
CA LYS A 48 -8.83 -1.72 -13.53
C LYS A 48 -9.57 -1.20 -12.30
N ALA A 49 -9.37 -1.88 -11.17
CA ALA A 49 -10.01 -1.48 -9.93
C ALA A 49 -9.44 -0.16 -9.41
N LEU A 50 -8.15 -0.15 -9.11
CA LEU A 50 -7.48 1.05 -8.61
C LEU A 50 -7.35 2.09 -9.71
N GLY A 51 -7.23 3.36 -9.31
CA GLY A 51 -7.09 4.43 -10.28
C GLY A 51 -5.83 5.24 -10.07
N PRO A 52 -5.30 5.81 -11.16
CA PRO A 52 -4.09 6.63 -11.12
C PRO A 52 -4.30 7.96 -10.39
N MET A 53 -5.45 8.58 -10.63
CA MET A 53 -5.77 9.85 -10.01
C MET A 53 -6.12 9.66 -8.54
N VAL A 54 -6.78 8.55 -8.23
CA VAL A 54 -7.17 8.25 -6.86
C VAL A 54 -6.03 8.50 -5.89
N VAL A 55 -6.34 9.04 -4.72
CA VAL A 55 -5.34 9.33 -3.71
C VAL A 55 -5.86 9.04 -2.31
N GLY A 56 -4.99 8.55 -1.44
CA GLY A 56 -5.39 8.26 -0.07
C GLY A 56 -4.28 8.51 0.92
N ARG A 57 -4.61 8.42 2.21
CA ARG A 57 -3.64 8.65 3.27
C ARG A 57 -3.53 7.44 4.18
N LEU A 58 -2.30 6.99 4.43
CA LEU A 58 -2.07 5.84 5.28
C LEU A 58 -2.75 6.01 6.64
N THR A 59 -2.84 4.92 7.38
CA THR A 59 -3.48 4.95 8.70
C THR A 59 -2.43 4.84 9.81
N LYS A 60 -1.18 5.11 9.48
CA LYS A 60 -0.09 5.05 10.44
C LYS A 60 0.64 6.38 10.54
N CYS A 61 1.35 6.73 9.49
CA CYS A 61 2.09 8.00 9.45
C CYS A 61 1.27 9.09 8.80
N SER A 62 0.03 8.77 8.43
CA SER A 62 -0.85 9.72 7.78
C SER A 62 -0.17 10.38 6.60
N HIS A 63 0.57 9.59 5.83
CA HIS A 63 1.28 10.10 4.66
C HIS A 63 0.52 9.77 3.37
N ALA A 64 0.07 10.81 2.68
CA ALA A 64 -0.67 10.62 1.42
C ALA A 64 0.19 9.91 0.38
N PHE A 65 -0.45 9.06 -0.42
CA PHE A 65 0.26 8.32 -1.46
C PHE A 65 -0.72 7.76 -2.48
N HIS A 66 -0.37 7.90 -3.77
CA HIS A 66 -1.22 7.40 -4.84
C HIS A 66 -1.57 5.92 -4.63
N LEU A 67 -2.78 5.68 -4.16
CA LEU A 67 -3.24 4.31 -3.92
C LEU A 67 -2.72 3.36 -4.99
N LEU A 68 -2.50 3.90 -6.19
CA LEU A 68 -1.99 3.10 -7.30
C LEU A 68 -0.49 2.87 -7.17
N CYS A 69 0.25 3.94 -6.93
CA CYS A 69 1.70 3.85 -6.79
C CYS A 69 2.08 2.81 -5.75
N LEU A 70 1.57 2.99 -4.53
CA LEU A 70 1.85 2.06 -3.44
C LEU A 70 1.69 0.61 -3.90
N LEU A 71 0.64 0.36 -4.68
CA LEU A 71 0.37 -0.98 -5.18
C LEU A 71 1.51 -1.47 -6.06
N ALA A 72 1.97 -0.60 -6.96
CA ALA A 72 3.07 -0.94 -7.86
C ALA A 72 4.35 -1.27 -7.08
N MET A 73 4.69 -0.40 -6.13
CA MET A 73 5.88 -0.61 -5.32
C MET A 73 5.78 -1.88 -4.51
N TYR A 74 4.62 -2.11 -3.90
CA TYR A 74 4.40 -3.31 -3.09
C TYR A 74 4.59 -4.57 -3.92
N CYS A 75 3.89 -4.64 -5.04
CA CYS A 75 3.99 -5.80 -5.93
C CYS A 75 5.44 -6.17 -6.19
N ASN A 76 6.19 -5.26 -6.77
CA ASN A 76 7.60 -5.49 -7.08
C ASN A 76 8.35 -5.93 -5.82
N GLY A 77 8.01 -5.33 -4.69
CA GLY A 77 8.66 -5.68 -3.44
C GLY A 77 8.21 -7.02 -2.90
N ASN A 78 8.24 -7.16 -1.57
CA ASN A 78 7.83 -8.40 -0.93
C ASN A 78 6.33 -8.41 -0.66
N LYS A 79 5.58 -9.03 -1.56
CA LYS A 79 4.13 -9.11 -1.41
C LYS A 79 3.74 -10.14 -0.35
N ASP A 80 4.37 -10.04 0.82
CA ASP A 80 4.10 -10.95 1.93
C ASP A 80 3.03 -10.38 2.85
N GLY A 81 2.00 -9.77 2.25
CA GLY A 81 0.94 -9.19 3.05
C GLY A 81 1.42 -8.10 3.98
N SER A 82 2.11 -7.11 3.42
CA SER A 82 2.64 -6.01 4.21
C SER A 82 2.98 -4.81 3.33
N LEU A 83 2.64 -3.62 3.81
CA LEU A 83 2.91 -2.39 3.07
C LEU A 83 3.79 -1.44 3.87
N GLN A 84 4.94 -1.08 3.30
CA GLN A 84 5.87 -0.17 3.96
C GLN A 84 5.92 1.17 3.24
N CYS A 85 6.01 2.24 4.01
CA CYS A 85 6.08 3.59 3.45
C CYS A 85 7.47 3.90 2.93
N PRO A 86 7.58 4.16 1.62
CA PRO A 86 8.86 4.47 0.97
C PRO A 86 9.39 5.83 1.38
N SER A 87 8.75 6.45 2.37
CA SER A 87 9.16 7.76 2.85
C SER A 87 9.71 7.67 4.26
N CYS A 88 8.84 7.30 5.20
CA CYS A 88 9.24 7.17 6.60
C CYS A 88 9.71 5.75 6.91
N LYS A 89 9.49 4.85 5.95
CA LYS A 89 9.89 3.46 6.12
C LYS A 89 9.17 2.82 7.31
N THR A 90 7.87 3.01 7.38
CA THR A 90 7.06 2.46 8.46
C THR A 90 6.26 1.24 7.99
N ILE A 91 6.52 0.10 8.62
CA ILE A 91 5.82 -1.13 8.27
C ILE A 91 4.42 -1.17 8.87
N TYR A 92 3.48 -1.79 8.16
CA TYR A 92 2.11 -1.89 8.63
C TYR A 92 1.75 -3.34 8.96
N GLY A 93 2.28 -4.27 8.15
CA GLY A 93 2.00 -5.67 8.38
C GLY A 93 2.91 -6.28 9.43
N GLU A 94 4.11 -6.68 9.02
CA GLU A 94 5.07 -7.28 9.94
C GLU A 94 5.86 -6.20 10.69
N LYS A 95 5.27 -5.68 11.76
CA LYS A 95 5.92 -4.65 12.56
C LYS A 95 6.08 -5.10 14.00
N THR A 96 7.30 -5.39 14.40
CA THR A 96 7.59 -5.84 15.76
C THR A 96 7.40 -4.71 16.76
N GLY A 97 6.30 -4.77 17.51
CA GLY A 97 6.01 -3.74 18.50
C GLY A 97 5.30 -4.29 19.72
N THR A 98 4.66 -3.41 20.47
CA THR A 98 3.94 -3.81 21.67
C THR A 98 3.22 -5.15 21.47
N GLN A 99 2.35 -5.19 20.47
CA GLN A 99 1.61 -6.41 20.15
C GLN A 99 1.61 -6.68 18.65
N PRO A 100 2.41 -7.68 18.23
CA PRO A 100 2.52 -8.06 16.82
C PRO A 100 1.26 -8.74 16.31
N TRP A 101 0.45 -9.26 17.23
CA TRP A 101 -0.79 -9.93 16.87
C TRP A 101 -1.74 -10.01 18.07
N GLY A 102 -3.03 -10.10 17.79
CA GLY A 102 -4.01 -10.18 18.84
C GLY A 102 -5.28 -10.90 18.42
N LYS A 103 -6.13 -11.23 19.38
CA LYS A 103 -7.38 -11.93 19.09
C LYS A 103 -8.30 -11.07 18.22
N MET A 104 -9.03 -11.72 17.33
CA MET A 104 -9.95 -11.02 16.45
C MET A 104 -10.76 -12.01 15.59
N GLU A 105 -12.06 -11.82 15.56
CA GLU A 105 -12.95 -12.69 14.79
C GLU A 105 -14.18 -11.94 14.31
N VAL A 106 -14.32 -11.82 13.00
CA VAL A 106 -15.47 -11.12 12.42
C VAL A 106 -16.66 -12.06 12.27
N PHE A 107 -17.54 -12.05 13.27
CA PHE A 107 -18.73 -12.90 13.25
C PHE A 107 -19.99 -12.06 13.28
N ARG A 108 -20.03 -11.10 14.20
CA ARG A 108 -21.19 -10.21 14.34
C ARG A 108 -21.55 -9.57 13.00
N SER A 109 -22.84 -9.43 12.75
CA SER A 109 -23.31 -8.83 11.50
C SER A 109 -23.81 -7.41 11.74
N GLY A 110 -23.81 -6.60 10.68
CA GLY A 110 -24.26 -5.22 10.79
C GLY A 110 -25.75 -5.09 10.58
N PRO A 111 -26.42 -4.34 11.47
CA PRO A 111 -27.87 -4.11 11.40
C PRO A 111 -28.25 -3.24 10.20
N SER A 112 -29.56 -3.17 9.93
CA SER A 112 -30.06 -2.37 8.82
C SER A 112 -30.02 -0.89 9.15
N SER A 113 -29.91 -0.05 8.13
CA SER A 113 -29.86 1.39 8.32
C SER A 113 -31.23 2.02 8.13
N GLY A 114 -31.87 2.37 9.24
CA GLY A 114 -33.19 2.98 9.18
C GLY A 114 -34.06 2.60 10.38
ZN ZN B . 2.57 8.64 -7.17
ZN ZN C . 5.05 7.56 5.76
N GLY A 1 0.94 -18.34 6.12
CA GLY A 1 -0.41 -17.85 5.92
C GLY A 1 -1.17 -17.70 7.22
N SER A 2 -1.76 -16.53 7.43
CA SER A 2 -2.51 -16.26 8.65
C SER A 2 -3.88 -16.93 8.60
N SER A 3 -3.90 -18.23 8.92
CA SER A 3 -5.14 -19.00 8.92
C SER A 3 -5.96 -18.69 7.67
N GLY A 4 -5.29 -18.60 6.53
CA GLY A 4 -5.97 -18.30 5.28
C GLY A 4 -5.01 -17.98 4.16
N SER A 5 -4.84 -18.91 3.22
CA SER A 5 -3.95 -18.73 2.09
C SER A 5 -4.70 -18.13 0.90
N SER A 6 -4.91 -16.83 0.94
CA SER A 6 -5.62 -16.13 -0.13
C SER A 6 -5.62 -14.62 0.10
N GLY A 7 -6.03 -13.87 -0.93
CA GLY A 7 -6.09 -12.43 -0.81
C GLY A 7 -5.46 -11.73 -2.00
N GLU A 8 -5.34 -10.41 -1.91
CA GLU A 8 -4.76 -9.62 -3.00
C GLU A 8 -4.13 -8.34 -2.47
N PRO A 9 -3.19 -7.78 -3.23
CA PRO A 9 -2.49 -6.55 -2.86
C PRO A 9 -3.41 -5.32 -2.92
N GLU A 10 -4.41 -5.39 -3.79
CA GLU A 10 -5.35 -4.29 -3.95
C GLU A 10 -5.99 -3.92 -2.61
N GLN A 11 -6.53 -4.91 -1.91
CA GLN A 11 -7.17 -4.68 -0.62
C GLN A 11 -6.14 -4.28 0.42
N VAL A 12 -5.00 -4.98 0.44
CA VAL A 12 -3.94 -4.70 1.39
C VAL A 12 -3.64 -3.20 1.45
N ILE A 13 -3.66 -2.56 0.28
CA ILE A 13 -3.38 -1.13 0.20
C ILE A 13 -4.51 -0.32 0.82
N ARG A 14 -5.73 -0.51 0.29
CA ARG A 14 -6.90 0.21 0.79
C ARG A 14 -7.11 -0.08 2.28
N LYS A 15 -6.59 -1.21 2.75
CA LYS A 15 -6.72 -1.60 4.14
C LYS A 15 -5.76 -0.80 5.02
N TYR A 16 -4.60 -0.45 4.47
CA TYR A 16 -3.60 0.31 5.20
C TYR A 16 -3.72 1.79 4.90
N THR A 17 -4.40 2.12 3.80
CA THR A 17 -4.58 3.51 3.41
C THR A 17 -6.05 3.90 3.44
N GLU A 18 -6.32 5.20 3.41
CA GLU A 18 -7.70 5.70 3.43
C GLU A 18 -7.92 6.74 2.35
N GLU A 19 -8.82 6.44 1.42
CA GLU A 19 -9.12 7.35 0.32
C GLU A 19 -9.67 8.67 0.85
N LEU A 20 -9.31 9.77 0.20
CA LEU A 20 -9.77 11.09 0.60
C LEU A 20 -10.60 11.75 -0.50
N LYS A 21 -11.76 12.25 -0.14
CA LYS A 21 -12.64 12.91 -1.10
C LYS A 21 -11.84 13.69 -2.13
N VAL A 22 -10.79 14.35 -1.68
CA VAL A 22 -9.92 15.13 -2.56
C VAL A 22 -8.45 14.98 -2.17
N ALA A 23 -7.59 14.84 -3.18
CA ALA A 23 -6.17 14.69 -2.95
C ALA A 23 -5.63 15.83 -2.09
N PRO A 24 -4.85 15.48 -1.06
CA PRO A 24 -4.26 16.45 -0.14
C PRO A 24 -3.17 17.30 -0.80
N GLU A 25 -2.62 18.24 -0.05
CA GLU A 25 -1.58 19.12 -0.57
C GLU A 25 -0.20 18.49 -0.39
N GLU A 26 -0.16 17.16 -0.42
CA GLU A 26 1.10 16.44 -0.26
C GLU A 26 1.72 16.13 -1.62
N ASP A 27 2.96 15.64 -1.60
CA ASP A 27 3.68 15.31 -2.82
C ASP A 27 4.22 13.88 -2.76
N CYS A 28 3.81 13.06 -3.74
CA CYS A 28 4.25 11.67 -3.79
C CYS A 28 5.73 11.59 -4.15
N ILE A 29 6.46 10.75 -3.41
CA ILE A 29 7.89 10.58 -3.66
C ILE A 29 8.15 9.35 -4.54
N ILE A 30 7.24 8.39 -4.49
CA ILE A 30 7.37 7.17 -5.28
C ILE A 30 7.49 7.50 -6.77
N CYS A 31 6.75 8.51 -7.21
CA CYS A 31 6.78 8.94 -8.60
C CYS A 31 7.24 10.38 -8.73
N MET A 32 7.30 11.09 -7.60
CA MET A 32 7.72 12.48 -7.58
C MET A 32 6.77 13.34 -8.40
N GLU A 33 5.48 13.21 -8.13
CA GLU A 33 4.46 13.98 -8.85
C GLU A 33 3.38 14.47 -7.89
N LYS A 34 2.94 15.71 -8.08
CA LYS A 34 1.90 16.29 -7.24
C LYS A 34 0.63 15.45 -7.28
N LEU A 35 0.15 15.06 -6.10
CA LEU A 35 -1.06 14.26 -6.00
C LEU A 35 -2.16 14.82 -6.90
N ALA A 36 -2.19 16.14 -7.05
CA ALA A 36 -3.19 16.80 -7.87
C ALA A 36 -3.25 16.18 -9.27
N VAL A 37 -2.09 15.83 -9.80
CA VAL A 37 -2.00 15.23 -11.13
C VAL A 37 -2.09 13.70 -11.04
N ALA A 38 -2.16 13.05 -12.20
CA ALA A 38 -2.25 11.59 -12.25
C ALA A 38 -0.97 10.95 -11.73
N SER A 39 -1.01 9.65 -11.52
CA SER A 39 0.15 8.91 -11.01
C SER A 39 1.11 8.58 -12.14
N GLY A 40 2.37 8.32 -11.78
CA GLY A 40 3.37 7.99 -12.77
C GLY A 40 3.26 6.56 -13.26
N TYR A 41 2.97 5.64 -12.34
CA TYR A 41 2.84 4.24 -12.68
C TYR A 41 1.55 3.98 -13.46
N SER A 42 0.69 4.99 -13.51
CA SER A 42 -0.59 4.87 -14.22
C SER A 42 -0.43 4.02 -15.48
N ASP A 43 0.72 4.15 -16.13
CA ASP A 43 0.99 3.39 -17.34
C ASP A 43 1.41 1.96 -17.01
N MET A 44 2.45 1.83 -16.20
CA MET A 44 2.94 0.52 -15.79
C MET A 44 1.81 -0.34 -15.22
N THR A 45 1.09 0.22 -14.25
CA THR A 45 -0.02 -0.50 -13.63
C THR A 45 -1.32 -0.29 -14.39
N ASP A 46 -2.20 -1.28 -14.34
CA ASP A 46 -3.48 -1.20 -15.03
C ASP A 46 -4.61 -1.68 -14.13
N SER A 47 -4.51 -1.38 -12.84
CA SER A 47 -5.52 -1.78 -11.86
C SER A 47 -6.83 -1.06 -12.12
N LYS A 48 -7.93 -1.80 -12.01
CA LYS A 48 -9.26 -1.23 -12.22
C LYS A 48 -9.79 -0.58 -10.95
N ALA A 49 -9.79 -1.34 -9.86
CA ALA A 49 -10.27 -0.84 -8.58
C ALA A 49 -9.55 0.45 -8.18
N LEU A 50 -8.23 0.45 -8.34
CA LEU A 50 -7.43 1.62 -8.00
C LEU A 50 -7.30 2.56 -9.20
N GLY A 51 -7.10 3.84 -8.92
CA GLY A 51 -6.95 4.81 -9.99
C GLY A 51 -5.74 5.71 -9.80
N PRO A 52 -5.12 6.10 -10.92
CA PRO A 52 -3.93 6.97 -10.89
C PRO A 52 -4.26 8.39 -10.45
N MET A 53 -5.55 8.68 -10.31
CA MET A 53 -5.99 10.00 -9.89
C MET A 53 -6.37 10.01 -8.41
N VAL A 54 -6.94 8.91 -7.95
CA VAL A 54 -7.34 8.79 -6.55
C VAL A 54 -6.12 8.78 -5.63
N VAL A 55 -6.29 9.32 -4.43
CA VAL A 55 -5.21 9.37 -3.45
C VAL A 55 -5.72 9.09 -2.05
N GLY A 56 -4.91 8.39 -1.26
CA GLY A 56 -5.30 8.06 0.10
C GLY A 56 -4.15 8.20 1.08
N ARG A 57 -4.46 8.55 2.32
CA ARG A 57 -3.46 8.72 3.35
C ARG A 57 -3.40 7.50 4.27
N LEU A 58 -2.19 7.05 4.59
CA LEU A 58 -2.01 5.89 5.46
C LEU A 58 -2.60 6.14 6.83
N THR A 59 -3.00 5.06 7.50
CA THR A 59 -3.59 5.17 8.84
C THR A 59 -2.54 4.94 9.92
N LYS A 60 -1.28 5.10 9.55
CA LYS A 60 -0.18 4.91 10.49
C LYS A 60 0.63 6.18 10.64
N CYS A 61 1.29 6.59 9.56
CA CYS A 61 2.11 7.80 9.57
C CYS A 61 1.35 8.98 8.99
N SER A 62 0.16 8.70 8.45
CA SER A 62 -0.67 9.74 7.86
C SER A 62 0.04 10.40 6.68
N HIS A 63 0.63 9.57 5.81
CA HIS A 63 1.34 10.07 4.65
C HIS A 63 0.58 9.74 3.37
N ALA A 64 0.16 10.78 2.65
CA ALA A 64 -0.58 10.62 1.41
C ALA A 64 0.29 9.96 0.34
N PHE A 65 -0.29 9.01 -0.39
CA PHE A 65 0.43 8.31 -1.44
C PHE A 65 -0.53 7.78 -2.51
N HIS A 66 -0.19 8.02 -3.77
CA HIS A 66 -1.02 7.58 -4.88
C HIS A 66 -1.44 6.12 -4.69
N LEU A 67 -2.69 5.91 -4.28
CA LEU A 67 -3.20 4.56 -4.06
C LEU A 67 -2.65 3.59 -5.10
N LEU A 68 -2.41 4.11 -6.31
CA LEU A 68 -1.88 3.28 -7.39
C LEU A 68 -0.40 3.00 -7.19
N CYS A 69 0.37 4.06 -6.89
CA CYS A 69 1.80 3.93 -6.67
C CYS A 69 2.08 2.89 -5.58
N LEU A 70 1.44 3.05 -4.43
CA LEU A 70 1.63 2.12 -3.32
C LEU A 70 1.51 0.67 -3.78
N LEU A 71 0.46 0.38 -4.56
CA LEU A 71 0.25 -0.96 -5.07
C LEU A 71 1.42 -1.42 -5.93
N ALA A 72 1.83 -0.57 -6.86
CA ALA A 72 2.95 -0.89 -7.75
C ALA A 72 4.20 -1.25 -6.94
N MET A 73 4.65 -0.33 -6.10
CA MET A 73 5.82 -0.55 -5.28
C MET A 73 5.71 -1.86 -4.50
N TYR A 74 4.52 -2.11 -3.95
CA TYR A 74 4.28 -3.32 -3.19
C TYR A 74 4.56 -4.57 -4.02
N CYS A 75 4.23 -4.50 -5.30
CA CYS A 75 4.44 -5.61 -6.22
C CYS A 75 5.93 -5.85 -6.44
N ASN A 76 6.68 -4.77 -6.62
CA ASN A 76 8.11 -4.86 -6.84
C ASN A 76 8.83 -5.40 -5.61
N GLY A 77 8.30 -5.05 -4.44
CA GLY A 77 8.90 -5.51 -3.19
C GLY A 77 8.50 -6.92 -2.83
N ASN A 78 8.20 -7.15 -1.56
CA ASN A 78 7.80 -8.47 -1.09
C ASN A 78 6.28 -8.57 -0.99
N LYS A 79 5.67 -9.19 -1.99
CA LYS A 79 4.21 -9.35 -2.02
C LYS A 79 3.78 -10.45 -1.06
N ASP A 80 4.27 -10.38 0.18
CA ASP A 80 3.92 -11.36 1.19
C ASP A 80 3.04 -10.73 2.28
N GLY A 81 2.12 -9.88 1.87
CA GLY A 81 1.24 -9.22 2.82
C GLY A 81 1.98 -8.25 3.73
N SER A 82 2.51 -7.18 3.15
CA SER A 82 3.24 -6.18 3.91
C SER A 82 3.48 -4.93 3.07
N LEU A 83 3.18 -3.78 3.66
CA LEU A 83 3.35 -2.50 2.98
C LEU A 83 4.16 -1.53 3.83
N GLN A 84 5.33 -1.15 3.33
CA GLN A 84 6.20 -0.22 4.05
C GLN A 84 6.29 1.12 3.32
N CYS A 85 6.04 2.19 4.06
CA CYS A 85 6.08 3.53 3.49
C CYS A 85 7.49 3.90 3.06
N PRO A 86 7.67 4.20 1.77
CA PRO A 86 8.98 4.57 1.21
C PRO A 86 9.45 5.94 1.69
N SER A 87 8.68 6.54 2.59
CA SER A 87 9.02 7.85 3.15
C SER A 87 9.53 7.72 4.58
N CYS A 88 8.66 7.32 5.48
CA CYS A 88 9.01 7.17 6.89
C CYS A 88 9.58 5.78 7.15
N LYS A 89 9.42 4.88 6.18
CA LYS A 89 9.92 3.51 6.30
C LYS A 89 9.20 2.77 7.43
N THR A 90 7.88 2.90 7.46
CA THR A 90 7.07 2.24 8.49
C THR A 90 6.28 1.07 7.91
N ILE A 91 6.46 -0.11 8.48
CA ILE A 91 5.77 -1.31 8.02
C ILE A 91 4.36 -1.37 8.60
N TYR A 92 3.44 -1.94 7.82
CA TYR A 92 2.05 -2.07 8.25
C TYR A 92 1.67 -3.54 8.42
N GLY A 93 2.17 -4.38 7.52
CA GLY A 93 1.87 -5.79 7.58
C GLY A 93 2.45 -6.46 8.81
N GLU A 94 3.74 -6.72 8.78
CA GLU A 94 4.42 -7.36 9.90
C GLU A 94 5.10 -6.32 10.79
N LYS A 95 5.43 -6.72 12.02
CA LYS A 95 6.09 -5.83 12.97
C LYS A 95 6.47 -6.58 14.24
N THR A 96 7.72 -6.41 14.66
CA THR A 96 8.21 -7.06 15.87
C THR A 96 7.55 -6.49 17.12
N GLY A 97 7.37 -5.17 17.13
CA GLY A 97 6.74 -4.52 18.27
C GLY A 97 5.41 -5.14 18.65
N THR A 98 4.32 -4.50 18.24
CA THR A 98 2.98 -5.00 18.53
C THR A 98 2.57 -6.08 17.54
N GLN A 99 2.37 -7.30 18.04
CA GLN A 99 1.97 -8.41 17.20
C GLN A 99 0.96 -7.96 16.15
N PRO A 100 1.07 -8.52 14.94
CA PRO A 100 0.18 -8.19 13.82
C PRO A 100 -1.24 -8.72 14.03
N TRP A 101 -2.05 -7.93 14.73
CA TRP A 101 -3.43 -8.32 15.01
C TRP A 101 -4.30 -8.21 13.75
N GLY A 102 -4.97 -9.29 13.40
CA GLY A 102 -5.82 -9.29 12.22
C GLY A 102 -6.76 -10.48 12.18
N LYS A 103 -7.73 -10.49 13.09
CA LYS A 103 -8.71 -11.58 13.15
C LYS A 103 -9.82 -11.38 12.12
N MET A 104 -9.56 -10.53 11.14
CA MET A 104 -10.53 -10.25 10.09
C MET A 104 -10.11 -10.89 8.77
N GLU A 105 -10.92 -11.82 8.28
CA GLU A 105 -10.63 -12.50 7.02
C GLU A 105 -11.83 -13.31 6.55
N VAL A 106 -11.97 -13.44 5.23
CA VAL A 106 -13.07 -14.19 4.65
C VAL A 106 -12.64 -14.91 3.38
N PHE A 107 -13.12 -16.13 3.20
CA PHE A 107 -12.78 -16.93 2.03
C PHE A 107 -13.15 -16.19 0.75
N ARG A 108 -12.18 -16.00 -0.12
CA ARG A 108 -12.39 -15.31 -1.39
C ARG A 108 -11.39 -15.76 -2.44
N SER A 109 -11.87 -15.93 -3.67
CA SER A 109 -11.01 -16.36 -4.77
C SER A 109 -10.97 -15.31 -5.87
N GLY A 110 -12.15 -14.82 -6.26
CA GLY A 110 -12.23 -13.82 -7.30
C GLY A 110 -13.30 -14.13 -8.32
N PRO A 111 -14.49 -13.55 -8.13
CA PRO A 111 -15.63 -13.75 -9.03
C PRO A 111 -15.42 -13.09 -10.38
N SER A 112 -14.81 -11.90 -10.37
CA SER A 112 -14.56 -11.17 -11.60
C SER A 112 -13.07 -11.14 -11.92
N SER A 113 -12.70 -11.76 -13.04
CA SER A 113 -11.30 -11.82 -13.46
C SER A 113 -11.19 -11.67 -14.97
N GLY A 114 -10.28 -10.80 -15.40
CA GLY A 114 -10.08 -10.58 -16.83
C GLY A 114 -10.30 -9.14 -17.22
ZN ZN B . 2.84 8.67 -7.10
ZN ZN C . 4.98 7.52 5.73
N GLY A 1 -4.41 -23.78 5.46
CA GLY A 1 -3.44 -22.70 5.33
C GLY A 1 -3.18 -22.32 3.89
N SER A 2 -2.39 -21.27 3.69
CA SER A 2 -2.07 -20.80 2.35
C SER A 2 -0.68 -21.28 1.92
N SER A 3 0.24 -21.35 2.88
CA SER A 3 1.60 -21.79 2.61
C SER A 3 2.08 -21.25 1.28
N GLY A 4 1.95 -19.93 1.09
CA GLY A 4 2.39 -19.31 -0.14
C GLY A 4 2.00 -17.84 -0.22
N SER A 5 0.82 -17.58 -0.79
CA SER A 5 0.33 -16.22 -0.94
C SER A 5 -1.19 -16.19 -1.05
N SER A 6 -1.79 -15.12 -0.57
CA SER A 6 -3.24 -14.97 -0.62
C SER A 6 -3.66 -13.55 -0.22
N GLY A 7 -4.77 -13.09 -0.80
CA GLY A 7 -5.25 -11.75 -0.49
C GLY A 7 -4.70 -10.70 -1.43
N GLU A 8 -5.47 -10.35 -2.45
CA GLU A 8 -5.05 -9.36 -3.42
C GLU A 8 -4.45 -8.13 -2.74
N PRO A 9 -3.50 -7.47 -3.41
CA PRO A 9 -2.83 -6.28 -2.88
C PRO A 9 -3.76 -5.08 -2.82
N GLU A 10 -4.63 -4.95 -3.81
CA GLU A 10 -5.57 -3.84 -3.87
C GLU A 10 -6.30 -3.69 -2.54
N GLN A 11 -6.32 -4.75 -1.76
CA GLN A 11 -6.99 -4.74 -0.46
C GLN A 11 -6.06 -4.22 0.63
N VAL A 12 -5.04 -5.01 0.95
CA VAL A 12 -4.08 -4.65 1.98
C VAL A 12 -3.72 -3.16 1.89
N ILE A 13 -3.64 -2.65 0.66
CA ILE A 13 -3.31 -1.25 0.44
C ILE A 13 -4.30 -0.34 1.17
N ARG A 14 -5.57 -0.45 0.84
CA ARG A 14 -6.61 0.37 1.46
C ARG A 14 -6.65 0.12 2.97
N LYS A 15 -6.56 -1.14 3.36
CA LYS A 15 -6.58 -1.51 4.78
C LYS A 15 -5.65 -0.61 5.59
N TYR A 16 -4.61 -0.10 4.94
CA TYR A 16 -3.65 0.77 5.61
C TYR A 16 -3.80 2.21 5.14
N THR A 17 -4.29 2.37 3.90
CA THR A 17 -4.49 3.70 3.33
C THR A 17 -5.97 4.03 3.20
N GLU A 18 -6.35 5.21 3.65
CA GLU A 18 -7.74 5.65 3.57
C GLU A 18 -7.93 6.70 2.48
N GLU A 19 -8.69 6.34 1.44
CA GLU A 19 -8.93 7.25 0.33
C GLU A 19 -9.57 8.56 0.83
N LEU A 20 -9.13 9.67 0.26
CA LEU A 20 -9.66 10.97 0.63
C LEU A 20 -10.57 11.54 -0.45
N LYS A 21 -11.65 12.18 -0.03
CA LYS A 21 -12.60 12.78 -0.96
C LYS A 21 -11.87 13.52 -2.09
N VAL A 22 -10.76 14.14 -1.74
CA VAL A 22 -9.97 14.89 -2.71
C VAL A 22 -8.49 14.92 -2.32
N ALA A 23 -7.63 14.56 -3.26
CA ALA A 23 -6.19 14.55 -3.01
C ALA A 23 -5.77 15.77 -2.19
N PRO A 24 -4.94 15.53 -1.16
CA PRO A 24 -4.45 16.59 -0.29
C PRO A 24 -3.46 17.51 -0.99
N GLU A 25 -2.73 18.31 -0.21
CA GLU A 25 -1.75 19.23 -0.76
C GLU A 25 -0.34 18.70 -0.57
N GLU A 26 -0.20 17.38 -0.59
CA GLU A 26 1.10 16.75 -0.42
C GLU A 26 1.70 16.38 -1.77
N ASP A 27 2.93 15.85 -1.75
CA ASP A 27 3.61 15.44 -2.96
C ASP A 27 4.10 14.00 -2.86
N CYS A 28 3.82 13.21 -3.90
CA CYS A 28 4.24 11.82 -3.92
C CYS A 28 5.70 11.69 -4.33
N ILE A 29 6.44 10.87 -3.59
CA ILE A 29 7.86 10.65 -3.88
C ILE A 29 8.06 9.44 -4.76
N ILE A 30 7.10 8.52 -4.72
CA ILE A 30 7.19 7.30 -5.53
C ILE A 30 7.27 7.62 -7.02
N CYS A 31 6.49 8.61 -7.44
CA CYS A 31 6.48 9.03 -8.83
C CYS A 31 6.97 10.45 -8.99
N MET A 32 7.16 11.13 -7.85
CA MET A 32 7.64 12.51 -7.86
C MET A 32 6.71 13.41 -8.67
N GLU A 33 5.41 13.24 -8.46
CA GLU A 33 4.41 14.04 -9.16
C GLU A 33 3.30 14.50 -8.22
N LYS A 34 2.97 15.78 -8.29
CA LYS A 34 1.93 16.35 -7.44
C LYS A 34 0.68 15.47 -7.43
N LEU A 35 0.23 15.08 -6.25
CA LEU A 35 -0.95 14.23 -6.12
C LEU A 35 -2.10 14.76 -6.97
N ALA A 36 -2.09 16.07 -7.23
CA ALA A 36 -3.12 16.69 -8.03
C ALA A 36 -3.23 16.02 -9.40
N VAL A 37 -2.10 15.64 -9.96
CA VAL A 37 -2.06 14.99 -11.26
C VAL A 37 -2.22 13.48 -11.12
N ALA A 38 -2.28 12.79 -12.26
CA ALA A 38 -2.42 11.34 -12.28
C ALA A 38 -1.12 10.65 -11.87
N SER A 39 -1.24 9.42 -11.39
CA SER A 39 -0.07 8.66 -10.96
C SER A 39 0.83 8.32 -12.15
N GLY A 40 2.13 8.25 -11.92
CA GLY A 40 3.07 7.93 -12.98
C GLY A 40 3.02 6.47 -13.37
N TYR A 41 2.75 5.61 -12.39
CA TYR A 41 2.68 4.17 -12.64
C TYR A 41 1.38 3.80 -13.37
N SER A 42 0.51 4.79 -13.53
CA SER A 42 -0.77 4.56 -14.21
C SER A 42 -0.58 3.74 -15.47
N ASP A 43 0.64 3.75 -16.00
CA ASP A 43 0.96 2.99 -17.21
C ASP A 43 1.54 1.62 -16.87
N MET A 44 2.41 1.60 -15.87
CA MET A 44 3.05 0.35 -15.43
C MET A 44 2.15 -0.41 -14.47
N THR A 45 0.93 0.09 -14.28
CA THR A 45 -0.03 -0.54 -13.39
C THR A 45 -1.21 -1.11 -14.15
N ASP A 46 -1.95 -0.25 -14.84
CA ASP A 46 -3.10 -0.67 -15.62
C ASP A 46 -4.06 -1.49 -14.77
N SER A 47 -4.33 -1.01 -13.56
CA SER A 47 -5.23 -1.70 -12.64
C SER A 47 -6.69 -1.39 -12.97
N LYS A 48 -7.61 -2.01 -12.23
CA LYS A 48 -9.03 -1.80 -12.43
C LYS A 48 -9.69 -1.26 -11.17
N ALA A 49 -9.27 -1.77 -10.02
CA ALA A 49 -9.81 -1.34 -8.74
C ALA A 49 -9.28 0.03 -8.35
N LEU A 50 -7.96 0.15 -8.28
CA LEU A 50 -7.32 1.41 -7.91
C LEU A 50 -7.29 2.37 -9.10
N GLY A 51 -6.83 3.59 -8.86
CA GLY A 51 -6.75 4.58 -9.92
C GLY A 51 -5.58 5.52 -9.74
N PRO A 52 -5.06 6.04 -10.86
CA PRO A 52 -3.93 6.98 -10.85
C PRO A 52 -4.31 8.34 -10.29
N MET A 53 -5.61 8.61 -10.23
CA MET A 53 -6.10 9.88 -9.69
C MET A 53 -6.45 9.76 -8.23
N VAL A 54 -7.12 8.66 -7.87
CA VAL A 54 -7.52 8.43 -6.49
C VAL A 54 -6.31 8.40 -5.56
N VAL A 55 -6.39 9.14 -4.46
CA VAL A 55 -5.31 9.21 -3.49
C VAL A 55 -5.82 9.01 -2.07
N GLY A 56 -5.01 8.37 -1.23
CA GLY A 56 -5.40 8.14 0.14
C GLY A 56 -4.26 8.35 1.11
N ARG A 57 -4.58 8.60 2.37
CA ARG A 57 -3.58 8.82 3.39
C ARG A 57 -3.50 7.63 4.35
N LEU A 58 -2.28 7.16 4.60
CA LEU A 58 -2.07 6.01 5.48
C LEU A 58 -2.81 6.21 6.81
N THR A 59 -2.91 5.14 7.59
CA THR A 59 -3.58 5.19 8.87
C THR A 59 -2.59 5.20 10.02
N LYS A 60 -1.31 4.98 9.69
CA LYS A 60 -0.26 4.98 10.71
C LYS A 60 0.43 6.33 10.79
N CYS A 61 1.19 6.68 9.75
CA CYS A 61 1.88 7.96 9.71
C CYS A 61 1.04 9.02 9.03
N SER A 62 -0.16 8.64 8.62
CA SER A 62 -1.07 9.57 7.95
C SER A 62 -0.36 10.27 6.79
N HIS A 63 0.50 9.54 6.10
CA HIS A 63 1.24 10.08 4.97
C HIS A 63 0.51 9.83 3.66
N ALA A 64 0.18 10.90 2.94
CA ALA A 64 -0.53 10.79 1.68
C ALA A 64 0.34 10.09 0.62
N PHE A 65 -0.31 9.34 -0.25
CA PHE A 65 0.40 8.61 -1.31
C PHE A 65 -0.58 8.06 -2.34
N HIS A 66 -0.19 8.12 -3.61
CA HIS A 66 -1.04 7.62 -4.69
C HIS A 66 -1.45 6.18 -4.44
N LEU A 67 -2.70 5.98 -4.06
CA LEU A 67 -3.22 4.64 -3.79
C LEU A 67 -2.76 3.64 -4.86
N LEU A 68 -2.42 4.17 -6.03
CA LEU A 68 -1.95 3.32 -7.13
C LEU A 68 -0.46 3.03 -7.00
N CYS A 69 0.32 4.09 -6.81
CA CYS A 69 1.77 3.95 -6.68
C CYS A 69 2.12 2.89 -5.64
N LEU A 70 1.46 2.96 -4.48
CA LEU A 70 1.70 2.01 -3.40
C LEU A 70 1.54 0.58 -3.90
N LEU A 71 0.47 0.33 -4.64
CA LEU A 71 0.20 -1.00 -5.18
C LEU A 71 1.36 -1.48 -6.04
N ALA A 72 1.75 -0.67 -7.02
CA ALA A 72 2.85 -1.01 -7.90
C ALA A 72 4.12 -1.31 -7.11
N MET A 73 4.50 -0.40 -6.22
CA MET A 73 5.68 -0.57 -5.40
C MET A 73 5.61 -1.86 -4.60
N TYR A 74 4.42 -2.18 -4.10
CA TYR A 74 4.21 -3.39 -3.32
C TYR A 74 4.45 -4.64 -4.16
N CYS A 75 4.06 -4.56 -5.43
CA CYS A 75 4.23 -5.69 -6.34
C CYS A 75 5.69 -6.09 -6.45
N ASN A 76 6.57 -5.11 -6.42
CA ASN A 76 8.01 -5.37 -6.52
C ASN A 76 8.62 -5.58 -5.14
N GLY A 77 7.99 -4.98 -4.12
CA GLY A 77 8.49 -5.12 -2.76
C GLY A 77 8.18 -6.48 -2.17
N ASN A 78 7.62 -6.50 -0.97
CA ASN A 78 7.29 -7.74 -0.30
C ASN A 78 5.82 -8.09 -0.51
N LYS A 79 5.55 -8.88 -1.55
CA LYS A 79 4.19 -9.30 -1.86
C LYS A 79 3.71 -10.38 -0.90
N ASP A 80 3.87 -10.12 0.39
CA ASP A 80 3.45 -11.08 1.42
C ASP A 80 2.42 -10.45 2.36
N GLY A 81 1.50 -9.69 1.79
CA GLY A 81 0.47 -9.05 2.58
C GLY A 81 1.04 -7.99 3.52
N SER A 82 2.00 -7.23 3.02
CA SER A 82 2.62 -6.18 3.82
C SER A 82 2.84 -4.92 2.98
N LEU A 83 2.67 -3.76 3.61
CA LEU A 83 2.84 -2.49 2.92
C LEU A 83 3.74 -1.55 3.74
N GLN A 84 4.84 -1.12 3.13
CA GLN A 84 5.77 -0.23 3.81
C GLN A 84 5.71 1.17 3.20
N CYS A 85 6.02 2.18 4.01
CA CYS A 85 6.00 3.56 3.55
C CYS A 85 7.39 4.01 3.12
N PRO A 86 7.52 4.39 1.84
CA PRO A 86 8.79 4.84 1.26
C PRO A 86 9.22 6.20 1.81
N SER A 87 8.43 6.74 2.74
CA SER A 87 8.73 8.03 3.33
C SER A 87 9.37 7.86 4.71
N CYS A 88 8.67 7.17 5.59
CA CYS A 88 9.17 6.93 6.94
C CYS A 88 9.57 5.48 7.14
N LYS A 89 9.68 4.75 6.03
CA LYS A 89 10.05 3.34 6.07
C LYS A 89 9.33 2.62 7.20
N THR A 90 8.04 2.91 7.35
CA THR A 90 7.23 2.28 8.39
C THR A 90 6.42 1.12 7.84
N ILE A 91 6.82 -0.10 8.19
CA ILE A 91 6.13 -1.29 7.73
C ILE A 91 4.81 -1.50 8.48
N TYR A 92 3.84 -2.08 7.79
CA TYR A 92 2.53 -2.33 8.38
C TYR A 92 2.29 -3.82 8.56
N GLY A 93 2.64 -4.60 7.54
CA GLY A 93 2.45 -6.03 7.60
C GLY A 93 3.32 -6.69 8.66
N GLU A 94 4.58 -6.95 8.31
CA GLU A 94 5.51 -7.58 9.24
C GLU A 94 6.75 -6.71 9.44
N LYS A 95 7.00 -6.32 10.68
CA LYS A 95 8.15 -5.47 11.00
C LYS A 95 9.28 -6.31 11.60
N THR A 96 10.48 -6.12 11.07
CA THR A 96 11.65 -6.85 11.53
C THR A 96 11.56 -7.15 13.03
N GLY A 97 11.48 -6.09 13.83
CA GLY A 97 11.39 -6.25 15.27
C GLY A 97 9.95 -6.41 15.74
N THR A 98 9.78 -6.72 17.03
CA THR A 98 8.46 -6.90 17.60
C THR A 98 7.51 -7.54 16.59
N GLN A 99 8.01 -8.52 15.85
CA GLN A 99 7.19 -9.22 14.86
C GLN A 99 5.74 -9.31 15.30
N PRO A 100 4.82 -9.19 14.34
CA PRO A 100 3.38 -9.26 14.61
C PRO A 100 2.93 -10.66 15.01
N TRP A 101 1.63 -10.81 15.26
CA TRP A 101 1.08 -12.11 15.65
C TRP A 101 0.31 -12.74 14.49
N GLY A 102 -0.47 -11.92 13.79
CA GLY A 102 -1.24 -12.42 12.66
C GLY A 102 -1.96 -13.71 12.99
N LYS A 103 -2.88 -13.65 13.93
CA LYS A 103 -3.66 -14.82 14.33
C LYS A 103 -5.10 -14.72 13.85
N MET A 104 -5.79 -13.68 14.29
CA MET A 104 -7.18 -13.48 13.89
C MET A 104 -7.26 -12.75 12.54
N GLU A 105 -8.43 -12.80 11.92
CA GLU A 105 -8.64 -12.16 10.63
C GLU A 105 -9.81 -11.18 10.68
N VAL A 106 -9.77 -10.17 9.83
CA VAL A 106 -10.83 -9.16 9.79
C VAL A 106 -11.85 -9.50 8.72
N PHE A 107 -11.39 -9.98 7.57
CA PHE A 107 -12.26 -10.35 6.46
C PHE A 107 -13.27 -11.41 6.91
N ARG A 108 -12.76 -12.57 7.29
CA ARG A 108 -13.61 -13.67 7.74
C ARG A 108 -13.65 -13.76 9.26
N SER A 109 -14.78 -14.22 9.79
CA SER A 109 -14.95 -14.34 11.24
C SER A 109 -15.40 -15.75 11.61
N GLY A 110 -16.37 -16.28 10.87
CA GLY A 110 -16.87 -17.61 11.14
C GLY A 110 -17.83 -18.09 10.07
N PRO A 111 -17.70 -19.37 9.69
CA PRO A 111 -18.57 -19.98 8.67
C PRO A 111 -20.00 -20.17 9.16
N SER A 112 -20.96 -19.87 8.30
CA SER A 112 -22.37 -20.01 8.65
C SER A 112 -23.10 -20.85 7.62
N SER A 113 -23.20 -22.15 7.88
CA SER A 113 -23.88 -23.06 6.97
C SER A 113 -24.35 -24.31 7.70
N GLY A 114 -25.67 -24.50 7.75
CA GLY A 114 -26.25 -25.65 8.42
C GLY A 114 -27.20 -26.43 7.54
ZN ZN B . 2.74 8.71 -7.08
ZN ZN C . 5.08 7.32 6.20
N GLY A 1 -9.65 -6.24 10.86
CA GLY A 1 -8.69 -7.29 11.14
C GLY A 1 -9.35 -8.66 11.27
N SER A 2 -9.76 -9.23 10.15
CA SER A 2 -10.40 -10.53 10.14
C SER A 2 -9.80 -11.44 9.08
N SER A 3 -9.70 -12.73 9.40
CA SER A 3 -9.13 -13.71 8.47
C SER A 3 -9.97 -13.80 7.19
N GLY A 4 -9.30 -13.98 6.07
CA GLY A 4 -9.99 -14.09 4.79
C GLY A 4 -9.62 -12.97 3.84
N SER A 5 -9.56 -11.74 4.36
CA SER A 5 -9.22 -10.58 3.55
C SER A 5 -7.93 -10.83 2.76
N SER A 6 -6.94 -11.42 3.43
CA SER A 6 -5.66 -11.71 2.80
C SER A 6 -5.85 -12.53 1.53
N GLY A 7 -5.87 -11.86 0.39
CA GLY A 7 -6.04 -12.54 -0.88
C GLY A 7 -5.46 -11.76 -2.05
N GLU A 8 -5.68 -10.45 -2.05
CA GLU A 8 -5.17 -9.60 -3.12
C GLU A 8 -4.49 -8.36 -2.54
N PRO A 9 -3.50 -7.83 -3.27
CA PRO A 9 -2.74 -6.65 -2.86
C PRO A 9 -3.60 -5.37 -2.90
N GLU A 10 -4.56 -5.34 -3.81
CA GLU A 10 -5.44 -4.19 -3.95
C GLU A 10 -6.03 -3.79 -2.60
N GLN A 11 -6.65 -4.74 -1.91
CA GLN A 11 -7.24 -4.48 -0.61
C GLN A 11 -6.20 -3.99 0.39
N VAL A 12 -5.14 -4.79 0.56
CA VAL A 12 -4.07 -4.44 1.48
C VAL A 12 -3.82 -2.94 1.51
N ILE A 13 -3.82 -2.33 0.32
CA ILE A 13 -3.59 -0.89 0.20
C ILE A 13 -4.71 -0.11 0.90
N ARG A 14 -5.93 -0.29 0.44
CA ARG A 14 -7.08 0.42 1.01
C ARG A 14 -7.21 0.10 2.50
N LYS A 15 -6.53 -0.96 2.94
CA LYS A 15 -6.57 -1.37 4.34
C LYS A 15 -5.57 -0.56 5.17
N TYR A 16 -4.50 -0.13 4.53
CA TYR A 16 -3.47 0.65 5.20
C TYR A 16 -3.54 2.13 4.79
N THR A 17 -4.48 2.44 3.92
CA THR A 17 -4.66 3.80 3.44
C THR A 17 -6.13 4.19 3.40
N GLU A 18 -6.40 5.46 3.66
CA GLU A 18 -7.78 5.96 3.65
C GLU A 18 -7.99 6.98 2.54
N GLU A 19 -8.70 6.57 1.50
CA GLU A 19 -8.98 7.44 0.36
C GLU A 19 -9.55 8.78 0.83
N LEU A 20 -9.21 9.85 0.12
CA LEU A 20 -9.68 11.18 0.46
C LEU A 20 -10.56 11.75 -0.66
N LYS A 21 -11.61 12.46 -0.28
CA LYS A 21 -12.52 13.06 -1.25
C LYS A 21 -11.75 13.74 -2.37
N VAL A 22 -10.55 14.20 -2.05
CA VAL A 22 -9.70 14.88 -3.03
C VAL A 22 -8.25 14.95 -2.55
N ALA A 23 -7.32 14.69 -3.47
CA ALA A 23 -5.90 14.72 -3.14
C ALA A 23 -5.55 15.98 -2.35
N PRO A 24 -4.74 15.81 -1.30
CA PRO A 24 -4.31 16.92 -0.44
C PRO A 24 -3.35 17.86 -1.15
N GLU A 25 -2.66 18.70 -0.37
CA GLU A 25 -1.71 19.65 -0.93
C GLU A 25 -0.29 19.10 -0.87
N GLU A 26 -0.18 17.81 -0.56
CA GLU A 26 1.12 17.15 -0.48
C GLU A 26 1.59 16.68 -1.85
N ASP A 27 2.76 16.06 -1.90
CA ASP A 27 3.32 15.56 -3.14
C ASP A 27 3.81 14.13 -2.99
N CYS A 28 3.77 13.38 -4.08
CA CYS A 28 4.21 11.98 -4.07
C CYS A 28 5.69 11.87 -4.44
N ILE A 29 6.48 11.35 -3.52
CA ILE A 29 7.91 11.18 -3.75
C ILE A 29 8.19 9.91 -4.53
N ILE A 30 7.29 8.94 -4.44
CA ILE A 30 7.45 7.68 -5.14
C ILE A 30 7.60 7.90 -6.64
N CYS A 31 6.73 8.74 -7.20
CA CYS A 31 6.76 9.04 -8.62
C CYS A 31 7.23 10.47 -8.87
N MET A 32 7.42 11.22 -7.79
CA MET A 32 7.87 12.60 -7.88
C MET A 32 6.86 13.45 -8.67
N GLU A 33 5.60 13.41 -8.24
CA GLU A 33 4.55 14.17 -8.90
C GLU A 33 3.52 14.66 -7.90
N LYS A 34 2.67 15.59 -8.32
CA LYS A 34 1.63 16.13 -7.46
C LYS A 34 0.48 15.15 -7.30
N LEU A 35 0.01 14.99 -6.07
CA LEU A 35 -1.09 14.08 -5.79
C LEU A 35 -2.33 14.44 -6.61
N ALA A 36 -2.46 15.73 -6.94
CA ALA A 36 -3.60 16.20 -7.72
C ALA A 36 -3.56 15.61 -9.14
N VAL A 37 -2.36 15.47 -9.69
CA VAL A 37 -2.19 14.93 -11.03
C VAL A 37 -2.19 13.40 -11.00
N ALA A 38 -2.27 12.79 -12.18
CA ALA A 38 -2.28 11.35 -12.31
C ALA A 38 -0.96 10.75 -11.82
N SER A 39 -1.01 9.48 -11.43
CA SER A 39 0.19 8.79 -10.94
C SER A 39 1.16 8.50 -12.08
N GLY A 40 2.42 8.29 -11.75
CA GLY A 40 3.43 8.00 -12.75
C GLY A 40 3.32 6.59 -13.30
N TYR A 41 3.06 5.63 -12.41
CA TYR A 41 2.94 4.25 -12.81
C TYR A 41 1.62 4.01 -13.56
N SER A 42 0.77 5.02 -13.58
CA SER A 42 -0.52 4.93 -14.26
C SER A 42 -0.40 4.09 -15.53
N ASP A 43 0.75 4.19 -16.19
CA ASP A 43 0.99 3.44 -17.42
C ASP A 43 1.44 2.01 -17.11
N MET A 44 2.45 1.89 -16.25
CA MET A 44 2.97 0.57 -15.87
C MET A 44 1.86 -0.31 -15.33
N THR A 45 1.08 0.23 -14.40
CA THR A 45 -0.02 -0.52 -13.79
C THR A 45 -1.31 -0.35 -14.59
N ASP A 46 -2.14 -1.39 -14.59
CA ASP A 46 -3.40 -1.36 -15.32
C ASP A 46 -4.54 -1.84 -14.44
N SER A 47 -4.39 -1.69 -13.13
CA SER A 47 -5.40 -2.12 -12.17
C SER A 47 -6.74 -1.42 -12.46
N LYS A 48 -7.82 -2.09 -12.11
CA LYS A 48 -9.15 -1.53 -12.32
C LYS A 48 -9.68 -0.87 -11.05
N ALA A 49 -9.60 -1.58 -9.94
CA ALA A 49 -10.06 -1.06 -8.66
C ALA A 49 -9.33 0.23 -8.30
N LEU A 50 -8.00 0.19 -8.38
CA LEU A 50 -7.18 1.35 -8.06
C LEU A 50 -7.07 2.29 -9.26
N GLY A 51 -6.96 3.58 -8.99
CA GLY A 51 -6.84 4.56 -10.06
C GLY A 51 -5.64 5.48 -9.88
N PRO A 52 -5.08 5.94 -11.00
CA PRO A 52 -3.91 6.83 -11.00
C PRO A 52 -4.26 8.23 -10.48
N MET A 53 -5.55 8.47 -10.27
CA MET A 53 -6.01 9.76 -9.78
C MET A 53 -6.35 9.70 -8.30
N VAL A 54 -7.08 8.66 -7.91
CA VAL A 54 -7.47 8.47 -6.51
C VAL A 54 -6.25 8.47 -5.60
N VAL A 55 -6.37 9.15 -4.46
CA VAL A 55 -5.27 9.21 -3.50
C VAL A 55 -5.78 9.09 -2.07
N GLY A 56 -5.03 8.38 -1.23
CA GLY A 56 -5.43 8.19 0.14
C GLY A 56 -4.25 8.31 1.11
N ARG A 57 -4.52 8.83 2.30
CA ARG A 57 -3.48 8.99 3.31
C ARG A 57 -3.42 7.78 4.23
N LEU A 58 -2.22 7.28 4.45
CA LEU A 58 -2.02 6.12 5.32
C LEU A 58 -2.69 6.32 6.67
N THR A 59 -2.80 5.24 7.44
CA THR A 59 -3.42 5.30 8.75
C THR A 59 -2.37 5.25 9.87
N LYS A 60 -1.13 4.96 9.48
CA LYS A 60 -0.04 4.88 10.45
C LYS A 60 0.64 6.23 10.62
N CYS A 61 1.36 6.67 9.59
CA CYS A 61 2.06 7.95 9.63
C CYS A 61 1.19 9.06 9.03
N SER A 62 0.04 8.67 8.49
CA SER A 62 -0.88 9.63 7.88
C SER A 62 -0.19 10.40 6.76
N HIS A 63 0.47 9.68 5.87
CA HIS A 63 1.17 10.29 4.75
C HIS A 63 0.42 10.05 3.44
N ALA A 64 0.15 11.13 2.72
CA ALA A 64 -0.56 11.03 1.44
C ALA A 64 0.29 10.33 0.39
N PHE A 65 -0.34 9.47 -0.39
CA PHE A 65 0.36 8.72 -1.44
C PHE A 65 -0.62 8.17 -2.47
N HIS A 66 -0.23 8.23 -3.74
CA HIS A 66 -1.08 7.73 -4.82
C HIS A 66 -1.47 6.27 -4.57
N LEU A 67 -2.71 6.07 -4.14
CA LEU A 67 -3.21 4.72 -3.87
C LEU A 67 -2.71 3.74 -4.93
N LEU A 68 -2.42 4.25 -6.12
CA LEU A 68 -1.94 3.42 -7.21
C LEU A 68 -0.44 3.12 -7.06
N CYS A 69 0.33 4.17 -6.84
CA CYS A 69 1.78 4.04 -6.68
C CYS A 69 2.10 2.98 -5.62
N LEU A 70 1.50 3.14 -4.44
CA LEU A 70 1.73 2.20 -3.34
C LEU A 70 1.61 0.76 -3.82
N LEU A 71 0.57 0.48 -4.61
CA LEU A 71 0.35 -0.86 -5.13
C LEU A 71 1.54 -1.32 -5.96
N ALA A 72 1.98 -0.50 -6.90
CA ALA A 72 3.11 -0.83 -7.75
C ALA A 72 4.36 -1.08 -6.91
N MET A 73 4.69 -0.14 -6.03
CA MET A 73 5.86 -0.26 -5.18
C MET A 73 5.82 -1.55 -4.37
N TYR A 74 4.66 -1.81 -3.75
CA TYR A 74 4.48 -3.02 -2.95
C TYR A 74 4.78 -4.27 -3.76
N CYS A 75 4.40 -4.25 -5.04
CA CYS A 75 4.61 -5.38 -5.92
C CYS A 75 6.10 -5.67 -6.07
N ASN A 76 6.92 -4.61 -6.08
CA ASN A 76 8.36 -4.75 -6.21
C ASN A 76 8.88 -5.86 -5.31
N GLY A 77 8.14 -6.17 -4.26
CA GLY A 77 8.55 -7.21 -3.33
C GLY A 77 7.82 -8.52 -3.59
N ASN A 78 7.95 -9.44 -2.64
CA ASN A 78 7.29 -10.74 -2.76
C ASN A 78 5.79 -10.62 -2.51
N LYS A 79 5.40 -9.55 -1.84
CA LYS A 79 3.99 -9.31 -1.53
C LYS A 79 3.46 -10.36 -0.56
N ASP A 80 4.13 -10.50 0.57
CA ASP A 80 3.73 -11.46 1.60
C ASP A 80 2.72 -10.84 2.55
N GLY A 81 1.92 -9.90 2.05
CA GLY A 81 0.93 -9.24 2.88
C GLY A 81 1.54 -8.18 3.79
N SER A 82 2.03 -7.10 3.20
CA SER A 82 2.63 -6.02 3.96
C SER A 82 2.60 -4.71 3.18
N LEU A 83 3.17 -3.67 3.77
CA LEU A 83 3.20 -2.35 3.12
C LEU A 83 4.06 -1.38 3.92
N GLN A 84 5.12 -0.89 3.30
CA GLN A 84 6.02 0.06 3.95
C GLN A 84 6.02 1.40 3.24
N CYS A 85 6.08 2.48 4.02
CA CYS A 85 6.08 3.83 3.46
C CYS A 85 7.47 4.23 3.00
N PRO A 86 7.60 4.58 1.71
CA PRO A 86 8.88 4.99 1.12
C PRO A 86 9.34 6.35 1.63
N SER A 87 8.63 6.87 2.62
CA SER A 87 8.96 8.17 3.19
C SER A 87 9.52 8.01 4.61
N CYS A 88 8.66 7.65 5.55
CA CYS A 88 9.06 7.46 6.93
C CYS A 88 9.61 6.05 7.15
N LYS A 89 9.45 5.19 6.15
CA LYS A 89 9.93 3.82 6.23
C LYS A 89 9.28 3.08 7.40
N THR A 90 7.95 3.11 7.44
CA THR A 90 7.22 2.43 8.51
C THR A 90 6.47 1.22 7.98
N ILE A 91 6.92 0.03 8.38
CA ILE A 91 6.30 -1.20 7.95
C ILE A 91 4.93 -1.38 8.60
N TYR A 92 3.98 -1.92 7.84
CA TYR A 92 2.63 -2.15 8.34
C TYR A 92 2.39 -3.63 8.59
N GLY A 93 2.95 -4.47 7.72
CA GLY A 93 2.78 -5.91 7.86
C GLY A 93 3.77 -6.51 8.86
N GLU A 94 4.41 -7.60 8.45
CA GLU A 94 5.38 -8.27 9.30
C GLU A 94 6.58 -7.37 9.59
N LYS A 95 6.93 -7.24 10.87
CA LYS A 95 8.05 -6.41 11.28
C LYS A 95 9.26 -7.27 11.64
N THR A 96 10.45 -6.75 11.35
CA THR A 96 11.68 -7.47 11.64
C THR A 96 12.01 -7.44 13.12
N GLY A 97 11.60 -8.48 13.84
CA GLY A 97 11.86 -8.55 15.26
C GLY A 97 11.40 -9.87 15.87
N THR A 98 11.37 -9.91 17.20
CA THR A 98 10.95 -11.13 17.90
C THR A 98 9.44 -11.15 18.11
N GLN A 99 8.91 -10.07 18.68
CA GLN A 99 7.48 -9.97 18.94
C GLN A 99 6.94 -8.61 18.50
N PRO A 100 6.24 -8.59 17.36
CA PRO A 100 5.65 -7.36 16.81
C PRO A 100 4.50 -6.84 17.65
N TRP A 101 3.57 -7.73 17.99
CA TRP A 101 2.41 -7.35 18.79
C TRP A 101 2.28 -8.27 20.00
N GLY A 102 1.85 -9.50 19.77
CA GLY A 102 1.68 -10.45 20.85
C GLY A 102 2.98 -10.76 21.56
N LYS A 103 2.91 -10.93 22.88
CA LYS A 103 4.10 -11.23 23.66
C LYS A 103 4.17 -12.71 24.00
N MET A 104 3.04 -13.29 24.38
CA MET A 104 2.97 -14.70 24.72
C MET A 104 3.42 -15.57 23.55
N GLU A 105 4.63 -16.12 23.64
CA GLU A 105 5.18 -16.96 22.59
C GLU A 105 4.47 -18.31 22.56
N VAL A 106 4.81 -19.12 21.55
CA VAL A 106 4.21 -20.44 21.42
C VAL A 106 5.29 -21.52 21.30
N PHE A 107 5.09 -22.62 22.03
CA PHE A 107 6.05 -23.72 22.01
C PHE A 107 5.72 -24.71 20.89
N ARG A 108 6.23 -24.40 19.70
CA ARG A 108 6.00 -25.26 18.53
C ARG A 108 7.14 -26.24 18.35
N SER A 109 6.97 -27.45 18.89
CA SER A 109 8.00 -28.48 18.78
C SER A 109 7.37 -29.85 18.54
N GLY A 110 7.89 -30.58 17.56
CA GLY A 110 7.37 -31.90 17.24
C GLY A 110 5.95 -31.84 16.70
N PRO A 111 5.34 -33.02 16.54
CA PRO A 111 3.97 -33.13 16.02
C PRO A 111 2.93 -32.62 17.02
N SER A 112 1.67 -32.61 16.59
CA SER A 112 0.59 -32.14 17.44
C SER A 112 -0.77 -32.54 16.86
N SER A 113 -1.76 -32.66 17.73
CA SER A 113 -3.11 -33.04 17.30
C SER A 113 -4.13 -32.01 17.77
N GLY A 114 -4.08 -31.66 19.05
CA GLY A 114 -5.01 -30.69 19.60
C GLY A 114 -4.32 -29.69 20.51
ZN ZN B . 2.77 8.78 -7.15
ZN ZN C . 5.04 7.75 5.79
N GLY A 1 8.55 -21.25 4.79
CA GLY A 1 7.52 -22.15 4.31
C GLY A 1 6.42 -21.44 3.58
N SER A 2 5.21 -21.99 3.64
CA SER A 2 4.06 -21.41 2.96
C SER A 2 3.81 -19.98 3.46
N SER A 3 2.83 -19.32 2.85
CA SER A 3 2.49 -17.95 3.22
C SER A 3 1.29 -17.92 4.17
N GLY A 4 0.18 -18.49 3.71
CA GLY A 4 -1.02 -18.52 4.52
C GLY A 4 -2.05 -17.49 4.10
N SER A 5 -1.68 -16.22 4.18
CA SER A 5 -2.57 -15.13 3.80
C SER A 5 -3.10 -15.34 2.38
N SER A 6 -4.25 -14.72 2.08
CA SER A 6 -4.86 -14.84 0.77
C SER A 6 -5.65 -13.59 0.42
N GLY A 7 -6.03 -13.46 -0.84
CA GLY A 7 -6.78 -12.30 -1.29
C GLY A 7 -6.11 -11.55 -2.41
N GLU A 8 -6.25 -10.24 -2.43
CA GLU A 8 -5.65 -9.41 -3.47
C GLU A 8 -4.86 -8.25 -2.86
N PRO A 9 -3.85 -7.78 -3.60
CA PRO A 9 -3.00 -6.67 -3.15
C PRO A 9 -3.74 -5.34 -3.12
N GLU A 10 -4.75 -5.22 -3.98
CA GLU A 10 -5.54 -3.99 -4.06
C GLU A 10 -6.12 -3.64 -2.69
N GLN A 11 -6.57 -4.65 -1.96
CA GLN A 11 -7.15 -4.45 -0.64
C GLN A 11 -6.08 -4.04 0.37
N VAL A 12 -4.97 -4.76 0.36
CA VAL A 12 -3.87 -4.47 1.28
C VAL A 12 -3.53 -2.99 1.28
N ILE A 13 -3.61 -2.36 0.11
CA ILE A 13 -3.31 -0.94 -0.03
C ILE A 13 -4.41 -0.10 0.63
N ARG A 14 -5.63 -0.26 0.15
CA ARG A 14 -6.77 0.49 0.68
C ARG A 14 -6.96 0.20 2.17
N LYS A 15 -6.45 -0.94 2.61
CA LYS A 15 -6.56 -1.34 4.02
C LYS A 15 -5.64 -0.48 4.90
N TYR A 16 -4.43 -0.26 4.42
CA TYR A 16 -3.46 0.54 5.17
C TYR A 16 -3.57 2.01 4.80
N THR A 17 -4.37 2.31 3.77
CA THR A 17 -4.55 3.68 3.32
C THR A 17 -6.01 4.11 3.45
N GLU A 18 -6.22 5.41 3.63
CA GLU A 18 -7.57 5.95 3.76
C GLU A 18 -7.86 6.99 2.68
N GLU A 19 -8.45 6.53 1.59
CA GLU A 19 -8.79 7.42 0.48
C GLU A 19 -9.41 8.72 0.98
N LEU A 20 -9.03 9.83 0.37
CA LEU A 20 -9.54 11.14 0.75
C LEU A 20 -10.41 11.73 -0.36
N LYS A 21 -11.47 12.42 0.04
CA LYS A 21 -12.38 13.04 -0.92
C LYS A 21 -11.61 13.75 -2.02
N VAL A 22 -10.45 14.29 -1.67
CA VAL A 22 -9.61 14.99 -2.64
C VAL A 22 -8.13 14.91 -2.26
N ALA A 23 -7.27 14.71 -3.25
CA ALA A 23 -5.84 14.62 -3.00
C ALA A 23 -5.36 15.75 -2.12
N PRO A 24 -4.61 15.40 -1.07
CA PRO A 24 -4.06 16.38 -0.12
C PRO A 24 -2.96 17.24 -0.73
N GLU A 25 -2.45 18.19 0.05
CA GLU A 25 -1.40 19.07 -0.42
C GLU A 25 -0.03 18.45 -0.23
N GLU A 26 0.04 17.12 -0.33
CA GLU A 26 1.29 16.40 -0.17
C GLU A 26 1.95 16.13 -1.51
N ASP A 27 3.06 15.41 -1.49
CA ASP A 27 3.79 15.09 -2.71
C ASP A 27 4.26 13.64 -2.69
N CYS A 28 3.87 12.88 -3.72
CA CYS A 28 4.26 11.48 -3.82
C CYS A 28 5.73 11.34 -4.19
N ILE A 29 6.51 10.78 -3.27
CA ILE A 29 7.94 10.58 -3.49
C ILE A 29 8.20 9.33 -4.31
N ILE A 30 7.22 8.44 -4.35
CA ILE A 30 7.33 7.20 -5.11
C ILE A 30 7.51 7.47 -6.60
N CYS A 31 6.69 8.37 -7.13
CA CYS A 31 6.75 8.73 -8.54
C CYS A 31 7.15 10.19 -8.71
N MET A 32 7.50 10.84 -7.61
CA MET A 32 7.90 12.25 -7.65
C MET A 32 6.92 13.07 -8.49
N GLU A 33 5.65 12.99 -8.15
CA GLU A 33 4.62 13.73 -8.88
C GLU A 33 3.54 14.23 -7.93
N LYS A 34 3.04 15.43 -8.20
CA LYS A 34 2.00 16.03 -7.36
C LYS A 34 0.75 15.16 -7.35
N LEU A 35 0.27 14.83 -6.16
CA LEU A 35 -0.92 14.00 -6.02
C LEU A 35 -2.03 14.48 -6.95
N ALA A 36 -2.10 15.79 -7.17
CA ALA A 36 -3.11 16.36 -8.04
C ALA A 36 -3.08 15.71 -9.42
N VAL A 37 -1.87 15.46 -9.92
CA VAL A 37 -1.70 14.84 -11.23
C VAL A 37 -1.95 13.35 -11.17
N ALA A 38 -1.90 12.69 -12.32
CA ALA A 38 -2.12 11.25 -12.39
C ALA A 38 -0.89 10.48 -11.93
N SER A 39 -1.10 9.30 -11.38
CA SER A 39 -0.01 8.47 -10.89
C SER A 39 0.97 8.13 -12.02
N GLY A 40 2.25 8.05 -11.68
CA GLY A 40 3.26 7.74 -12.67
C GLY A 40 3.21 6.29 -13.12
N TYR A 41 2.81 5.41 -12.22
CA TYR A 41 2.73 3.99 -12.52
C TYR A 41 1.51 3.69 -13.38
N SER A 42 0.54 4.60 -13.37
CA SER A 42 -0.69 4.43 -14.14
C SER A 42 -0.40 3.75 -15.47
N ASP A 43 0.66 4.19 -16.15
CA ASP A 43 1.04 3.62 -17.43
C ASP A 43 1.31 2.13 -17.30
N MET A 44 2.03 1.76 -16.25
CA MET A 44 2.36 0.36 -16.00
C MET A 44 1.17 -0.39 -15.40
N THR A 45 0.70 0.10 -14.26
CA THR A 45 -0.43 -0.52 -13.57
C THR A 45 -1.75 -0.16 -14.25
N ASP A 46 -2.32 -1.11 -14.99
CA ASP A 46 -3.57 -0.89 -15.68
C ASP A 46 -4.75 -1.43 -14.87
N SER A 47 -4.60 -1.43 -13.54
CA SER A 47 -5.64 -1.93 -12.66
C SER A 47 -6.98 -1.28 -12.98
N LYS A 48 -8.04 -1.78 -12.34
CA LYS A 48 -9.37 -1.24 -12.56
C LYS A 48 -9.99 -0.76 -11.25
N ALA A 49 -9.61 -1.41 -10.16
CA ALA A 49 -10.13 -1.06 -8.83
C ALA A 49 -9.53 0.26 -8.36
N LEU A 50 -8.21 0.40 -8.50
CA LEU A 50 -7.53 1.61 -8.08
C LEU A 50 -7.46 2.62 -9.23
N GLY A 51 -7.31 3.90 -8.89
CA GLY A 51 -7.23 4.93 -9.90
C GLY A 51 -5.94 5.73 -9.80
N PRO A 52 -5.45 6.21 -10.95
CA PRO A 52 -4.22 7.00 -11.02
C PRO A 52 -4.38 8.38 -10.40
N MET A 53 -5.63 8.78 -10.17
CA MET A 53 -5.91 10.08 -9.58
C MET A 53 -6.25 9.94 -8.10
N VAL A 54 -7.06 8.95 -7.77
CA VAL A 54 -7.46 8.72 -6.39
C VAL A 54 -6.25 8.58 -5.48
N VAL A 55 -6.31 9.19 -4.31
CA VAL A 55 -5.22 9.14 -3.35
C VAL A 55 -5.74 9.00 -1.93
N GLY A 56 -4.97 8.32 -1.09
CA GLY A 56 -5.37 8.11 0.30
C GLY A 56 -4.21 8.24 1.26
N ARG A 57 -4.49 8.76 2.45
CA ARG A 57 -3.46 8.94 3.47
C ARG A 57 -3.36 7.72 4.37
N LEU A 58 -2.17 7.16 4.51
CA LEU A 58 -1.95 5.99 5.34
C LEU A 58 -2.70 6.12 6.67
N THR A 59 -2.81 5.01 7.39
CA THR A 59 -3.50 5.00 8.67
C THR A 59 -2.51 4.94 9.83
N LYS A 60 -1.24 4.68 9.51
CA LYS A 60 -0.19 4.61 10.51
C LYS A 60 0.44 5.97 10.76
N CYS A 61 1.19 6.45 9.77
CA CYS A 61 1.84 7.75 9.88
C CYS A 61 0.95 8.86 9.32
N SER A 62 -0.13 8.46 8.67
CA SER A 62 -1.06 9.43 8.09
C SER A 62 -0.40 10.21 6.97
N HIS A 63 0.34 9.50 6.11
CA HIS A 63 1.02 10.13 4.99
C HIS A 63 0.27 9.88 3.68
N ALA A 64 0.13 10.92 2.87
CA ALA A 64 -0.56 10.80 1.59
C ALA A 64 0.27 10.01 0.60
N PHE A 65 -0.42 9.32 -0.32
CA PHE A 65 0.27 8.51 -1.33
C PHE A 65 -0.73 8.00 -2.37
N HIS A 66 -0.31 8.00 -3.62
CA HIS A 66 -1.16 7.53 -4.72
C HIS A 66 -1.61 6.09 -4.47
N LEU A 67 -2.86 5.93 -4.05
CA LEU A 67 -3.41 4.61 -3.78
C LEU A 67 -2.99 3.61 -4.87
N LEU A 68 -2.67 4.13 -6.05
CA LEU A 68 -2.25 3.30 -7.17
C LEU A 68 -0.77 2.96 -7.08
N CYS A 69 0.05 3.98 -6.85
CA CYS A 69 1.50 3.79 -6.73
C CYS A 69 1.82 2.70 -5.72
N LEU A 70 1.35 2.87 -4.49
CA LEU A 70 1.59 1.91 -3.42
C LEU A 70 1.45 0.49 -3.95
N LEU A 71 0.43 0.26 -4.77
CA LEU A 71 0.18 -1.07 -5.34
C LEU A 71 1.37 -1.51 -6.18
N ALA A 72 1.95 -0.58 -6.93
CA ALA A 72 3.09 -0.87 -7.79
C ALA A 72 4.34 -1.20 -6.96
N MET A 73 4.64 -0.33 -6.00
CA MET A 73 5.80 -0.51 -5.14
C MET A 73 5.74 -1.86 -4.43
N TYR A 74 4.57 -2.21 -3.92
CA TYR A 74 4.38 -3.48 -3.22
C TYR A 74 4.67 -4.66 -4.16
N CYS A 75 4.08 -4.63 -5.34
CA CYS A 75 4.26 -5.70 -6.32
C CYS A 75 5.76 -5.92 -6.58
N ASN A 76 6.48 -4.83 -6.78
CA ASN A 76 7.92 -4.91 -7.05
C ASN A 76 8.58 -5.95 -6.16
N GLY A 77 8.24 -5.92 -4.88
CA GLY A 77 8.80 -6.87 -3.93
C GLY A 77 8.15 -6.80 -2.56
N ASN A 78 8.54 -7.71 -1.67
CA ASN A 78 7.99 -7.74 -0.33
C ASN A 78 6.49 -8.03 -0.36
N LYS A 79 6.09 -8.96 -1.23
CA LYS A 79 4.69 -9.33 -1.37
C LYS A 79 4.28 -10.33 -0.29
N ASP A 80 4.73 -10.08 0.94
CA ASP A 80 4.41 -10.95 2.07
C ASP A 80 3.26 -10.37 2.90
N GLY A 81 2.25 -9.86 2.23
CA GLY A 81 1.11 -9.28 2.92
C GLY A 81 1.52 -8.13 3.82
N SER A 82 2.08 -7.09 3.23
CA SER A 82 2.52 -5.92 3.98
C SER A 82 2.68 -4.70 3.07
N LEU A 83 3.06 -3.58 3.65
CA LEU A 83 3.25 -2.35 2.90
C LEU A 83 4.07 -1.33 3.69
N GLN A 84 5.21 -0.94 3.15
CA GLN A 84 6.08 0.02 3.81
C GLN A 84 5.91 1.41 3.21
N CYS A 85 6.18 2.43 4.01
CA CYS A 85 6.06 3.81 3.56
C CYS A 85 7.42 4.40 3.21
N PRO A 86 7.64 4.69 1.92
CA PRO A 86 8.89 5.26 1.44
C PRO A 86 9.10 6.69 1.89
N SER A 87 8.26 7.15 2.82
CA SER A 87 8.34 8.50 3.34
C SER A 87 8.92 8.51 4.76
N CYS A 88 8.47 7.56 5.57
CA CYS A 88 8.95 7.45 6.95
C CYS A 88 9.52 6.06 7.22
N LYS A 89 9.57 5.23 6.18
CA LYS A 89 10.10 3.88 6.30
C LYS A 89 9.31 3.09 7.35
N THR A 90 7.99 3.25 7.35
CA THR A 90 7.14 2.54 8.29
C THR A 90 6.59 1.26 7.68
N ILE A 91 6.89 0.13 8.31
CA ILE A 91 6.43 -1.16 7.83
C ILE A 91 5.05 -1.50 8.39
N TYR A 92 4.16 -1.96 7.51
CA TYR A 92 2.80 -2.32 7.92
C TYR A 92 2.62 -3.83 7.96
N GLY A 93 1.77 -4.29 8.87
CA GLY A 93 1.52 -5.71 8.99
C GLY A 93 2.47 -6.38 9.97
N GLU A 94 3.52 -7.00 9.43
CA GLU A 94 4.51 -7.67 10.27
C GLU A 94 5.66 -6.74 10.62
N LYS A 95 5.95 -6.63 11.91
CA LYS A 95 7.02 -5.77 12.38
C LYS A 95 7.93 -6.52 13.36
N THR A 96 7.32 -7.30 14.25
CA THR A 96 8.08 -8.06 15.23
C THR A 96 9.42 -8.51 14.67
N GLY A 97 9.42 -8.98 13.43
CA GLY A 97 10.65 -9.42 12.80
C GLY A 97 10.56 -10.84 12.30
N THR A 98 10.38 -11.79 13.21
CA THR A 98 10.28 -13.20 12.85
C THR A 98 8.83 -13.63 12.74
N GLN A 99 8.09 -13.55 13.85
CA GLN A 99 6.69 -13.94 13.86
C GLN A 99 5.81 -12.79 14.35
N PRO A 100 4.94 -12.27 13.47
CA PRO A 100 4.04 -11.17 13.80
C PRO A 100 2.95 -11.59 14.78
N TRP A 101 2.86 -10.89 15.90
CA TRP A 101 1.85 -11.18 16.91
C TRP A 101 0.47 -11.26 16.29
N GLY A 102 -0.04 -12.49 16.12
CA GLY A 102 -1.36 -12.67 15.55
C GLY A 102 -1.35 -13.68 14.42
N LYS A 103 -1.73 -14.92 14.73
CA LYS A 103 -1.76 -15.98 13.72
C LYS A 103 -3.01 -15.85 12.85
N MET A 104 -3.07 -16.68 11.80
CA MET A 104 -4.20 -16.67 10.90
C MET A 104 -4.45 -18.04 10.30
N GLU A 105 -5.52 -18.69 10.75
CA GLU A 105 -5.87 -20.02 10.27
C GLU A 105 -7.05 -19.97 9.30
N VAL A 106 -6.74 -20.04 8.00
CA VAL A 106 -7.78 -20.00 6.97
C VAL A 106 -8.36 -21.38 6.72
N PHE A 107 -9.61 -21.57 7.15
CA PHE A 107 -10.29 -22.86 6.98
C PHE A 107 -10.92 -22.95 5.59
N ARG A 108 -11.16 -24.17 5.14
CA ARG A 108 -11.76 -24.41 3.84
C ARG A 108 -13.24 -24.77 3.97
N SER A 109 -14.08 -24.07 3.22
CA SER A 109 -15.52 -24.31 3.25
C SER A 109 -15.97 -25.05 2.00
N GLY A 110 -17.17 -25.64 2.07
CA GLY A 110 -17.70 -26.37 0.94
C GLY A 110 -17.67 -25.55 -0.34
N PRO A 111 -17.26 -26.19 -1.45
CA PRO A 111 -17.18 -25.53 -2.75
C PRO A 111 -18.56 -25.23 -3.33
N SER A 112 -19.54 -26.04 -2.96
CA SER A 112 -20.91 -25.85 -3.45
C SER A 112 -21.87 -25.67 -2.29
N SER A 113 -22.24 -24.41 -2.03
CA SER A 113 -23.17 -24.09 -0.94
C SER A 113 -24.49 -24.81 -1.13
N GLY A 114 -24.79 -25.75 -0.23
CA GLY A 114 -26.02 -26.49 -0.32
C GLY A 114 -27.16 -25.81 0.42
ZN ZN B . 2.63 8.52 -7.06
ZN ZN C . 4.80 7.74 6.11
N GLY A 1 8.67 -16.45 6.86
CA GLY A 1 7.83 -15.43 6.23
C GLY A 1 6.37 -15.84 6.16
N SER A 2 6.00 -16.47 5.06
CA SER A 2 4.61 -16.91 4.86
C SER A 2 4.51 -17.81 3.64
N SER A 3 3.47 -18.64 3.63
CA SER A 3 3.24 -19.58 2.53
C SER A 3 2.53 -18.88 1.37
N GLY A 4 3.31 -18.30 0.46
CA GLY A 4 2.73 -17.61 -0.68
C GLY A 4 2.00 -16.34 -0.28
N SER A 5 1.70 -15.50 -1.27
CA SER A 5 1.01 -14.24 -1.01
C SER A 5 -0.47 -14.49 -0.76
N SER A 6 -0.97 -13.94 0.35
CA SER A 6 -2.37 -14.10 0.72
C SER A 6 -3.10 -12.76 0.71
N GLY A 7 -4.38 -12.77 0.38
CA GLY A 7 -5.15 -11.55 0.35
C GLY A 7 -4.66 -10.57 -0.70
N GLU A 8 -5.44 -10.41 -1.77
CA GLU A 8 -5.07 -9.51 -2.85
C GLU A 8 -4.46 -8.21 -2.30
N PRO A 9 -3.56 -7.60 -3.08
CA PRO A 9 -2.90 -6.36 -2.69
C PRO A 9 -3.85 -5.16 -2.70
N GLU A 10 -4.81 -5.18 -3.62
CA GLU A 10 -5.78 -4.10 -3.73
C GLU A 10 -6.30 -3.70 -2.35
N GLN A 11 -6.77 -4.68 -1.59
CA GLN A 11 -7.30 -4.42 -0.26
C GLN A 11 -6.18 -4.11 0.72
N VAL A 12 -5.09 -4.86 0.63
CA VAL A 12 -3.95 -4.66 1.51
C VAL A 12 -3.52 -3.20 1.54
N ILE A 13 -3.68 -2.52 0.41
CA ILE A 13 -3.32 -1.12 0.29
C ILE A 13 -4.31 -0.23 1.06
N ARG A 14 -5.56 -0.27 0.63
CA ARG A 14 -6.61 0.54 1.26
C ARG A 14 -6.64 0.29 2.78
N LYS A 15 -6.54 -0.98 3.17
CA LYS A 15 -6.55 -1.35 4.58
C LYS A 15 -5.58 -0.49 5.37
N TYR A 16 -4.51 -0.05 4.71
CA TYR A 16 -3.50 0.77 5.36
C TYR A 16 -3.59 2.23 4.89
N THR A 17 -4.19 2.42 3.71
CA THR A 17 -4.34 3.75 3.14
C THR A 17 -5.82 4.11 2.97
N GLU A 18 -6.20 5.28 3.46
CA GLU A 18 -7.58 5.73 3.36
C GLU A 18 -7.75 6.71 2.20
N GLU A 19 -8.78 6.48 1.38
CA GLU A 19 -9.04 7.34 0.24
C GLU A 19 -9.74 8.62 0.67
N LEU A 20 -9.11 9.75 0.38
CA LEU A 20 -9.65 11.06 0.74
C LEU A 20 -10.52 11.61 -0.38
N LYS A 21 -11.68 12.14 -0.01
CA LYS A 21 -12.61 12.70 -0.99
C LYS A 21 -11.87 13.49 -2.06
N VAL A 22 -10.82 14.20 -1.65
CA VAL A 22 -10.03 15.00 -2.58
C VAL A 22 -8.55 14.96 -2.20
N ALA A 23 -7.70 14.69 -3.19
CA ALA A 23 -6.26 14.62 -2.96
C ALA A 23 -5.77 15.82 -2.15
N PRO A 24 -4.94 15.56 -1.15
CA PRO A 24 -4.39 16.61 -0.28
C PRO A 24 -3.39 17.49 -1.00
N GLU A 25 -2.79 18.43 -0.27
CA GLU A 25 -1.80 19.33 -0.84
C GLU A 25 -0.39 18.81 -0.62
N GLU A 26 -0.23 17.49 -0.66
CA GLU A 26 1.07 16.86 -0.46
C GLU A 26 1.69 16.48 -1.81
N ASP A 27 2.84 15.80 -1.74
CA ASP A 27 3.53 15.37 -2.95
C ASP A 27 3.96 13.91 -2.84
N CYS A 28 3.96 13.22 -3.96
CA CYS A 28 4.33 11.81 -4.00
C CYS A 28 5.81 11.66 -4.38
N ILE A 29 6.57 10.98 -3.51
CA ILE A 29 7.98 10.77 -3.76
C ILE A 29 8.21 9.59 -4.70
N ILE A 30 7.30 8.62 -4.64
CA ILE A 30 7.39 7.44 -5.49
C ILE A 30 7.44 7.81 -6.96
N CYS A 31 6.59 8.77 -7.35
CA CYS A 31 6.53 9.22 -8.73
C CYS A 31 6.99 10.67 -8.84
N MET A 32 7.38 11.26 -7.72
CA MET A 32 7.84 12.64 -7.68
C MET A 32 6.87 13.54 -8.45
N GLU A 33 5.58 13.41 -8.16
CA GLU A 33 4.57 14.22 -8.82
C GLU A 33 3.51 14.68 -7.81
N LYS A 34 2.77 15.72 -8.19
CA LYS A 34 1.72 16.26 -7.33
C LYS A 34 0.52 15.32 -7.29
N LEU A 35 0.18 14.84 -6.09
CA LEU A 35 -0.95 13.94 -5.93
C LEU A 35 -2.15 14.40 -6.75
N ALA A 36 -2.26 15.71 -6.94
CA ALA A 36 -3.35 16.28 -7.73
C ALA A 36 -3.39 15.68 -9.12
N VAL A 37 -2.22 15.54 -9.74
CA VAL A 37 -2.12 14.98 -11.08
C VAL A 37 -2.21 13.46 -11.05
N ALA A 38 -2.17 12.84 -12.23
CA ALA A 38 -2.24 11.39 -12.34
C ALA A 38 -0.96 10.74 -11.82
N SER A 39 -1.02 9.43 -11.59
CA SER A 39 0.13 8.69 -11.09
C SER A 39 1.07 8.30 -12.24
N GLY A 40 2.36 8.47 -12.02
CA GLY A 40 3.34 8.14 -13.03
C GLY A 40 3.30 6.68 -13.43
N TYR A 41 2.97 5.81 -12.46
CA TYR A 41 2.90 4.38 -12.72
C TYR A 41 1.64 4.03 -13.51
N SER A 42 0.67 4.94 -13.51
CA SER A 42 -0.58 4.73 -14.23
C SER A 42 -0.33 4.02 -15.55
N ASP A 43 0.86 4.21 -16.11
CA ASP A 43 1.22 3.59 -17.37
C ASP A 43 1.57 2.11 -17.17
N MET A 44 2.43 1.84 -16.21
CA MET A 44 2.83 0.47 -15.91
C MET A 44 1.71 -0.31 -15.25
N THR A 45 1.10 0.29 -14.22
CA THR A 45 0.01 -0.34 -13.51
C THR A 45 -1.33 -0.05 -14.17
N ASP A 46 -2.01 -1.11 -14.60
CA ASP A 46 -3.30 -0.96 -15.26
C ASP A 46 -4.42 -1.53 -14.38
N SER A 47 -4.30 -1.34 -13.07
CA SER A 47 -5.30 -1.83 -12.14
C SER A 47 -6.69 -1.36 -12.52
N LYS A 48 -7.70 -2.13 -12.13
CA LYS A 48 -9.08 -1.78 -12.43
C LYS A 48 -9.75 -1.10 -11.23
N ALA A 49 -9.64 -1.73 -10.07
CA ALA A 49 -10.23 -1.19 -8.85
C ALA A 49 -9.60 0.15 -8.48
N LEU A 50 -8.27 0.18 -8.41
CA LEU A 50 -7.54 1.39 -8.07
C LEU A 50 -7.42 2.30 -9.29
N GLY A 51 -7.04 3.55 -9.05
CA GLY A 51 -6.89 4.51 -10.13
C GLY A 51 -5.68 5.40 -9.95
N PRO A 52 -5.22 6.02 -11.05
CA PRO A 52 -4.07 6.91 -11.03
C PRO A 52 -4.34 8.22 -10.29
N MET A 53 -5.48 8.83 -10.59
CA MET A 53 -5.87 10.09 -9.96
C MET A 53 -6.23 9.87 -8.49
N VAL A 54 -6.66 8.64 -8.17
CA VAL A 54 -7.02 8.31 -6.80
C VAL A 54 -5.87 8.55 -5.84
N VAL A 55 -6.20 8.95 -4.61
CA VAL A 55 -5.19 9.22 -3.59
C VAL A 55 -5.73 8.99 -2.20
N GLY A 56 -4.90 8.42 -1.32
CA GLY A 56 -5.32 8.15 0.04
C GLY A 56 -4.19 8.28 1.03
N ARG A 57 -4.49 8.82 2.21
CA ARG A 57 -3.48 9.00 3.24
C ARG A 57 -3.45 7.79 4.18
N LEU A 58 -2.24 7.36 4.54
CA LEU A 58 -2.08 6.22 5.43
C LEU A 58 -2.77 6.46 6.76
N THR A 59 -2.79 5.44 7.62
CA THR A 59 -3.42 5.54 8.93
C THR A 59 -2.39 5.46 10.05
N LYS A 60 -1.17 5.07 9.68
CA LYS A 60 -0.08 4.96 10.65
C LYS A 60 0.69 6.27 10.77
N CYS A 61 1.17 6.76 9.64
CA CYS A 61 1.92 8.01 9.60
C CYS A 61 1.14 9.10 8.90
N SER A 62 -0.06 8.76 8.43
CA SER A 62 -0.92 9.72 7.74
C SER A 62 -0.16 10.40 6.61
N HIS A 63 0.55 9.61 5.82
CA HIS A 63 1.33 10.13 4.69
C HIS A 63 0.60 9.87 3.38
N ALA A 64 0.19 10.95 2.71
CA ALA A 64 -0.51 10.84 1.44
C ALA A 64 0.34 10.13 0.40
N PHE A 65 -0.28 9.28 -0.40
CA PHE A 65 0.43 8.55 -1.44
C PHE A 65 -0.55 7.95 -2.44
N HIS A 66 -0.22 8.07 -3.73
CA HIS A 66 -1.08 7.53 -4.79
C HIS A 66 -1.43 6.07 -4.52
N LEU A 67 -2.67 5.83 -4.11
CA LEU A 67 -3.14 4.49 -3.81
C LEU A 67 -2.63 3.49 -4.87
N LEU A 68 -2.37 4.00 -6.07
CA LEU A 68 -1.87 3.16 -7.16
C LEU A 68 -0.38 2.92 -7.02
N CYS A 69 0.38 4.00 -6.82
CA CYS A 69 1.83 3.91 -6.68
C CYS A 69 2.20 2.86 -5.63
N LEU A 70 1.61 2.97 -4.45
CA LEU A 70 1.87 2.04 -3.37
C LEU A 70 1.73 0.59 -3.84
N LEU A 71 0.72 0.35 -4.66
CA LEU A 71 0.46 -0.99 -5.19
C LEU A 71 1.65 -1.47 -6.03
N ALA A 72 2.14 -0.60 -6.90
CA ALA A 72 3.27 -0.93 -7.76
C ALA A 72 4.52 -1.22 -6.93
N MET A 73 4.79 -0.37 -5.96
CA MET A 73 5.96 -0.53 -5.11
C MET A 73 5.88 -1.85 -4.34
N TYR A 74 4.68 -2.21 -3.89
CA TYR A 74 4.48 -3.44 -3.14
C TYR A 74 4.58 -4.66 -4.06
N CYS A 75 3.88 -4.60 -5.18
CA CYS A 75 3.90 -5.69 -6.15
C CYS A 75 5.31 -5.97 -6.64
N ASN A 76 6.13 -4.93 -6.67
CA ASN A 76 7.52 -5.05 -7.12
C ASN A 76 8.41 -5.56 -5.99
N GLY A 77 8.12 -5.13 -4.77
CA GLY A 77 8.90 -5.53 -3.63
C GLY A 77 8.57 -6.94 -3.17
N ASN A 78 8.36 -7.11 -1.87
CA ASN A 78 8.04 -8.41 -1.31
C ASN A 78 6.56 -8.52 -0.97
N LYS A 79 5.79 -9.15 -1.85
CA LYS A 79 4.36 -9.31 -1.64
C LYS A 79 4.08 -10.38 -0.59
N ASP A 80 4.62 -10.17 0.61
CA ASP A 80 4.42 -11.12 1.71
C ASP A 80 3.39 -10.60 2.70
N GLY A 81 2.32 -10.01 2.17
CA GLY A 81 1.27 -9.47 3.03
C GLY A 81 1.78 -8.39 3.96
N SER A 82 2.17 -7.26 3.38
CA SER A 82 2.70 -6.13 4.16
C SER A 82 2.97 -4.94 3.27
N LEU A 83 2.76 -3.74 3.81
CA LEU A 83 2.99 -2.50 3.05
C LEU A 83 3.85 -1.54 3.85
N GLN A 84 5.00 -1.16 3.29
CA GLN A 84 5.91 -0.24 3.94
C GLN A 84 5.89 1.12 3.27
N CYS A 85 6.06 2.17 4.06
CA CYS A 85 6.05 3.54 3.54
C CYS A 85 7.45 3.94 3.07
N PRO A 86 7.55 4.27 1.76
CA PRO A 86 8.83 4.67 1.16
C PRO A 86 9.28 6.04 1.64
N SER A 87 8.58 6.58 2.63
CA SER A 87 8.92 7.89 3.18
C SER A 87 9.51 7.75 4.58
N CYS A 88 8.68 7.29 5.51
CA CYS A 88 9.12 7.12 6.90
C CYS A 88 9.64 5.71 7.13
N LYS A 89 9.46 4.84 6.13
CA LYS A 89 9.91 3.46 6.23
C LYS A 89 9.24 2.74 7.39
N THR A 90 7.93 2.92 7.52
CA THR A 90 7.17 2.29 8.58
C THR A 90 6.41 1.08 8.08
N ILE A 91 6.80 -0.11 8.54
CA ILE A 91 6.15 -1.34 8.13
C ILE A 91 4.77 -1.47 8.75
N TYR A 92 3.84 -2.07 8.01
CA TYR A 92 2.48 -2.26 8.50
C TYR A 92 2.17 -3.73 8.70
N GLY A 93 2.47 -4.54 7.68
CA GLY A 93 2.22 -5.97 7.77
C GLY A 93 2.71 -6.57 9.07
N GLU A 94 4.03 -6.70 9.20
CA GLU A 94 4.62 -7.26 10.40
C GLU A 94 5.94 -6.56 10.73
N LYS A 95 6.10 -6.20 12.00
CA LYS A 95 7.32 -5.52 12.46
C LYS A 95 7.87 -6.18 13.71
N THR A 96 8.82 -7.09 13.53
CA THR A 96 9.43 -7.80 14.65
C THR A 96 9.76 -6.84 15.79
N GLY A 97 9.47 -7.26 17.02
CA GLY A 97 9.73 -6.43 18.17
C GLY A 97 9.43 -7.14 19.48
N THR A 98 8.16 -7.17 19.85
CA THR A 98 7.74 -7.82 21.09
C THR A 98 7.01 -9.12 20.81
N GLN A 99 5.93 -9.04 20.06
CA GLN A 99 5.14 -10.22 19.71
C GLN A 99 4.20 -9.92 18.55
N PRO A 100 4.39 -10.64 17.43
CA PRO A 100 3.57 -10.49 16.23
C PRO A 100 2.14 -10.98 16.43
N TRP A 101 1.27 -10.70 15.48
CA TRP A 101 -0.13 -11.12 15.55
C TRP A 101 -0.23 -12.57 16.01
N GLY A 102 0.40 -13.47 15.26
CA GLY A 102 0.36 -14.88 15.61
C GLY A 102 0.53 -15.78 14.41
N LYS A 103 0.16 -17.05 14.56
CA LYS A 103 0.29 -18.01 13.48
C LYS A 103 -0.94 -18.92 13.42
N MET A 104 -1.79 -18.71 12.42
CA MET A 104 -3.00 -19.50 12.25
C MET A 104 -3.15 -19.94 10.80
N GLU A 105 -2.68 -21.15 10.50
CA GLU A 105 -2.77 -21.69 9.15
C GLU A 105 -4.11 -22.41 8.94
N VAL A 106 -5.13 -21.66 8.53
CA VAL A 106 -6.45 -22.23 8.28
C VAL A 106 -7.06 -21.66 7.02
N PHE A 107 -8.21 -22.21 6.63
CA PHE A 107 -8.92 -21.77 5.43
C PHE A 107 -9.91 -20.66 5.76
N ARG A 108 -10.00 -19.66 4.88
CA ARG A 108 -10.91 -18.55 5.08
C ARG A 108 -12.36 -19.02 5.09
N SER A 109 -13.25 -18.15 5.55
CA SER A 109 -14.67 -18.48 5.62
C SER A 109 -15.53 -17.22 5.52
N GLY A 110 -16.49 -17.24 4.60
CA GLY A 110 -17.36 -16.10 4.42
C GLY A 110 -18.51 -16.39 3.48
N PRO A 111 -18.56 -15.66 2.36
CA PRO A 111 -19.62 -15.83 1.35
C PRO A 111 -19.51 -17.16 0.61
N SER A 112 -20.50 -17.45 -0.23
CA SER A 112 -20.51 -18.69 -1.00
C SER A 112 -20.36 -18.41 -2.49
N SER A 113 -19.52 -19.18 -3.16
CA SER A 113 -19.29 -19.01 -4.59
C SER A 113 -20.44 -19.59 -5.40
N GLY A 114 -21.36 -18.72 -5.82
CA GLY A 114 -22.49 -19.17 -6.60
C GLY A 114 -22.46 -18.65 -8.02
ZN ZN B . 2.67 8.69 -7.07
ZN ZN C . 4.98 7.39 6.01
N GLY A 1 -1.90 -20.60 13.75
CA GLY A 1 -0.52 -20.29 13.42
C GLY A 1 -0.36 -18.89 12.84
N SER A 2 0.85 -18.58 12.39
CA SER A 2 1.14 -17.26 11.84
C SER A 2 0.44 -17.08 10.49
N SER A 3 -0.74 -16.48 10.51
CA SER A 3 -1.51 -16.25 9.30
C SER A 3 -2.27 -14.93 9.37
N GLY A 4 -2.94 -14.58 8.28
CA GLY A 4 -3.71 -13.34 8.25
C GLY A 4 -3.58 -12.62 6.92
N SER A 5 -3.94 -13.31 5.84
CA SER A 5 -3.86 -12.73 4.51
C SER A 5 -5.25 -12.66 3.87
N SER A 6 -5.53 -11.54 3.20
CA SER A 6 -6.82 -11.34 2.55
C SER A 6 -6.88 -12.10 1.23
N GLY A 7 -5.89 -11.86 0.37
CA GLY A 7 -5.84 -12.51 -0.92
C GLY A 7 -5.32 -11.61 -2.02
N GLU A 8 -5.98 -10.46 -2.20
CA GLU A 8 -5.57 -9.51 -3.22
C GLU A 8 -4.86 -8.31 -2.60
N PRO A 9 -3.92 -7.71 -3.35
CA PRO A 9 -3.16 -6.56 -2.90
C PRO A 9 -4.01 -5.29 -2.80
N GLU A 10 -4.92 -5.12 -3.75
CA GLU A 10 -5.80 -3.96 -3.77
C GLU A 10 -6.40 -3.72 -2.39
N GLN A 11 -6.60 -4.80 -1.64
CA GLN A 11 -7.18 -4.69 -0.31
C GLN A 11 -6.12 -4.29 0.71
N VAL A 12 -4.91 -4.80 0.54
CA VAL A 12 -3.81 -4.49 1.44
C VAL A 12 -3.49 -3.00 1.42
N ILE A 13 -3.45 -2.43 0.22
CA ILE A 13 -3.17 -1.00 0.07
C ILE A 13 -4.20 -0.15 0.78
N ARG A 14 -5.45 -0.27 0.37
CA ARG A 14 -6.54 0.49 0.97
C ARG A 14 -6.64 0.20 2.47
N LYS A 15 -6.51 -1.06 2.84
CA LYS A 15 -6.58 -1.46 4.23
C LYS A 15 -5.63 -0.63 5.09
N TYR A 16 -4.60 -0.09 4.47
CA TYR A 16 -3.61 0.72 5.17
C TYR A 16 -3.76 2.19 4.79
N THR A 17 -4.33 2.44 3.62
CA THR A 17 -4.53 3.80 3.14
C THR A 17 -6.02 4.09 2.89
N GLU A 18 -6.51 5.19 3.45
CA GLU A 18 -7.90 5.57 3.29
C GLU A 18 -8.04 6.67 2.25
N GLU A 19 -8.65 6.34 1.12
CA GLU A 19 -8.84 7.31 0.04
C GLU A 19 -9.58 8.54 0.55
N LEU A 20 -9.00 9.71 0.29
CA LEU A 20 -9.60 10.97 0.73
C LEU A 20 -10.53 11.52 -0.35
N LYS A 21 -11.62 12.15 0.09
CA LYS A 21 -12.59 12.73 -0.83
C LYS A 21 -11.93 13.78 -1.73
N VAL A 22 -10.82 14.34 -1.27
CA VAL A 22 -10.09 15.34 -2.03
C VAL A 22 -8.60 15.27 -1.75
N ALA A 23 -7.80 15.23 -2.82
CA ALA A 23 -6.35 15.15 -2.69
C ALA A 23 -5.82 16.31 -1.84
N PRO A 24 -4.97 15.98 -0.86
CA PRO A 24 -4.38 16.97 0.04
C PRO A 24 -3.37 17.87 -0.66
N GLU A 25 -2.65 18.67 0.11
CA GLU A 25 -1.65 19.58 -0.44
C GLU A 25 -0.25 18.98 -0.33
N GLU A 26 -0.18 17.65 -0.35
CA GLU A 26 1.11 16.96 -0.24
C GLU A 26 1.65 16.60 -1.62
N ASP A 27 2.84 16.01 -1.65
CA ASP A 27 3.47 15.62 -2.90
C ASP A 27 4.00 14.18 -2.82
N CYS A 28 3.76 13.41 -3.87
CA CYS A 28 4.22 12.02 -3.92
C CYS A 28 5.70 11.95 -4.30
N ILE A 29 6.45 11.19 -3.52
CA ILE A 29 7.88 11.03 -3.78
C ILE A 29 8.15 9.78 -4.61
N ILE A 30 7.20 8.85 -4.60
CA ILE A 30 7.33 7.62 -5.35
C ILE A 30 7.44 7.89 -6.85
N CYS A 31 6.67 8.86 -7.33
CA CYS A 31 6.67 9.22 -8.74
C CYS A 31 7.11 10.66 -8.93
N MET A 32 7.21 11.40 -7.82
CA MET A 32 7.62 12.80 -7.87
C MET A 32 6.62 13.63 -8.67
N GLU A 33 5.34 13.37 -8.46
CA GLU A 33 4.29 14.10 -9.17
C GLU A 33 3.20 14.55 -8.21
N LYS A 34 2.76 15.79 -8.37
CA LYS A 34 1.71 16.35 -7.52
C LYS A 34 0.52 15.41 -7.43
N LEU A 35 0.08 15.13 -6.20
CA LEU A 35 -1.05 14.24 -5.99
C LEU A 35 -2.23 14.63 -6.87
N ALA A 36 -2.29 15.90 -7.24
CA ALA A 36 -3.36 16.40 -8.10
C ALA A 36 -3.34 15.72 -9.45
N VAL A 37 -2.15 15.53 -10.01
CA VAL A 37 -2.00 14.88 -11.30
C VAL A 37 -2.06 13.36 -11.17
N ALA A 38 -2.05 12.68 -12.31
CA ALA A 38 -2.10 11.22 -12.33
C ALA A 38 -0.79 10.63 -11.84
N SER A 39 -0.83 9.36 -11.42
CA SER A 39 0.35 8.67 -10.92
C SER A 39 1.34 8.39 -12.06
N GLY A 40 2.61 8.29 -11.72
CA GLY A 40 3.63 8.03 -12.72
C GLY A 40 3.65 6.58 -13.15
N TYR A 41 3.10 5.70 -12.31
CA TYR A 41 3.07 4.28 -12.62
C TYR A 41 1.80 3.91 -13.37
N SER A 42 0.96 4.91 -13.63
CA SER A 42 -0.29 4.70 -14.35
C SER A 42 -0.12 3.63 -15.44
N ASP A 43 1.08 3.55 -15.98
CA ASP A 43 1.38 2.59 -17.03
C ASP A 43 1.90 1.28 -16.44
N MET A 44 2.89 1.38 -15.56
CA MET A 44 3.47 0.20 -14.92
C MET A 44 2.38 -0.68 -14.30
N THR A 45 1.35 -0.03 -13.76
CA THR A 45 0.25 -0.76 -13.13
C THR A 45 -1.07 -0.45 -13.82
N ASP A 46 -1.98 -1.41 -13.81
CA ASP A 46 -3.29 -1.23 -14.44
C ASP A 46 -4.40 -1.67 -13.50
N SER A 47 -4.18 -1.49 -12.20
CA SER A 47 -5.16 -1.86 -11.18
C SER A 47 -6.58 -1.56 -11.67
N LYS A 48 -7.52 -2.43 -11.31
CA LYS A 48 -8.90 -2.25 -11.71
C LYS A 48 -9.64 -1.34 -10.73
N ALA A 49 -9.60 -1.70 -9.45
CA ALA A 49 -10.26 -0.92 -8.41
C ALA A 49 -9.55 0.41 -8.19
N LEU A 50 -8.22 0.34 -8.02
CA LEU A 50 -7.41 1.54 -7.80
C LEU A 50 -7.25 2.33 -9.09
N GLY A 51 -6.77 3.56 -8.97
CA GLY A 51 -6.56 4.40 -10.13
C GLY A 51 -5.38 5.34 -9.97
N PRO A 52 -4.88 5.86 -11.09
CA PRO A 52 -3.74 6.80 -11.10
C PRO A 52 -4.10 8.16 -10.51
N MET A 53 -5.37 8.55 -10.67
CA MET A 53 -5.83 9.82 -10.15
C MET A 53 -6.30 9.69 -8.70
N VAL A 54 -6.54 8.46 -8.28
CA VAL A 54 -6.98 8.19 -6.91
C VAL A 54 -5.87 8.47 -5.91
N VAL A 55 -6.23 9.07 -4.78
CA VAL A 55 -5.26 9.40 -3.74
C VAL A 55 -5.81 9.07 -2.36
N GLY A 56 -4.92 8.71 -1.44
CA GLY A 56 -5.33 8.38 -0.09
C GLY A 56 -4.23 8.61 0.93
N ARG A 57 -4.60 8.61 2.21
CA ARG A 57 -3.65 8.83 3.28
C ARG A 57 -3.58 7.61 4.20
N LEU A 58 -2.36 7.18 4.51
CA LEU A 58 -2.16 6.03 5.39
C LEU A 58 -2.90 6.22 6.71
N THR A 59 -3.02 5.13 7.47
CA THR A 59 -3.71 5.17 8.76
C THR A 59 -2.71 5.04 9.92
N LYS A 60 -1.44 4.83 9.58
CA LYS A 60 -0.40 4.69 10.58
C LYS A 60 0.36 6.00 10.77
N CYS A 61 0.94 6.50 9.67
CA CYS A 61 1.70 7.75 9.72
C CYS A 61 0.90 8.89 9.08
N SER A 62 -0.25 8.55 8.51
CA SER A 62 -1.11 9.54 7.87
C SER A 62 -0.35 10.28 6.77
N HIS A 63 0.38 9.53 5.95
CA HIS A 63 1.15 10.12 4.86
C HIS A 63 0.46 9.88 3.52
N ALA A 64 0.01 10.96 2.90
CA ALA A 64 -0.67 10.88 1.61
C ALA A 64 0.22 10.24 0.56
N PHE A 65 -0.37 9.41 -0.29
CA PHE A 65 0.37 8.73 -1.34
C PHE A 65 -0.57 8.14 -2.39
N HIS A 66 -0.18 8.23 -3.65
CA HIS A 66 -1.00 7.70 -4.74
C HIS A 66 -1.36 6.24 -4.49
N LEU A 67 -2.62 6.01 -4.13
CA LEU A 67 -3.10 4.66 -3.85
C LEU A 67 -2.56 3.67 -4.88
N LEU A 68 -2.21 4.18 -6.05
CA LEU A 68 -1.67 3.34 -7.12
C LEU A 68 -0.17 3.11 -6.93
N CYS A 69 0.58 4.20 -6.79
CA CYS A 69 2.02 4.13 -6.59
C CYS A 69 2.37 3.12 -5.50
N LEU A 70 1.62 3.17 -4.40
CA LEU A 70 1.85 2.27 -3.27
C LEU A 70 1.73 0.82 -3.71
N LEU A 71 0.79 0.56 -4.62
CA LEU A 71 0.55 -0.79 -5.12
C LEU A 71 1.67 -1.21 -6.08
N ALA A 72 1.94 -0.35 -7.06
CA ALA A 72 2.98 -0.62 -8.05
C ALA A 72 4.31 -0.90 -7.38
N MET A 73 4.60 -0.16 -6.32
CA MET A 73 5.86 -0.33 -5.58
C MET A 73 5.83 -1.62 -4.76
N TYR A 74 4.68 -1.93 -4.19
CA TYR A 74 4.52 -3.13 -3.38
C TYR A 74 4.74 -4.39 -4.22
N CYS A 75 4.26 -4.35 -5.45
CA CYS A 75 4.41 -5.48 -6.36
C CYS A 75 5.87 -5.74 -6.69
N ASN A 76 6.53 -4.73 -7.26
CA ASN A 76 7.93 -4.85 -7.63
C ASN A 76 8.76 -5.36 -6.45
N GLY A 77 8.34 -5.02 -5.25
CA GLY A 77 9.06 -5.46 -4.06
C GLY A 77 8.68 -6.86 -3.64
N ASN A 78 8.56 -7.08 -2.34
CA ASN A 78 8.21 -8.40 -1.81
C ASN A 78 6.76 -8.41 -1.32
N LYS A 79 5.87 -8.96 -2.16
CA LYS A 79 4.46 -9.04 -1.81
C LYS A 79 4.22 -10.07 -0.72
N ASP A 80 4.72 -9.78 0.47
CA ASP A 80 4.55 -10.69 1.62
C ASP A 80 3.38 -10.25 2.49
N GLY A 81 2.31 -9.79 1.86
CA GLY A 81 1.14 -9.35 2.60
C GLY A 81 1.46 -8.22 3.56
N SER A 82 2.08 -7.16 3.05
CA SER A 82 2.45 -6.01 3.87
C SER A 82 2.75 -4.80 3.00
N LEU A 83 2.63 -3.61 3.59
CA LEU A 83 2.91 -2.37 2.87
C LEU A 83 3.77 -1.43 3.71
N GLN A 84 4.94 -1.09 3.17
CA GLN A 84 5.86 -0.19 3.88
C GLN A 84 5.87 1.18 3.22
N CYS A 85 5.97 2.22 4.05
CA CYS A 85 5.99 3.60 3.56
C CYS A 85 7.35 3.94 2.97
N PRO A 86 7.35 4.47 1.74
CA PRO A 86 8.57 4.86 1.04
C PRO A 86 9.25 6.07 1.66
N SER A 87 8.66 6.56 2.75
CA SER A 87 9.20 7.73 3.44
C SER A 87 9.58 7.38 4.87
N CYS A 88 8.57 7.16 5.71
CA CYS A 88 8.81 6.82 7.11
C CYS A 88 9.16 5.34 7.26
N LYS A 89 9.46 4.70 6.14
CA LYS A 89 9.82 3.29 6.14
C LYS A 89 9.04 2.53 7.21
N THR A 90 7.76 2.88 7.36
CA THR A 90 6.91 2.23 8.35
C THR A 90 6.31 0.93 7.79
N ILE A 91 6.64 -0.18 8.42
CA ILE A 91 6.13 -1.48 7.99
C ILE A 91 4.73 -1.72 8.53
N TYR A 92 3.82 -2.12 7.64
CA TYR A 92 2.45 -2.38 8.03
C TYR A 92 2.16 -3.88 8.04
N GLY A 93 1.20 -4.29 8.87
CA GLY A 93 0.87 -5.69 8.97
C GLY A 93 2.05 -6.60 8.72
N GLU A 94 3.11 -6.43 9.50
CA GLU A 94 4.31 -7.25 9.35
C GLU A 94 5.32 -6.92 10.44
N LYS A 95 6.09 -7.93 10.85
CA LYS A 95 7.10 -7.75 11.88
C LYS A 95 6.65 -6.73 12.92
N THR A 96 5.34 -6.64 13.12
CA THR A 96 4.77 -5.69 14.08
C THR A 96 5.11 -6.10 15.51
N GLY A 97 6.28 -5.69 15.98
CA GLY A 97 6.70 -6.01 17.33
C GLY A 97 7.65 -7.19 17.38
N THR A 98 7.27 -8.28 16.72
CA THR A 98 8.10 -9.48 16.68
C THR A 98 9.39 -9.23 15.92
N GLN A 99 10.42 -10.02 16.23
CA GLN A 99 11.71 -9.88 15.57
C GLN A 99 11.59 -10.14 14.07
N PRO A 100 11.87 -9.10 13.28
CA PRO A 100 11.79 -9.19 11.81
C PRO A 100 12.90 -10.06 11.22
N TRP A 101 12.50 -11.14 10.56
CA TRP A 101 13.46 -12.05 9.95
C TRP A 101 13.64 -11.75 8.46
N GLY A 102 13.69 -10.46 8.14
CA GLY A 102 13.87 -10.05 6.76
C GLY A 102 15.17 -9.29 6.53
N LYS A 103 15.54 -8.48 7.51
CA LYS A 103 16.77 -7.69 7.42
C LYS A 103 17.86 -8.47 6.66
N MET A 104 18.41 -7.84 5.63
CA MET A 104 19.46 -8.48 4.83
C MET A 104 20.79 -7.74 5.02
N GLU A 105 20.79 -6.44 4.74
CA GLU A 105 21.99 -5.64 4.87
C GLU A 105 21.67 -4.28 5.49
N VAL A 106 22.70 -3.62 6.00
CA VAL A 106 22.54 -2.31 6.63
C VAL A 106 22.96 -1.19 5.69
N PHE A 107 22.13 -0.16 5.60
CA PHE A 107 22.42 0.99 4.74
C PHE A 107 22.66 2.25 5.56
N ARG A 108 21.73 2.55 6.46
CA ARG A 108 21.84 3.73 7.31
C ARG A 108 22.09 4.98 6.47
N SER A 109 21.35 5.10 5.36
CA SER A 109 21.50 6.24 4.47
C SER A 109 20.13 6.81 4.10
N GLY A 110 19.84 8.02 4.60
CA GLY A 110 18.58 8.65 4.31
C GLY A 110 18.21 9.70 5.35
N PRO A 111 18.06 10.95 4.89
CA PRO A 111 17.71 12.07 5.76
C PRO A 111 16.27 11.98 6.27
N SER A 112 16.06 12.42 7.52
CA SER A 112 14.74 12.38 8.12
C SER A 112 14.26 13.80 8.45
N SER A 113 12.94 14.00 8.35
CA SER A 113 12.36 15.30 8.64
C SER A 113 11.72 15.32 10.03
N GLY A 114 12.53 15.62 11.03
CA GLY A 114 12.03 15.66 12.40
C GLY A 114 10.90 16.65 12.57
ZN ZN B . 2.81 8.90 -7.12
ZN ZN C . 4.65 7.46 6.02
N GLY A 1 5.20 -25.73 -6.25
CA GLY A 1 4.49 -24.48 -6.49
C GLY A 1 3.89 -23.91 -5.23
N SER A 2 4.71 -23.27 -4.41
CA SER A 2 4.26 -22.69 -3.15
C SER A 2 3.03 -21.81 -3.39
N SER A 3 1.88 -22.26 -2.87
CA SER A 3 0.64 -21.52 -3.02
C SER A 3 0.79 -20.08 -2.53
N GLY A 4 0.36 -19.13 -3.34
CA GLY A 4 0.45 -17.73 -2.97
C GLY A 4 -0.49 -17.37 -1.85
N SER A 5 -0.08 -16.42 -1.01
CA SER A 5 -0.91 -15.99 0.11
C SER A 5 -2.31 -15.61 -0.35
N SER A 6 -3.32 -16.13 0.34
CA SER A 6 -4.71 -15.86 -0.02
C SER A 6 -4.99 -14.36 0.03
N GLY A 7 -5.93 -13.92 -0.80
CA GLY A 7 -6.28 -12.51 -0.83
C GLY A 7 -5.68 -11.80 -2.03
N GLU A 8 -5.73 -10.47 -2.01
CA GLU A 8 -5.20 -9.67 -3.10
C GLU A 8 -4.49 -8.43 -2.57
N PRO A 9 -3.55 -7.89 -3.35
CA PRO A 9 -2.79 -6.69 -2.98
C PRO A 9 -3.64 -5.43 -2.98
N GLU A 10 -4.45 -5.27 -4.02
CA GLU A 10 -5.31 -4.10 -4.13
C GLU A 10 -5.98 -3.78 -2.80
N GLN A 11 -6.36 -4.82 -2.07
CA GLN A 11 -7.01 -4.65 -0.78
C GLN A 11 -6.00 -4.19 0.27
N VAL A 12 -4.85 -4.85 0.31
CA VAL A 12 -3.81 -4.51 1.28
C VAL A 12 -3.57 -3.00 1.30
N ILE A 13 -3.47 -2.40 0.12
CA ILE A 13 -3.25 -0.96 0.02
C ILE A 13 -4.40 -0.17 0.62
N ARG A 14 -5.59 -0.37 0.05
CA ARG A 14 -6.79 0.33 0.53
C ARG A 14 -7.04 0.02 2.01
N LYS A 15 -6.52 -1.12 2.47
CA LYS A 15 -6.68 -1.52 3.86
C LYS A 15 -5.81 -0.69 4.77
N TYR A 16 -4.59 -0.40 4.33
CA TYR A 16 -3.65 0.39 5.11
C TYR A 16 -3.82 1.88 4.83
N THR A 17 -4.42 2.20 3.69
CA THR A 17 -4.65 3.58 3.31
C THR A 17 -6.15 3.91 3.29
N GLU A 18 -6.46 5.20 3.22
CA GLU A 18 -7.85 5.65 3.21
C GLU A 18 -8.06 6.74 2.17
N GLU A 19 -8.82 6.43 1.12
CA GLU A 19 -9.09 7.38 0.06
C GLU A 19 -9.61 8.70 0.63
N LEU A 20 -9.21 9.80 0.01
CA LEU A 20 -9.63 11.13 0.46
C LEU A 20 -10.46 11.83 -0.61
N LYS A 21 -11.51 12.50 -0.18
CA LYS A 21 -12.39 13.22 -1.09
C LYS A 21 -11.59 13.99 -2.14
N VAL A 22 -10.46 14.55 -1.70
CA VAL A 22 -9.60 15.31 -2.60
C VAL A 22 -8.13 15.18 -2.18
N ALA A 23 -7.28 14.88 -3.15
CA ALA A 23 -5.85 14.73 -2.90
C ALA A 23 -5.29 15.94 -2.17
N PRO A 24 -4.51 15.70 -1.11
CA PRO A 24 -3.90 16.76 -0.30
C PRO A 24 -2.79 17.49 -1.07
N GLU A 25 -2.22 18.51 -0.43
CA GLU A 25 -1.15 19.28 -1.05
C GLU A 25 0.21 18.63 -0.81
N GLU A 26 0.23 17.29 -0.82
CA GLU A 26 1.46 16.54 -0.62
C GLU A 26 2.04 16.08 -1.94
N ASP A 27 3.36 15.85 -1.95
CA ASP A 27 4.04 15.40 -3.17
C ASP A 27 4.46 13.94 -3.04
N CYS A 28 3.91 13.11 -3.93
CA CYS A 28 4.22 11.68 -3.92
C CYS A 28 5.68 11.44 -4.26
N ILE A 29 6.41 10.82 -3.35
CA ILE A 29 7.82 10.52 -3.55
C ILE A 29 8.01 9.33 -4.47
N ILE A 30 7.03 8.41 -4.44
CA ILE A 30 7.09 7.22 -5.28
C ILE A 30 7.24 7.59 -6.75
N CYS A 31 6.54 8.65 -7.16
CA CYS A 31 6.59 9.10 -8.55
C CYS A 31 7.10 10.54 -8.62
N MET A 32 7.28 11.16 -7.46
CA MET A 32 7.78 12.53 -7.40
C MET A 32 6.86 13.47 -8.19
N GLU A 33 5.56 13.24 -8.08
CA GLU A 33 4.58 14.08 -8.79
C GLU A 33 3.50 14.56 -7.83
N LYS A 34 2.73 15.55 -8.28
CA LYS A 34 1.66 16.11 -7.47
C LYS A 34 0.47 15.15 -7.40
N LEU A 35 -0.06 14.98 -6.19
CA LEU A 35 -1.20 14.09 -5.98
C LEU A 35 -2.39 14.52 -6.83
N ALA A 36 -2.51 15.82 -7.07
CA ALA A 36 -3.59 16.37 -7.87
C ALA A 36 -3.57 15.79 -9.29
N VAL A 37 -2.37 15.62 -9.83
CA VAL A 37 -2.22 15.07 -11.17
C VAL A 37 -2.20 13.55 -11.15
N ALA A 38 -2.42 12.94 -12.32
CA ALA A 38 -2.43 11.49 -12.43
C ALA A 38 -1.22 10.88 -11.73
N SER A 39 -1.19 9.55 -11.66
CA SER A 39 -0.10 8.84 -11.01
C SER A 39 1.00 8.51 -12.01
N GLY A 40 2.23 8.36 -11.51
CA GLY A 40 3.34 8.04 -12.38
C GLY A 40 3.26 6.63 -12.94
N TYR A 41 2.84 5.69 -12.11
CA TYR A 41 2.71 4.29 -12.53
C TYR A 41 1.36 4.04 -13.19
N SER A 42 0.66 5.13 -13.52
CA SER A 42 -0.65 5.03 -14.15
C SER A 42 -0.63 3.97 -15.25
N ASP A 43 0.43 3.97 -16.06
CA ASP A 43 0.57 3.02 -17.15
C ASP A 43 1.06 1.67 -16.63
N MET A 44 2.18 1.69 -15.92
CA MET A 44 2.76 0.47 -15.36
C MET A 44 1.68 -0.41 -14.74
N THR A 45 0.78 0.21 -13.99
CA THR A 45 -0.30 -0.52 -13.34
C THR A 45 -1.58 -0.47 -14.17
N ASP A 46 -2.34 -1.56 -14.15
CA ASP A 46 -3.58 -1.64 -14.91
C ASP A 46 -4.72 -2.13 -14.02
N SER A 47 -4.79 -1.60 -12.80
CA SER A 47 -5.83 -1.98 -11.86
C SER A 47 -7.13 -1.23 -12.14
N LYS A 48 -8.25 -1.91 -11.94
CA LYS A 48 -9.56 -1.32 -12.17
C LYS A 48 -10.06 -0.60 -10.91
N ALA A 49 -10.12 -1.32 -9.80
CA ALA A 49 -10.57 -0.76 -8.54
C ALA A 49 -9.79 0.50 -8.19
N LEU A 50 -8.46 0.41 -8.28
CA LEU A 50 -7.60 1.54 -7.96
C LEU A 50 -7.60 2.56 -9.10
N GLY A 51 -7.04 3.74 -8.83
CA GLY A 51 -6.99 4.78 -9.84
C GLY A 51 -5.70 5.58 -9.79
N PRO A 52 -5.21 5.99 -10.96
CA PRO A 52 -3.98 6.78 -11.07
C PRO A 52 -4.14 8.20 -10.52
N MET A 53 -5.39 8.65 -10.42
CA MET A 53 -5.67 9.99 -9.92
C MET A 53 -6.07 9.93 -8.44
N VAL A 54 -6.79 8.88 -8.07
CA VAL A 54 -7.23 8.70 -6.69
C VAL A 54 -6.04 8.57 -5.74
N VAL A 55 -6.20 9.09 -4.53
CA VAL A 55 -5.14 9.03 -3.53
C VAL A 55 -5.72 8.78 -2.14
N GLY A 56 -4.88 8.22 -1.26
CA GLY A 56 -5.32 7.93 0.09
C GLY A 56 -4.21 8.03 1.10
N ARG A 57 -4.52 8.53 2.29
CA ARG A 57 -3.54 8.69 3.35
C ARG A 57 -3.48 7.46 4.23
N LEU A 58 -2.27 6.99 4.51
CA LEU A 58 -2.08 5.81 5.36
C LEU A 58 -2.73 6.00 6.72
N THR A 59 -3.17 4.89 7.31
CA THR A 59 -3.81 4.94 8.63
C THR A 59 -2.83 4.58 9.73
N LYS A 60 -1.54 4.75 9.45
CA LYS A 60 -0.50 4.45 10.43
C LYS A 60 0.41 5.67 10.65
N CYS A 61 0.89 6.25 9.57
CA CYS A 61 1.75 7.42 9.65
C CYS A 61 1.05 8.66 9.11
N SER A 62 -0.11 8.45 8.50
CA SER A 62 -0.89 9.56 7.94
C SER A 62 -0.12 10.24 6.82
N HIS A 63 0.35 9.45 5.86
CA HIS A 63 1.10 9.98 4.73
C HIS A 63 0.37 9.71 3.41
N ALA A 64 -0.04 10.78 2.74
CA ALA A 64 -0.74 10.65 1.48
C ALA A 64 0.12 9.97 0.43
N PHE A 65 -0.51 9.13 -0.40
CA PHE A 65 0.22 8.41 -1.44
C PHE A 65 -0.75 7.87 -2.49
N HIS A 66 -0.37 7.99 -3.76
CA HIS A 66 -1.20 7.52 -4.86
C HIS A 66 -1.60 6.06 -4.65
N LEU A 67 -2.85 5.84 -4.26
CA LEU A 67 -3.36 4.50 -4.03
C LEU A 67 -2.83 3.52 -5.08
N LEU A 68 -2.54 4.04 -6.26
CA LEU A 68 -2.02 3.21 -7.35
C LEU A 68 -0.53 2.94 -7.17
N CYS A 69 0.24 4.01 -6.96
CA CYS A 69 1.69 3.90 -6.76
C CYS A 69 2.00 2.84 -5.70
N LEU A 70 1.47 3.03 -4.50
CA LEU A 70 1.69 2.11 -3.40
C LEU A 70 1.63 0.66 -3.89
N LEU A 71 0.66 0.37 -4.74
CA LEU A 71 0.50 -0.97 -5.28
C LEU A 71 1.70 -1.37 -6.14
N ALA A 72 2.14 -0.45 -7.00
CA ALA A 72 3.28 -0.70 -7.87
C ALA A 72 4.53 -1.01 -7.06
N MET A 73 4.89 -0.09 -6.16
CA MET A 73 6.06 -0.26 -5.32
C MET A 73 5.98 -1.56 -4.51
N TYR A 74 4.81 -1.80 -3.94
CA TYR A 74 4.59 -3.01 -3.14
C TYR A 74 5.08 -4.25 -3.88
N CYS A 75 4.89 -4.25 -5.19
CA CYS A 75 5.31 -5.39 -6.02
C CYS A 75 6.81 -5.62 -5.90
N ASN A 76 7.59 -4.54 -6.06
CA ASN A 76 9.04 -4.63 -5.97
C ASN A 76 9.48 -5.03 -4.57
N GLY A 77 8.77 -4.51 -3.57
CA GLY A 77 9.10 -4.83 -2.18
C GLY A 77 8.73 -6.24 -1.81
N ASN A 78 8.63 -6.50 -0.51
CA ASN A 78 8.29 -7.83 -0.02
C ASN A 78 6.79 -8.07 -0.09
N LYS A 79 6.33 -8.64 -1.20
CA LYS A 79 4.91 -8.92 -1.39
C LYS A 79 4.44 -10.03 -0.46
N ASP A 80 4.40 -9.74 0.84
CA ASP A 80 3.97 -10.71 1.82
C ASP A 80 2.76 -10.19 2.61
N GLY A 81 1.76 -9.71 1.88
CA GLY A 81 0.56 -9.19 2.53
C GLY A 81 0.86 -8.01 3.43
N SER A 82 1.68 -7.09 2.96
CA SER A 82 2.05 -5.91 3.74
C SER A 82 2.39 -4.74 2.82
N LEU A 83 2.61 -3.58 3.43
CA LEU A 83 2.95 -2.37 2.67
C LEU A 83 3.82 -1.43 3.51
N GLN A 84 5.00 -1.11 2.99
CA GLN A 84 5.92 -0.22 3.68
C GLN A 84 5.91 1.18 3.06
N CYS A 85 6.06 2.19 3.89
CA CYS A 85 6.08 3.58 3.42
C CYS A 85 7.47 3.98 2.95
N PRO A 86 7.57 4.34 1.65
CA PRO A 86 8.84 4.75 1.04
C PRO A 86 9.31 6.10 1.56
N SER A 87 8.57 6.67 2.52
CA SER A 87 8.92 7.96 3.09
C SER A 87 9.51 7.79 4.49
N CYS A 88 8.64 7.49 5.46
CA CYS A 88 9.07 7.31 6.84
C CYS A 88 9.63 5.90 7.04
N LYS A 89 9.56 5.08 6.01
CA LYS A 89 10.06 3.72 6.08
C LYS A 89 9.31 2.92 7.14
N THR A 90 7.99 2.99 7.12
CA THR A 90 7.17 2.28 8.07
C THR A 90 6.45 1.09 7.43
N ILE A 91 6.69 -0.10 7.95
CA ILE A 91 6.07 -1.31 7.42
C ILE A 91 4.68 -1.51 8.00
N TYR A 92 3.74 -1.89 7.14
CA TYR A 92 2.36 -2.12 7.56
C TYR A 92 2.02 -3.61 7.53
N GLY A 93 1.83 -4.20 8.70
CA GLY A 93 1.50 -5.61 8.79
C GLY A 93 2.21 -6.30 9.93
N GLU A 94 3.54 -6.34 9.86
CA GLU A 94 4.33 -6.99 10.90
C GLU A 94 5.24 -5.98 11.61
N LYS A 95 5.80 -5.06 10.82
CA LYS A 95 6.67 -4.03 11.37
C LYS A 95 7.50 -4.58 12.54
N THR A 96 8.09 -5.75 12.34
CA THR A 96 8.90 -6.39 13.38
C THR A 96 10.05 -5.48 13.80
N GLY A 97 10.74 -4.92 12.82
CA GLY A 97 11.86 -4.03 13.12
C GLY A 97 12.75 -3.80 11.91
N THR A 98 14.06 -3.75 12.15
CA THR A 98 15.01 -3.52 11.07
C THR A 98 14.75 -4.47 9.89
N GLN A 99 14.82 -5.76 10.16
CA GLN A 99 14.59 -6.77 9.13
C GLN A 99 13.22 -7.41 9.29
N PRO A 100 12.39 -7.30 8.23
CA PRO A 100 11.03 -7.86 8.24
C PRO A 100 11.04 -9.38 8.19
N TRP A 101 12.23 -9.97 8.01
CA TRP A 101 12.36 -11.42 7.95
C TRP A 101 11.40 -12.09 8.92
N GLY A 102 10.48 -12.88 8.38
CA GLY A 102 9.51 -13.57 9.21
C GLY A 102 8.37 -14.16 8.41
N LYS A 103 8.59 -15.35 7.85
CA LYS A 103 7.57 -16.02 7.06
C LYS A 103 6.35 -16.36 7.90
N MET A 104 5.18 -15.95 7.42
CA MET A 104 3.93 -16.22 8.13
C MET A 104 3.48 -17.66 7.91
N GLU A 105 4.05 -18.58 8.67
CA GLU A 105 3.70 -19.99 8.56
C GLU A 105 2.18 -20.17 8.55
N VAL A 106 1.52 -19.73 9.61
CA VAL A 106 0.08 -19.84 9.72
C VAL A 106 -0.59 -19.70 8.36
N PHE A 107 -1.69 -20.43 8.17
CA PHE A 107 -2.43 -20.38 6.90
C PHE A 107 -3.81 -20.98 7.07
N ARG A 108 -4.74 -20.56 6.20
CA ARG A 108 -6.11 -21.05 6.25
C ARG A 108 -6.78 -20.93 4.88
N SER A 109 -7.37 -22.02 4.42
CA SER A 109 -8.03 -22.05 3.12
C SER A 109 -9.47 -22.57 3.26
N GLY A 110 -10.31 -22.19 2.31
CA GLY A 110 -11.70 -22.63 2.34
C GLY A 110 -11.92 -23.94 1.59
N PRO A 111 -13.18 -24.32 1.42
CA PRO A 111 -13.55 -25.56 0.74
C PRO A 111 -13.28 -25.49 -0.77
N SER A 112 -13.22 -26.65 -1.41
CA SER A 112 -12.96 -26.71 -2.85
C SER A 112 -14.10 -27.42 -3.57
N SER A 113 -14.52 -26.87 -4.70
CA SER A 113 -15.60 -27.44 -5.49
C SER A 113 -15.55 -26.95 -6.93
N GLY A 114 -16.41 -27.51 -7.77
CA GLY A 114 -16.45 -27.12 -9.16
C GLY A 114 -17.49 -27.89 -9.96
ZN ZN B . 2.58 8.66 -7.09
ZN ZN C . 4.91 7.36 5.96
#